data_4HIZ
#
_entry.id   4HIZ
#
_cell.length_a   122.858
_cell.length_b   137.584
_cell.length_c   140.778
_cell.angle_alpha   90.00
_cell.angle_beta   94.64
_cell.angle_gamma   90.00
#
_symmetry.space_group_name_H-M   'C 1 2 1'
#
loop_
_entity.id
_entity.type
_entity.pdbx_description
1 polymer Endosialidase
2 branched 'N-acetyl-alpha-neuraminic acid-(2-9)-N-acetyl-beta-neuraminic acid'
3 branched beta-D-fructofuranose-(2-1)-alpha-D-glucopyranose
4 non-polymer 1,2-ETHANEDIOL
5 non-polymer 'MAGNESIUM ION'
6 non-polymer 'CHLORIDE ION'
7 non-polymer 'CALCIUM ION'
8 non-polymer 'SODIUM ION'
9 water water
#
_entity_poly.entity_id   1
_entity_poly.type   'polypeptide(L)'
_entity_poly.pdbx_seq_one_letter_code
;GSAVGDGATDDTNAITQLLAAMPDGWIIDGRNLTFKVTTLPDISKFKNAAFVYERIVGQPLTYVSEGFFDGNLTKITDTP
FYNAWTQDKTFVYDNVIYAPFMAGERHGVQNLHVAWVKSGDDGQTWSMPEWLTPIHPDYTADKVNYHCMSMGVCGNRLYA
VIETRYLSNMRLKKAELWSRPMPYYRRPTGGITISSGSTTATIVLKKHGLKVGDAVNFSNSGATGVSGNMTVASVINKDT
FTVTLARAATSNIDNTGTTWHFGTRFWDSPWEITELPDVAYSTNADLCVTETHSFTVIDDDNYTFAVGYHNGDISPRRLG
ILYFNNAYSDPSSFTRRTISQEYADNAAEPCIKYYDGILYLTTRGTSTSAAGSTLAMSADLGENWNYLRFPNNVHHTNLP
FAKVGDYLYIFGTERSFGEWEGQELDNRYKGTYPRTFMCKINVSSWPVSLSNVQWFNITDQIYQGHIVNSACGVGSVCVK
DGWLYYIFGGEDFLSPWSIGDNSKKLWYKHDGHPADLYSYRLKITEHDFVSRDFKYGATPNRTLPVSMGTDGVRHVSAPV
TFDNDVQMYSLTVTGLEHDGTQQSAVRVKLDGDYGVIAKNIPIKNPSEQRLILCGGETPYTTDGSLLQLYGSNHTYPNRA
ILYAPGGAYTQNNFMPYLDGQVSLGGASNRWSEVYASTGTINT
;
_entity_poly.pdbx_strand_id   A,B,C
#
loop_
_chem_comp.id
_chem_comp.type
_chem_comp.name
_chem_comp.formula
CA non-polymer 'CALCIUM ION' 'Ca 2'
CL non-polymer 'CHLORIDE ION' 'Cl -1'
EDO non-polymer 1,2-ETHANEDIOL 'C2 H6 O2'
FRU D-saccharide, beta linking beta-D-fructofuranose 'C6 H12 O6'
GLC D-saccharide, alpha linking alpha-D-glucopyranose 'C6 H12 O6'
MG non-polymer 'MAGNESIUM ION' 'Mg 2'
NA non-polymer 'SODIUM ION' 'Na 1'
SIA D-saccharide, alpha linking 'N-acetyl-alpha-neuraminic acid' 'C11 H19 N O9'
SLB D-saccharide, beta linking 'N-acetyl-beta-neuraminic acid' 'C11 H19 N O9'
#
# COMPACT_ATOMS: atom_id res chain seq x y z
N TRP A 26 23.42 11.86 -22.02
CA TRP A 26 23.71 11.87 -23.45
C TRP A 26 24.98 12.66 -23.78
N ILE A 27 25.66 12.25 -24.85
CA ILE A 27 26.81 12.96 -25.36
C ILE A 27 26.50 13.52 -26.74
N ILE A 28 25.75 12.76 -27.52
CA ILE A 28 25.49 13.18 -28.88
C ILE A 28 24.03 13.50 -29.01
N ASP A 29 23.74 14.68 -29.57
CA ASP A 29 22.39 15.04 -29.91
C ASP A 29 22.21 14.64 -31.39
N GLY A 30 21.42 13.61 -31.60
CA GLY A 30 21.19 13.13 -32.95
C GLY A 30 20.29 14.04 -33.78
N ARG A 31 19.72 15.08 -33.17
CA ARG A 31 18.85 16.02 -33.91
C ARG A 31 17.72 15.34 -34.73
N ASN A 32 17.21 14.24 -34.18
CA ASN A 32 16.15 13.44 -34.80
C ASN A 32 16.53 12.85 -36.14
N LEU A 33 17.83 12.56 -36.30
CA LEU A 33 18.35 11.92 -37.49
C LEU A 33 18.61 10.44 -37.24
N THR A 34 18.80 9.69 -38.33
CA THR A 34 18.91 8.23 -38.25
C THR A 34 20.25 7.76 -38.86
N PHE A 35 20.96 6.92 -38.11
CA PHE A 35 22.24 6.37 -38.56
C PHE A 35 22.02 4.92 -39.02
N LYS A 36 22.79 4.47 -40.00
CA LYS A 36 22.80 3.07 -40.37
C LYS A 36 24.04 2.45 -39.77
N VAL A 37 23.85 1.44 -38.95
CA VAL A 37 24.98 0.97 -38.15
C VAL A 37 25.22 -0.50 -38.39
N THR A 38 26.48 -0.89 -38.20
CA THR A 38 26.89 -2.26 -38.35
C THR A 38 26.55 -3.10 -37.10
N THR A 39 26.51 -2.43 -35.96
CA THR A 39 26.22 -3.08 -34.70
C THR A 39 25.64 -1.99 -33.84
N LEU A 40 24.81 -2.34 -32.85
CA LEU A 40 24.21 -1.25 -32.05
C LEU A 40 25.26 -0.54 -31.22
N PRO A 41 25.22 0.80 -31.18
CA PRO A 41 26.18 1.56 -30.38
C PRO A 41 25.67 1.66 -28.94
N ASP A 42 26.32 2.49 -28.14
CA ASP A 42 25.87 2.69 -26.78
C ASP A 42 24.67 3.64 -26.83
N ILE A 43 23.48 3.09 -27.01
CA ILE A 43 22.28 3.90 -27.21
C ILE A 43 22.00 4.89 -26.08
N SER A 44 22.34 4.54 -24.84
CA SER A 44 22.03 5.41 -23.71
CA SER A 44 22.10 5.39 -23.69
C SER A 44 22.86 6.70 -23.72
N LYS A 45 23.91 6.75 -24.54
CA LYS A 45 24.75 7.95 -24.68
C LYS A 45 24.28 8.90 -25.81
N PHE A 46 23.12 8.63 -26.38
CA PHE A 46 22.57 9.50 -27.42
C PHE A 46 21.25 10.06 -26.94
N LYS A 47 20.90 11.24 -27.42
CA LYS A 47 19.49 11.61 -27.42
C LYS A 47 19.07 11.98 -28.82
N ASN A 48 17.76 11.91 -29.06
CA ASN A 48 17.18 12.31 -30.33
C ASN A 48 17.82 11.59 -31.53
N ALA A 49 18.09 10.30 -31.39
CA ALA A 49 18.81 9.58 -32.43
C ALA A 49 18.13 8.24 -32.68
N ALA A 50 18.27 7.72 -33.89
CA ALA A 50 17.82 6.36 -34.17
C ALA A 50 18.84 5.62 -35.02
N PHE A 51 18.82 4.29 -34.93
CA PHE A 51 19.86 3.46 -35.54
C PHE A 51 19.20 2.32 -36.31
N VAL A 52 19.45 2.26 -37.60
CA VAL A 52 18.93 1.14 -38.42
C VAL A 52 19.96 0.02 -38.40
N TYR A 53 19.51 -1.16 -38.01
CA TYR A 53 20.44 -2.27 -37.72
C TYR A 53 19.79 -3.58 -38.18
N GLU A 54 20.57 -4.45 -38.82
CA GLU A 54 20.08 -5.78 -39.21
C GLU A 54 20.63 -6.88 -38.29
N ARG A 55 19.96 -7.08 -37.16
CA ARG A 55 20.29 -8.19 -36.27
C ARG A 55 20.26 -9.50 -37.06
N ILE A 56 19.21 -9.62 -37.88
CA ILE A 56 19.08 -10.72 -38.81
C ILE A 56 19.28 -10.14 -40.21
N VAL A 57 20.21 -10.71 -40.97
CA VAL A 57 20.53 -10.12 -42.27
C VAL A 57 19.30 -10.03 -43.17
N GLY A 58 19.09 -8.87 -43.78
CA GLY A 58 17.96 -8.69 -44.68
C GLY A 58 16.71 -8.18 -43.98
N GLN A 59 16.77 -8.06 -42.64
CA GLN A 59 15.61 -7.59 -41.88
C GLN A 59 15.93 -6.38 -40.99
N PRO A 60 16.09 -5.21 -41.63
CA PRO A 60 16.43 -4.01 -40.85
C PRO A 60 15.26 -3.58 -39.94
N LEU A 61 15.64 -3.13 -38.74
CA LEU A 61 14.71 -2.57 -37.78
C LEU A 61 15.43 -1.34 -37.23
N THR A 62 14.65 -0.39 -36.69
CA THR A 62 15.26 0.85 -36.19
C THR A 62 15.17 0.92 -34.70
N TYR A 63 16.27 1.31 -34.05
CA TYR A 63 16.34 1.30 -32.60
C TYR A 63 16.48 2.74 -32.14
N VAL A 64 15.63 3.18 -31.21
CA VAL A 64 15.66 4.61 -30.87
C VAL A 64 16.33 4.90 -29.54
N SER A 65 16.98 6.07 -29.44
CA SER A 65 17.45 6.57 -28.15
C SER A 65 16.34 7.36 -27.47
N GLU A 66 16.56 7.73 -26.22
CA GLU A 66 15.66 8.64 -25.54
C GLU A 66 15.53 9.93 -26.36
N GLY A 67 14.30 10.44 -26.44
CA GLY A 67 14.05 11.73 -27.08
C GLY A 67 13.69 11.63 -28.54
N PHE A 68 13.98 10.48 -29.17
CA PHE A 68 13.70 10.35 -30.60
C PHE A 68 12.19 10.48 -30.80
N PHE A 69 11.43 9.80 -29.95
CA PHE A 69 9.99 10.02 -29.84
C PHE A 69 9.68 10.62 -28.50
N ASP A 70 8.69 11.50 -28.45
CA ASP A 70 8.26 12.02 -27.16
C ASP A 70 7.26 11.04 -26.55
N GLY A 71 7.79 9.93 -26.06
CA GLY A 71 6.96 8.84 -25.54
C GLY A 71 7.70 8.21 -24.37
N ASN A 72 6.96 7.73 -23.39
CA ASN A 72 7.55 7.10 -22.21
C ASN A 72 6.69 5.99 -21.66
N LEU A 73 7.31 5.07 -20.92
CA LEU A 73 6.63 3.86 -20.47
C LEU A 73 6.30 3.99 -18.98
N THR A 74 5.11 3.55 -18.59
CA THR A 74 4.71 3.54 -17.20
C THR A 74 4.19 2.15 -16.86
N LYS A 75 4.53 1.62 -15.69
CA LYS A 75 3.92 0.36 -15.23
C LYS A 75 2.58 0.69 -14.57
N ILE A 76 1.50 -0.02 -14.93
CA ILE A 76 0.16 0.41 -14.48
C ILE A 76 -0.59 -0.62 -13.62
N THR A 77 -0.13 -1.89 -13.59
CA THR A 77 -0.61 -2.79 -12.56
C THR A 77 0.56 -3.37 -11.80
N ASP A 78 0.29 -3.75 -10.56
CA ASP A 78 1.33 -4.42 -9.78
C ASP A 78 0.67 -5.28 -8.75
N THR A 79 0.11 -6.42 -9.20
CA THR A 79 -0.55 -7.34 -8.28
C THR A 79 -0.03 -8.75 -8.58
N PRO A 80 -0.23 -9.68 -7.64
CA PRO A 80 0.40 -11.02 -7.84
C PRO A 80 -0.45 -11.92 -8.73
N PHE A 81 -1.61 -11.43 -9.16
CA PHE A 81 -2.34 -12.20 -10.17
C PHE A 81 -1.60 -12.18 -11.49
N TYR A 82 -1.98 -13.10 -12.36
CA TYR A 82 -1.47 -13.09 -13.74
C TYR A 82 -2.37 -12.07 -14.46
N ASN A 83 -1.86 -10.84 -14.59
CA ASN A 83 -2.64 -9.71 -15.14
C ASN A 83 -2.18 -9.53 -16.56
N ALA A 84 -3.07 -9.78 -17.52
CA ALA A 84 -2.63 -9.77 -18.90
C ALA A 84 -3.81 -9.54 -19.85
N TRP A 85 -3.47 -9.41 -21.12
CA TRP A 85 -4.47 -9.31 -22.22
C TRP A 85 -5.39 -8.08 -22.11
N THR A 86 -4.83 -6.88 -22.27
CA THR A 86 -5.72 -5.75 -22.59
C THR A 86 -6.32 -5.95 -24.00
N GLN A 87 -5.70 -6.77 -24.85
CA GLN A 87 -6.20 -6.94 -26.25
C GLN A 87 -7.69 -7.28 -26.25
N ASP A 88 -8.49 -6.61 -27.10
CA ASP A 88 -8.24 -5.25 -27.60
C ASP A 88 -9.44 -4.45 -27.08
N LYS A 89 -9.32 -3.93 -25.86
CA LYS A 89 -10.46 -3.47 -25.08
C LYS A 89 -10.33 -2.05 -24.56
N THR A 90 -9.18 -1.41 -24.74
CA THR A 90 -9.04 -0.08 -24.12
C THR A 90 -9.96 0.99 -24.72
N PHE A 91 -10.28 2.01 -23.93
CA PHE A 91 -11.08 3.12 -24.42
C PHE A 91 -10.96 4.29 -23.48
N VAL A 92 -11.32 5.47 -23.98
CA VAL A 92 -11.35 6.70 -23.18
C VAL A 92 -12.79 7.21 -23.19
N TYR A 93 -13.30 7.50 -22.01
CA TYR A 93 -14.68 8.02 -21.90
C TYR A 93 -14.73 9.09 -20.81
N ASP A 94 -15.31 10.24 -21.16
CA ASP A 94 -15.45 11.36 -20.21
C ASP A 94 -14.17 11.60 -19.43
N ASN A 95 -13.07 11.78 -20.18
CA ASN A 95 -11.76 12.16 -19.61
C ASN A 95 -11.02 11.08 -18.85
N VAL A 96 -11.60 9.90 -18.74
CA VAL A 96 -10.97 8.81 -17.97
C VAL A 96 -10.47 7.77 -18.94
N ILE A 97 -9.24 7.28 -18.73
CA ILE A 97 -8.70 6.20 -19.58
C ILE A 97 -8.98 4.85 -18.91
N TYR A 98 -9.61 3.94 -19.66
CA TYR A 98 -9.93 2.61 -19.16
C TYR A 98 -9.05 1.56 -19.82
N ALA A 99 -8.44 0.73 -18.98
CA ALA A 99 -7.62 -0.38 -19.47
C ALA A 99 -8.20 -1.71 -18.92
N PRO A 100 -9.15 -2.30 -19.67
CA PRO A 100 -9.69 -3.58 -19.26
C PRO A 100 -8.71 -4.69 -19.62
N PHE A 101 -8.75 -5.77 -18.86
CA PHE A 101 -7.76 -6.87 -19.00
C PHE A 101 -8.36 -8.08 -18.27
N MET A 102 -7.62 -9.17 -18.15
CA MET A 102 -8.10 -10.29 -17.36
C MET A 102 -7.06 -10.59 -16.26
N ALA A 103 -7.57 -10.77 -15.04
CA ALA A 103 -6.76 -11.06 -13.86
C ALA A 103 -7.01 -12.52 -13.49
N GLY A 104 -6.00 -13.35 -13.67
CA GLY A 104 -6.19 -14.78 -13.40
C GLY A 104 -4.89 -15.39 -12.88
N GLU A 105 -4.56 -16.58 -13.35
CA GLU A 105 -3.38 -17.26 -12.84
C GLU A 105 -2.53 -17.91 -13.95
N ARG A 106 -3.09 -18.01 -15.16
CA ARG A 106 -2.43 -18.73 -16.25
C ARG A 106 -3.10 -18.39 -17.58
N HIS A 107 -2.57 -18.94 -18.66
CA HIS A 107 -3.19 -18.82 -19.97
C HIS A 107 -4.38 -19.76 -20.02
N GLY A 108 -5.45 -19.36 -19.37
CA GLY A 108 -6.65 -20.15 -19.25
C GLY A 108 -7.59 -19.36 -18.37
N VAL A 109 -8.82 -19.86 -18.17
CA VAL A 109 -9.78 -19.05 -17.40
C VAL A 109 -9.92 -19.48 -15.93
N GLN A 110 -9.02 -20.35 -15.46
CA GLN A 110 -9.02 -20.71 -14.04
C GLN A 110 -8.97 -19.44 -13.17
N ASN A 111 -9.89 -19.36 -12.20
CA ASN A 111 -9.90 -18.26 -11.19
C ASN A 111 -9.90 -16.85 -11.77
N LEU A 112 -10.30 -16.71 -13.01
CA LEU A 112 -10.08 -15.45 -13.74
C LEU A 112 -11.28 -14.48 -13.63
N HIS A 113 -10.98 -13.17 -13.47
CA HIS A 113 -11.98 -12.11 -13.64
C HIS A 113 -11.66 -11.23 -14.84
N VAL A 114 -12.68 -10.81 -15.60
CA VAL A 114 -12.50 -9.67 -16.50
C VAL A 114 -12.48 -8.44 -15.60
N ALA A 115 -11.53 -7.53 -15.82
CA ALA A 115 -11.33 -6.44 -14.85
C ALA A 115 -10.92 -5.19 -15.59
N TRP A 116 -10.80 -4.07 -14.89
CA TRP A 116 -10.08 -2.95 -15.50
C TRP A 116 -9.32 -2.19 -14.44
N VAL A 117 -8.33 -1.44 -14.91
CA VAL A 117 -7.80 -0.31 -14.12
C VAL A 117 -8.02 0.96 -14.93
N LYS A 118 -8.00 2.11 -14.26
CA LYS A 118 -8.38 3.37 -14.90
C LYS A 118 -7.40 4.44 -14.51
N SER A 119 -7.25 5.45 -15.37
CA SER A 119 -6.45 6.63 -15.01
C SER A 119 -7.28 7.88 -15.13
N GLY A 120 -7.31 8.65 -14.06
CA GLY A 120 -7.91 9.98 -14.06
C GLY A 120 -6.94 11.13 -14.22
N ASP A 121 -5.69 10.85 -14.58
CA ASP A 121 -4.69 11.91 -14.75
C ASP A 121 -3.84 11.74 -16.02
N ASP A 122 -4.51 11.40 -17.13
CA ASP A 122 -3.83 11.31 -18.41
C ASP A 122 -2.80 10.18 -18.44
N GLY A 123 -2.97 9.18 -17.59
CA GLY A 123 -2.16 7.97 -17.65
C GLY A 123 -0.95 8.03 -16.75
N GLN A 124 -0.89 9.01 -15.83
CA GLN A 124 0.24 9.04 -14.91
C GLN A 124 0.08 8.01 -13.81
N THR A 125 -1.13 7.90 -13.24
CA THR A 125 -1.38 6.94 -12.16
C THR A 125 -2.68 6.20 -12.42
N TRP A 126 -2.74 4.98 -11.89
CA TRP A 126 -3.77 4.01 -12.27
C TRP A 126 -4.35 3.37 -11.03
N SER A 127 -5.68 3.19 -11.06
CA SER A 127 -6.46 2.70 -9.94
C SER A 127 -6.24 1.22 -9.65
N MET A 128 -6.82 0.76 -8.54
CA MET A 128 -6.77 -0.66 -8.20
C MET A 128 -7.63 -1.41 -9.23
N PRO A 129 -7.33 -2.70 -9.45
CA PRO A 129 -8.21 -3.43 -10.36
C PRO A 129 -9.64 -3.52 -9.83
N GLU A 130 -10.61 -3.38 -10.74
CA GLU A 130 -12.01 -3.63 -10.42
C GLU A 130 -12.46 -4.81 -11.24
N TRP A 131 -13.04 -5.79 -10.57
CA TRP A 131 -13.61 -6.95 -11.27
C TRP A 131 -14.94 -6.55 -11.89
N LEU A 132 -15.07 -6.84 -13.18
CA LEU A 132 -16.29 -6.51 -13.93
C LEU A 132 -17.16 -7.74 -14.06
N THR A 133 -16.56 -8.93 -14.22
CA THR A 133 -17.35 -10.15 -14.17
C THR A 133 -17.06 -10.84 -12.84
N PRO A 134 -18.07 -11.50 -12.26
CA PRO A 134 -17.78 -12.35 -11.09
C PRO A 134 -17.21 -13.66 -11.61
N ILE A 135 -16.74 -14.52 -10.71
CA ILE A 135 -16.45 -15.89 -11.14
C ILE A 135 -17.78 -16.46 -11.68
N HIS A 136 -17.73 -17.24 -12.78
CA HIS A 136 -18.95 -17.73 -13.40
C HIS A 136 -19.78 -18.51 -12.38
N PRO A 137 -21.09 -18.29 -12.36
CA PRO A 137 -21.92 -18.93 -11.34
C PRO A 137 -21.91 -20.45 -11.47
N ASP A 138 -21.65 -20.95 -12.67
CA ASP A 138 -21.55 -22.39 -12.88
C ASP A 138 -20.10 -22.90 -12.99
N TYR A 139 -19.15 -22.18 -12.39
CA TYR A 139 -17.74 -22.53 -12.48
C TYR A 139 -17.47 -23.97 -12.04
N THR A 140 -18.05 -24.35 -10.90
CA THR A 140 -17.85 -25.71 -10.41
C THR A 140 -18.72 -26.76 -11.12
N ALA A 141 -20.02 -26.47 -11.26
CA ALA A 141 -20.94 -27.45 -11.88
C ALA A 141 -20.64 -27.74 -13.35
N ASP A 142 -20.32 -26.70 -14.11
CA ASP A 142 -20.14 -26.81 -15.54
C ASP A 142 -18.69 -26.66 -16.01
N LYS A 143 -17.81 -26.27 -15.09
CA LYS A 143 -16.38 -26.22 -15.39
C LYS A 143 -16.09 -25.22 -16.50
N VAL A 144 -16.67 -24.03 -16.37
CA VAL A 144 -16.49 -22.96 -17.33
C VAL A 144 -16.24 -21.65 -16.58
N ASN A 145 -15.69 -20.67 -17.29
CA ASN A 145 -15.56 -19.33 -16.68
C ASN A 145 -15.52 -18.26 -17.77
N TYR A 146 -15.60 -16.99 -17.36
CA TYR A 146 -15.69 -15.90 -18.33
C TYR A 146 -14.34 -15.51 -18.95
N HIS A 147 -14.39 -14.71 -20.03
CA HIS A 147 -13.20 -14.31 -20.78
C HIS A 147 -13.66 -13.17 -21.70
N CYS A 148 -12.78 -12.22 -22.01
CA CYS A 148 -13.18 -11.14 -22.88
C CYS A 148 -11.99 -10.53 -23.57
N MET A 149 -12.09 -10.35 -24.89
CA MET A 149 -11.13 -9.55 -25.65
C MET A 149 -11.79 -8.48 -26.52
N SER A 150 -13.10 -8.27 -26.36
CA SER A 150 -13.79 -7.24 -27.15
C SER A 150 -14.65 -6.44 -26.18
N MET A 151 -14.36 -5.13 -26.08
CA MET A 151 -15.12 -4.23 -25.22
C MET A 151 -14.94 -2.80 -25.70
N GLY A 152 -15.96 -1.98 -25.50
CA GLY A 152 -15.85 -0.57 -25.82
C GLY A 152 -17.15 0.15 -25.53
N VAL A 153 -17.24 1.38 -26.02
CA VAL A 153 -18.40 2.25 -25.70
C VAL A 153 -19.10 2.59 -27.00
N CYS A 154 -20.43 2.49 -27.00
CA CYS A 154 -21.21 2.93 -28.15
C CYS A 154 -22.45 3.60 -27.61
N GLY A 155 -22.74 4.81 -28.08
CA GLY A 155 -23.97 5.47 -27.70
C GLY A 155 -24.18 5.59 -26.19
N ASN A 156 -23.12 6.01 -25.49
CA ASN A 156 -23.16 6.12 -24.01
C ASN A 156 -23.49 4.84 -23.24
N ARG A 157 -23.25 3.69 -23.87
CA ARG A 157 -23.31 2.42 -23.13
C ARG A 157 -21.98 1.68 -23.26
N LEU A 158 -21.62 0.93 -22.22
CA LEU A 158 -20.54 -0.03 -22.31
C LEU A 158 -21.03 -1.30 -23.00
N TYR A 159 -20.28 -1.79 -23.97
CA TYR A 159 -20.58 -3.07 -24.61
C TYR A 159 -19.39 -3.99 -24.45
N ALA A 160 -19.64 -5.26 -24.19
CA ALA A 160 -18.56 -6.22 -24.11
C ALA A 160 -19.05 -7.57 -24.62
N VAL A 161 -18.20 -8.31 -25.33
CA VAL A 161 -18.57 -9.67 -25.65
C VAL A 161 -17.94 -10.52 -24.55
N ILE A 162 -18.78 -10.97 -23.62
CA ILE A 162 -18.33 -11.77 -22.51
C ILE A 162 -18.50 -13.22 -22.89
N GLU A 163 -17.38 -13.89 -23.01
CA GLU A 163 -17.34 -15.28 -23.46
C GLU A 163 -17.38 -16.23 -22.28
N THR A 164 -17.98 -17.40 -22.49
CA THR A 164 -17.92 -18.48 -21.50
C THR A 164 -17.05 -19.58 -22.10
N ARG A 165 -15.95 -19.92 -21.44
CA ARG A 165 -14.99 -20.89 -22.02
C ARG A 165 -14.76 -22.04 -21.05
N TYR A 166 -14.43 -23.20 -21.58
CA TYR A 166 -14.17 -24.36 -20.74
C TYR A 166 -12.84 -24.27 -20.03
N LEU A 167 -12.84 -24.62 -18.76
CA LEU A 167 -11.57 -24.70 -18.01
C LEU A 167 -10.62 -25.73 -18.60
N SER A 168 -11.16 -26.82 -19.16
CA SER A 168 -10.29 -27.94 -19.54
C SER A 168 -9.47 -27.62 -20.78
N ASN A 169 -10.08 -26.97 -21.77
CA ASN A 169 -9.41 -26.82 -23.05
C ASN A 169 -9.57 -25.46 -23.69
N MET A 170 -10.12 -24.51 -22.93
CA MET A 170 -10.28 -23.15 -23.39
C MET A 170 -11.22 -22.96 -24.57
N ARG A 171 -11.95 -24.01 -24.96
CA ARG A 171 -12.88 -23.80 -26.06
C ARG A 171 -14.03 -22.88 -25.69
N LEU A 172 -14.54 -22.18 -26.68
CA LEU A 172 -15.61 -21.23 -26.45
C LEU A 172 -16.96 -21.98 -26.37
N LYS A 173 -17.59 -22.01 -25.20
CA LYS A 173 -18.89 -22.66 -25.04
C LYS A 173 -20.02 -21.78 -25.60
N LYS A 174 -20.06 -20.50 -25.22
CA LYS A 174 -21.02 -19.58 -25.80
C LYS A 174 -20.49 -18.18 -25.57
N ALA A 175 -21.11 -17.19 -26.20
CA ALA A 175 -20.69 -15.82 -26.00
C ALA A 175 -21.93 -14.95 -25.85
N GLU A 176 -21.80 -13.91 -25.03
CA GLU A 176 -22.93 -13.03 -24.74
C GLU A 176 -22.52 -11.62 -24.95
N LEU A 177 -23.43 -10.81 -25.50
CA LEU A 177 -23.21 -9.37 -25.55
C LEU A 177 -23.72 -8.81 -24.22
N TRP A 178 -22.83 -8.19 -23.42
CA TRP A 178 -23.25 -7.56 -22.16
C TRP A 178 -23.23 -6.07 -22.35
N SER A 179 -24.24 -5.37 -21.82
CA SER A 179 -24.17 -3.91 -21.85
CA SER A 179 -24.24 -3.91 -21.91
C SER A 179 -24.78 -3.25 -20.65
N ARG A 180 -24.26 -2.06 -20.35
CA ARG A 180 -24.79 -1.20 -19.27
C ARG A 180 -24.69 0.22 -19.76
N PRO A 181 -25.50 1.12 -19.19
CA PRO A 181 -25.26 2.53 -19.50
C PRO A 181 -23.90 2.94 -18.90
N MET A 182 -23.14 3.77 -19.59
CA MET A 182 -21.87 4.22 -19.01
C MET A 182 -22.13 5.06 -17.77
N PRO A 183 -21.15 5.14 -16.86
CA PRO A 183 -21.26 6.12 -15.78
C PRO A 183 -21.09 7.51 -16.39
N TYR A 184 -22.07 8.38 -16.24
CA TYR A 184 -21.95 9.71 -16.83
C TYR A 184 -22.78 10.71 -16.08
N TYR A 185 -22.46 11.98 -16.30
CA TYR A 185 -23.13 13.10 -15.62
C TYR A 185 -23.59 14.09 -16.70
N ARG A 186 -24.76 14.69 -16.50
CA ARG A 186 -25.23 15.76 -17.39
C ARG A 186 -25.79 16.88 -16.54
N ARG A 187 -25.70 18.10 -17.05
CA ARG A 187 -26.32 19.26 -16.41
CA ARG A 187 -26.35 19.26 -16.39
C ARG A 187 -27.27 19.94 -17.41
N PRO A 188 -28.49 19.40 -17.56
CA PRO A 188 -29.40 19.88 -18.59
C PRO A 188 -30.22 21.06 -18.11
N THR A 189 -30.89 21.73 -19.04
CA THR A 189 -31.89 22.73 -18.68
C THR A 189 -33.25 22.33 -19.25
N GLY A 190 -34.27 22.32 -18.40
CA GLY A 190 -35.61 21.94 -18.83
C GLY A 190 -35.72 20.48 -19.22
N GLY A 191 -36.79 20.16 -19.93
CA GLY A 191 -36.98 18.82 -20.43
C GLY A 191 -37.73 17.83 -19.56
N ILE A 192 -38.17 18.24 -18.37
CA ILE A 192 -38.93 17.32 -17.52
C ILE A 192 -40.38 17.76 -17.42
N THR A 193 -41.30 16.89 -17.86
CA THR A 193 -42.74 17.25 -17.82
C THR A 193 -43.55 16.14 -17.17
N ILE A 194 -44.54 16.55 -16.39
CA ILE A 194 -45.49 15.62 -15.76
C ILE A 194 -46.90 16.20 -15.87
N SER A 195 -47.86 15.41 -16.32
CA SER A 195 -49.25 15.88 -16.29
C SER A 195 -49.86 15.67 -14.93
N SER A 196 -50.69 16.63 -14.50
CA SER A 196 -51.40 16.49 -13.24
C SER A 196 -52.15 15.17 -13.23
N GLY A 197 -52.10 14.45 -12.11
CA GLY A 197 -52.82 13.19 -12.01
C GLY A 197 -52.01 11.98 -12.47
N SER A 198 -50.89 12.23 -13.15
CA SER A 198 -50.07 11.14 -13.69
C SER A 198 -48.94 10.73 -12.75
N THR A 199 -48.56 9.46 -12.81
CA THR A 199 -47.33 9.03 -12.13
C THR A 199 -46.18 8.85 -13.12
N THR A 200 -46.33 9.34 -14.34
CA THR A 200 -45.25 9.21 -15.33
C THR A 200 -44.59 10.56 -15.53
N ALA A 201 -43.28 10.64 -15.33
CA ALA A 201 -42.55 11.86 -15.66
C ALA A 201 -41.78 11.59 -16.95
N THR A 202 -41.90 12.48 -17.93
CA THR A 202 -41.16 12.33 -19.18
C THR A 202 -39.91 13.17 -19.12
N ILE A 203 -38.77 12.55 -19.43
CA ILE A 203 -37.48 13.21 -19.34
C ILE A 203 -36.82 13.27 -20.70
N VAL A 204 -36.53 14.49 -21.15
CA VAL A 204 -35.76 14.68 -22.37
C VAL A 204 -34.28 14.79 -22.00
N LEU A 205 -33.49 13.91 -22.57
CA LEU A 205 -32.06 13.93 -22.33
C LEU A 205 -31.42 13.33 -23.59
N LYS A 206 -30.69 14.16 -24.35
CA LYS A 206 -30.26 13.74 -25.68
CA LYS A 206 -30.20 13.78 -25.68
C LYS A 206 -29.30 12.55 -25.64
N LYS A 207 -29.57 11.58 -26.50
CA LYS A 207 -28.72 10.39 -26.67
CA LYS A 207 -28.67 10.45 -26.66
C LYS A 207 -28.39 9.73 -25.33
N HIS A 208 -29.43 9.49 -24.54
CA HIS A 208 -29.23 9.01 -23.16
C HIS A 208 -28.66 7.59 -23.07
N GLY A 209 -28.94 6.76 -24.07
CA GLY A 209 -28.42 5.39 -24.08
C GLY A 209 -29.02 4.49 -23.03
N LEU A 210 -30.09 4.92 -22.38
CA LEU A 210 -30.69 4.12 -21.30
C LEU A 210 -31.68 3.06 -21.82
N LYS A 211 -31.85 2.01 -21.04
CA LYS A 211 -32.84 0.98 -21.28
C LYS A 211 -33.73 0.87 -20.07
N VAL A 212 -34.92 0.29 -20.26
CA VAL A 212 -35.80 0.03 -19.14
C VAL A 212 -35.06 -0.75 -18.03
N GLY A 213 -35.22 -0.29 -16.80
CA GLY A 213 -34.60 -0.93 -15.65
C GLY A 213 -33.27 -0.29 -15.28
N ASP A 214 -32.71 0.54 -16.17
CA ASP A 214 -31.42 1.19 -15.83
C ASP A 214 -31.60 2.16 -14.66
N ALA A 215 -30.55 2.29 -13.86
CA ALA A 215 -30.57 3.05 -12.61
C ALA A 215 -30.01 4.43 -12.84
N VAL A 216 -30.72 5.46 -12.35
CA VAL A 216 -30.33 6.85 -12.59
C VAL A 216 -30.48 7.67 -11.31
N ASN A 217 -30.04 8.92 -11.34
CA ASN A 217 -30.16 9.77 -10.17
C ASN A 217 -30.38 11.21 -10.61
N PHE A 218 -31.28 11.90 -9.92
CA PHE A 218 -31.61 13.29 -10.23
C PHE A 218 -31.33 14.21 -9.06
N SER A 219 -30.93 15.45 -9.35
CA SER A 219 -30.82 16.45 -8.28
C SER A 219 -31.26 17.81 -8.83
N ASN A 220 -31.96 18.56 -7.98
CA ASN A 220 -32.37 19.92 -8.35
C ASN A 220 -33.24 19.99 -9.61
N SER A 221 -34.08 18.96 -9.84
CA SER A 221 -34.85 18.92 -11.06
C SER A 221 -35.88 20.04 -11.23
N GLY A 222 -36.34 20.63 -10.14
CA GLY A 222 -37.46 21.58 -10.22
C GLY A 222 -38.77 20.88 -10.56
N ALA A 223 -38.82 19.56 -10.48
CA ALA A 223 -40.03 18.80 -10.80
C ALA A 223 -40.35 17.86 -9.64
N THR A 224 -41.39 18.18 -8.89
CA THR A 224 -41.78 17.41 -7.71
C THR A 224 -41.87 15.93 -8.03
N GLY A 225 -41.17 15.12 -7.22
CA GLY A 225 -41.22 13.68 -7.40
C GLY A 225 -40.09 13.11 -8.26
N VAL A 226 -39.40 13.97 -8.99
CA VAL A 226 -38.27 13.53 -9.82
C VAL A 226 -37.01 13.92 -9.06
N SER A 227 -36.48 12.99 -8.29
CA SER A 227 -35.50 13.35 -7.26
C SER A 227 -34.81 12.10 -6.77
N GLY A 228 -33.48 12.17 -6.59
CA GLY A 228 -32.79 11.05 -6.01
C GLY A 228 -32.66 9.89 -6.96
N ASN A 229 -32.49 8.71 -6.39
CA ASN A 229 -32.31 7.49 -7.17
C ASN A 229 -33.63 7.02 -7.75
N MET A 230 -33.64 6.80 -9.05
CA MET A 230 -34.86 6.31 -9.73
C MET A 230 -34.46 5.27 -10.77
N THR A 231 -35.46 4.67 -11.42
CA THR A 231 -35.23 3.61 -12.42
C THR A 231 -35.94 4.01 -13.70
N VAL A 232 -35.36 3.69 -14.85
CA VAL A 232 -36.01 3.98 -16.11
C VAL A 232 -37.23 3.08 -16.30
N ALA A 233 -38.38 3.71 -16.50
CA ALA A 233 -39.66 2.98 -16.67
C ALA A 233 -39.99 2.67 -18.14
N SER A 234 -39.65 3.57 -19.03
CA SER A 234 -39.86 3.30 -20.47
C SER A 234 -38.90 4.16 -21.24
N VAL A 235 -38.65 3.78 -22.50
CA VAL A 235 -37.88 4.57 -23.42
C VAL A 235 -38.77 4.95 -24.59
N ILE A 236 -38.87 6.24 -24.84
CA ILE A 236 -39.74 6.73 -25.89
C ILE A 236 -39.01 6.90 -27.21
N ASN A 237 -37.79 7.46 -27.16
CA ASN A 237 -37.00 7.60 -28.38
C ASN A 237 -35.55 7.83 -27.98
N LYS A 238 -34.67 8.11 -28.95
CA LYS A 238 -33.24 8.31 -28.64
C LYS A 238 -33.00 9.39 -27.60
N ASP A 239 -33.93 10.35 -27.48
CA ASP A 239 -33.69 11.50 -26.61
C ASP A 239 -34.66 11.62 -25.45
N THR A 240 -35.49 10.60 -25.23
CA THR A 240 -36.58 10.74 -24.26
C THR A 240 -36.85 9.42 -23.53
N PHE A 241 -37.02 9.49 -22.22
CA PHE A 241 -37.41 8.31 -21.46
C PHE A 241 -38.38 8.71 -20.38
N THR A 242 -38.88 7.74 -19.62
CA THR A 242 -39.73 8.11 -18.49
C THR A 242 -39.26 7.43 -17.21
N VAL A 243 -39.73 7.97 -16.09
CA VAL A 243 -39.56 7.38 -14.77
C VAL A 243 -40.93 7.40 -14.10
N THR A 244 -41.13 6.50 -13.16
CA THR A 244 -42.40 6.46 -12.43
C THR A 244 -42.30 7.10 -11.04
N LEU A 245 -43.25 8.00 -10.75
CA LEU A 245 -43.31 8.73 -9.48
C LEU A 245 -43.93 7.89 -8.40
N ALA A 246 -43.53 8.14 -7.16
CA ALA A 246 -44.07 7.42 -6.01
C ALA A 246 -45.54 7.78 -5.78
N ARG A 247 -45.93 8.99 -6.16
CA ARG A 247 -47.34 9.34 -6.13
C ARG A 247 -47.70 10.30 -7.25
N ALA A 248 -48.98 10.33 -7.62
CA ALA A 248 -49.44 11.13 -8.76
C ALA A 248 -49.15 12.62 -8.56
N ALA A 249 -48.74 13.28 -9.62
CA ALA A 249 -48.56 14.73 -9.57
C ALA A 249 -49.87 15.44 -9.26
N THR A 250 -49.77 16.57 -8.58
CA THR A 250 -50.97 17.31 -8.22
C THR A 250 -51.12 18.62 -9.00
N SER A 251 -50.22 18.81 -9.96
CA SER A 251 -50.29 19.93 -10.89
C SER A 251 -49.58 19.54 -12.17
N ASN A 252 -49.76 20.35 -13.21
CA ASN A 252 -48.99 20.18 -14.44
C ASN A 252 -47.61 20.75 -14.22
N ILE A 253 -46.58 19.91 -14.40
CA ILE A 253 -45.22 20.31 -14.08
C ILE A 253 -44.42 20.36 -15.37
N ASP A 254 -43.65 21.42 -15.55
CA ASP A 254 -42.73 21.54 -16.68
C ASP A 254 -41.56 22.37 -16.19
N ASN A 255 -40.38 21.78 -16.12
CA ASN A 255 -39.27 22.50 -15.52
C ASN A 255 -38.47 23.34 -16.51
N THR A 256 -39.11 23.74 -17.60
CA THR A 256 -38.47 24.61 -18.58
C THR A 256 -37.74 25.79 -17.86
N GLY A 257 -36.50 26.07 -18.25
CA GLY A 257 -35.73 27.14 -17.64
C GLY A 257 -34.92 26.75 -16.40
N THR A 258 -35.20 25.58 -15.84
CA THR A 258 -34.47 25.11 -14.67
C THR A 258 -33.27 24.29 -15.11
N THR A 259 -32.09 24.62 -14.55
CA THR A 259 -30.89 23.84 -14.80
C THR A 259 -30.75 22.80 -13.68
N TRP A 260 -30.57 21.53 -14.05
CA TRP A 260 -30.60 20.46 -13.05
C TRP A 260 -29.45 19.49 -13.28
N HIS A 261 -29.45 18.39 -12.53
CA HIS A 261 -28.31 17.47 -12.54
C HIS A 261 -28.79 16.05 -12.73
N PHE A 262 -28.10 15.30 -13.58
CA PHE A 262 -28.43 13.92 -13.85
C PHE A 262 -27.19 13.06 -13.81
N GLY A 263 -27.30 11.87 -13.21
CA GLY A 263 -26.20 10.90 -13.30
C GLY A 263 -26.77 9.51 -13.53
N THR A 264 -26.08 8.70 -14.33
CA THR A 264 -26.42 7.30 -14.34
C THR A 264 -25.84 6.65 -13.08
N ARG A 265 -26.32 5.45 -12.79
CA ARG A 265 -25.77 4.60 -11.74
C ARG A 265 -25.34 3.29 -12.38
N PHE A 266 -24.15 3.31 -12.98
CA PHE A 266 -23.62 2.17 -13.72
C PHE A 266 -23.64 0.89 -12.87
N TRP A 267 -23.17 1.00 -11.63
CA TRP A 267 -23.01 -0.15 -10.77
C TRP A 267 -24.30 -0.69 -10.20
N ASP A 268 -25.39 0.10 -10.29
CA ASP A 268 -26.72 -0.35 -9.87
C ASP A 268 -27.59 -0.79 -11.04
N SER A 269 -27.09 -0.67 -12.27
CA SER A 269 -27.93 -1.03 -13.42
C SER A 269 -27.71 -2.50 -13.80
N PRO A 270 -28.78 -3.27 -13.95
CA PRO A 270 -28.55 -4.66 -14.40
C PRO A 270 -27.85 -4.71 -15.75
N TRP A 271 -26.99 -5.71 -15.94
CA TRP A 271 -26.41 -5.91 -17.27
C TRP A 271 -27.53 -6.41 -18.20
N GLU A 272 -27.58 -5.85 -19.39
CA GLU A 272 -28.35 -6.51 -20.46
C GLU A 272 -27.45 -7.59 -21.01
N ILE A 273 -27.93 -8.83 -21.05
CA ILE A 273 -27.08 -9.98 -21.43
C ILE A 273 -27.82 -10.75 -22.53
N THR A 274 -27.21 -10.81 -23.70
CA THR A 274 -27.85 -11.39 -24.88
C THR A 274 -26.96 -12.46 -25.47
N GLU A 275 -27.48 -13.67 -25.63
CA GLU A 275 -26.68 -14.74 -26.24
C GLU A 275 -26.47 -14.43 -27.73
N LEU A 276 -25.25 -14.67 -28.21
CA LEU A 276 -24.93 -14.46 -29.63
C LEU A 276 -25.00 -15.81 -30.34
N PRO A 277 -26.04 -16.03 -31.17
CA PRO A 277 -26.17 -17.37 -31.75
C PRO A 277 -24.98 -17.79 -32.58
N ASP A 278 -24.55 -19.04 -32.34
CA ASP A 278 -23.46 -19.69 -33.09
C ASP A 278 -22.07 -19.09 -32.86
N VAL A 279 -21.92 -18.22 -31.87
CA VAL A 279 -20.58 -17.73 -31.54
C VAL A 279 -20.01 -18.67 -30.49
N ALA A 280 -19.32 -19.70 -30.95
CA ALA A 280 -18.93 -20.82 -30.08
C ALA A 280 -17.98 -21.72 -30.87
N TYR A 281 -17.23 -22.55 -30.17
CA TYR A 281 -16.47 -23.60 -30.83
C TYR A 281 -17.44 -24.47 -31.65
N SER A 282 -16.95 -24.90 -32.82
CA SER A 282 -17.71 -25.84 -33.66
C SER A 282 -16.70 -26.55 -34.55
N THR A 283 -16.97 -27.80 -34.93
CA THR A 283 -16.13 -28.44 -35.93
C THR A 283 -16.50 -28.01 -37.36
N ASN A 284 -17.57 -27.23 -37.48
CA ASN A 284 -17.94 -26.58 -38.73
C ASN A 284 -17.12 -25.31 -38.90
N ALA A 285 -16.21 -25.29 -39.87
CA ALA A 285 -15.31 -24.14 -40.05
C ALA A 285 -16.06 -22.82 -40.29
N ASP A 286 -17.29 -22.91 -40.80
CA ASP A 286 -18.05 -21.72 -41.09
C ASP A 286 -18.82 -21.18 -39.90
N LEU A 287 -18.89 -21.96 -38.81
CA LEU A 287 -19.52 -21.47 -37.60
C LEU A 287 -18.51 -21.23 -36.50
N CYS A 288 -17.44 -22.02 -36.49
CA CYS A 288 -16.47 -21.99 -35.36
C CYS A 288 -15.98 -20.57 -35.06
N VAL A 289 -16.02 -20.19 -33.78
CA VAL A 289 -15.31 -18.97 -33.35
C VAL A 289 -14.29 -19.35 -32.30
N THR A 290 -13.06 -18.97 -32.54
CA THR A 290 -11.99 -19.25 -31.58
C THR A 290 -11.98 -18.12 -30.56
N GLU A 291 -11.99 -16.89 -31.05
CA GLU A 291 -11.98 -15.71 -30.18
C GLU A 291 -12.73 -14.59 -30.82
N THR A 292 -13.49 -13.84 -30.01
CA THR A 292 -13.92 -12.49 -30.37
C THR A 292 -12.90 -11.49 -29.79
N HIS A 293 -12.64 -10.42 -30.52
CA HIS A 293 -11.43 -9.62 -30.25
C HIS A 293 -11.55 -8.30 -30.95
N SER A 294 -11.41 -7.20 -30.19
CA SER A 294 -11.46 -5.83 -30.73
C SER A 294 -12.90 -5.36 -30.96
N PHE A 295 -13.07 -4.06 -30.99
CA PHE A 295 -14.40 -3.45 -31.00
C PHE A 295 -14.24 -2.10 -31.66
N THR A 296 -15.16 -1.73 -32.56
CA THR A 296 -15.14 -0.34 -33.03
C THR A 296 -16.55 0.11 -33.42
N VAL A 297 -16.84 1.38 -33.13
CA VAL A 297 -18.15 1.96 -33.46
C VAL A 297 -18.19 2.50 -34.87
N ILE A 298 -19.24 2.17 -35.61
CA ILE A 298 -19.44 2.71 -36.95
C ILE A 298 -20.41 3.89 -36.86
N ASP A 299 -21.48 3.78 -36.05
CA ASP A 299 -22.43 4.87 -35.88
C ASP A 299 -22.92 4.88 -34.42
N ASP A 300 -22.51 5.87 -33.64
CA ASP A 300 -22.87 5.89 -32.21
C ASP A 300 -24.39 6.01 -31.98
N ASP A 301 -25.01 6.93 -32.70
CA ASP A 301 -26.43 7.20 -32.48
C ASP A 301 -27.34 6.00 -32.85
N ASN A 302 -26.88 5.21 -33.81
CA ASN A 302 -27.69 4.08 -34.27
C ASN A 302 -27.18 2.74 -33.80
N TYR A 303 -26.16 2.78 -32.93
CA TYR A 303 -25.63 1.59 -32.28
C TYR A 303 -25.17 0.59 -33.32
N THR A 304 -24.47 1.10 -34.31
CA THR A 304 -23.83 0.22 -35.31
C THR A 304 -22.38 0.04 -34.94
N PHE A 305 -21.95 -1.21 -34.73
CA PHE A 305 -20.56 -1.46 -34.37
C PHE A 305 -20.10 -2.82 -34.89
N ALA A 306 -18.79 -3.06 -34.81
CA ALA A 306 -18.25 -4.30 -35.29
C ALA A 306 -17.34 -4.90 -34.20
N VAL A 307 -17.30 -6.23 -34.14
CA VAL A 307 -16.43 -6.95 -33.20
C VAL A 307 -15.55 -7.87 -34.05
N GLY A 308 -14.24 -7.93 -33.77
CA GLY A 308 -13.40 -8.81 -34.57
C GLY A 308 -13.57 -10.26 -34.15
N TYR A 309 -13.27 -11.18 -35.06
CA TYR A 309 -13.27 -12.60 -34.65
C TYR A 309 -12.42 -13.43 -35.60
N HIS A 310 -12.04 -14.60 -35.14
CA HIS A 310 -11.46 -15.56 -36.07
C HIS A 310 -11.77 -16.98 -35.63
N ASN A 311 -11.66 -17.89 -36.60
CA ASN A 311 -11.63 -19.31 -36.35
C ASN A 311 -10.20 -19.74 -36.67
N GLY A 312 -9.45 -20.18 -35.64
CA GLY A 312 -8.13 -20.73 -35.84
C GLY A 312 -8.03 -22.20 -35.45
N ASP A 313 -9.19 -22.85 -35.29
CA ASP A 313 -9.27 -24.22 -34.78
C ASP A 313 -9.52 -25.23 -35.89
N ILE A 314 -10.31 -24.82 -36.87
CA ILE A 314 -10.71 -25.74 -37.95
C ILE A 314 -10.25 -25.19 -39.30
N SER A 315 -9.50 -25.94 -40.08
CA SER A 315 -9.20 -25.48 -41.44
C SER A 315 -10.46 -25.72 -42.27
N PRO A 316 -10.81 -24.78 -43.15
CA PRO A 316 -10.13 -23.51 -43.47
C PRO A 316 -10.42 -22.44 -42.41
N ARG A 317 -9.41 -21.66 -42.06
CA ARG A 317 -9.62 -20.56 -41.12
C ARG A 317 -10.59 -19.52 -41.69
N ARG A 318 -11.27 -18.80 -40.80
CA ARG A 318 -12.02 -17.60 -41.20
C ARG A 318 -11.59 -16.47 -40.28
N LEU A 319 -11.52 -15.25 -40.78
CA LEU A 319 -11.19 -14.12 -39.92
C LEU A 319 -11.98 -12.94 -40.45
N GLY A 320 -12.53 -12.13 -39.55
CA GLY A 320 -13.21 -10.95 -40.04
C GLY A 320 -13.90 -10.24 -38.91
N ILE A 321 -15.13 -9.77 -39.19
CA ILE A 321 -15.87 -9.02 -38.19
C ILE A 321 -17.27 -9.58 -37.99
N LEU A 322 -17.81 -9.37 -36.81
CA LEU A 322 -19.24 -9.52 -36.58
C LEU A 322 -19.80 -8.10 -36.64
N TYR A 323 -20.67 -7.86 -37.62
CA TYR A 323 -21.20 -6.53 -37.84
C TYR A 323 -22.63 -6.42 -37.29
N PHE A 324 -22.83 -5.51 -36.33
CA PHE A 324 -24.11 -5.35 -35.64
C PHE A 324 -24.74 -4.08 -36.17
N ASN A 325 -25.87 -4.20 -36.88
CA ASN A 325 -26.45 -3.03 -37.50
C ASN A 325 -27.11 -2.07 -36.50
N ASN A 326 -27.69 -2.65 -35.45
CA ASN A 326 -28.32 -1.87 -34.38
C ASN A 326 -28.35 -2.72 -33.14
N ALA A 327 -27.29 -2.59 -32.36
CA ALA A 327 -27.13 -3.44 -31.19
C ALA A 327 -28.07 -3.01 -30.05
N TYR A 328 -28.60 -1.78 -30.11
CA TYR A 328 -29.50 -1.33 -29.06
C TYR A 328 -30.85 -2.04 -29.21
N SER A 329 -31.45 -1.95 -30.39
CA SER A 329 -32.75 -2.58 -30.58
CA SER A 329 -32.75 -2.57 -30.60
C SER A 329 -32.64 -4.08 -30.82
N ASP A 330 -31.51 -4.52 -31.38
CA ASP A 330 -31.35 -5.92 -31.76
C ASP A 330 -29.98 -6.46 -31.43
N PRO A 331 -29.72 -6.62 -30.14
CA PRO A 331 -28.36 -7.01 -29.71
C PRO A 331 -27.97 -8.38 -30.21
N SER A 332 -28.91 -9.26 -30.54
CA SER A 332 -28.50 -10.59 -31.00
C SER A 332 -28.27 -10.66 -32.52
N SER A 333 -28.50 -9.57 -33.24
CA SER A 333 -28.45 -9.57 -34.71
C SER A 333 -27.13 -9.05 -35.28
N PHE A 334 -26.39 -9.93 -35.94
CA PHE A 334 -25.12 -9.53 -36.55
C PHE A 334 -24.85 -10.36 -37.77
N THR A 335 -23.95 -9.89 -38.61
CA THR A 335 -23.54 -10.69 -39.76
CA THR A 335 -23.56 -10.61 -39.81
C THR A 335 -22.04 -10.83 -39.77
N ARG A 336 -21.58 -11.99 -40.25
CA ARG A 336 -20.14 -12.24 -40.35
C ARG A 336 -19.65 -11.73 -41.70
N ARG A 337 -18.62 -10.90 -41.66
CA ARG A 337 -17.99 -10.39 -42.88
C ARG A 337 -16.51 -10.71 -42.84
N THR A 338 -16.05 -11.54 -43.77
CA THR A 338 -14.68 -12.08 -43.66
C THR A 338 -13.72 -11.47 -44.66
N ILE A 339 -12.43 -11.52 -44.32
CA ILE A 339 -11.40 -11.17 -45.28
C ILE A 339 -11.09 -12.41 -46.13
N SER A 340 -10.36 -12.23 -47.21
CA SER A 340 -10.06 -13.30 -48.16
CA SER A 340 -10.14 -13.34 -48.13
C SER A 340 -9.26 -14.42 -47.52
N GLN A 341 -9.42 -15.65 -48.03
CA GLN A 341 -8.73 -16.80 -47.47
C GLN A 341 -7.22 -16.61 -47.47
N GLU A 342 -6.70 -15.97 -48.50
CA GLU A 342 -5.26 -15.74 -48.65
C GLU A 342 -4.67 -15.07 -47.41
N TYR A 343 -5.43 -14.15 -46.83
CA TYR A 343 -4.93 -13.35 -45.69
C TYR A 343 -5.45 -13.86 -44.36
N ALA A 344 -6.47 -14.74 -44.39
CA ALA A 344 -6.97 -15.39 -43.16
C ALA A 344 -6.12 -16.59 -42.76
N ASP A 345 -5.46 -17.24 -43.72
CA ASP A 345 -4.64 -18.42 -43.40
C ASP A 345 -3.56 -17.98 -42.42
N ASN A 346 -3.22 -18.83 -41.47
CA ASN A 346 -2.17 -18.47 -40.49
C ASN A 346 -2.37 -17.10 -39.84
N ALA A 347 -3.61 -16.77 -39.50
CA ALA A 347 -3.94 -15.46 -38.95
C ALA A 347 -4.93 -15.57 -37.81
N ALA A 348 -4.99 -14.53 -36.97
CA ALA A 348 -5.84 -14.51 -35.79
C ALA A 348 -6.04 -13.07 -35.35
N GLU A 349 -6.98 -12.88 -34.42
CA GLU A 349 -7.05 -11.68 -33.58
C GLU A 349 -6.93 -10.37 -34.31
N PRO A 350 -7.91 -10.09 -35.18
CA PRO A 350 -7.92 -8.80 -35.88
C PRO A 350 -8.13 -7.62 -34.92
N CYS A 351 -7.35 -6.55 -35.11
CA CYS A 351 -7.67 -5.29 -34.43
C CYS A 351 -8.40 -4.48 -35.48
N ILE A 352 -9.54 -3.91 -35.11
CA ILE A 352 -10.32 -3.17 -36.09
C ILE A 352 -10.69 -1.78 -35.56
N LYS A 353 -10.59 -0.77 -36.43
CA LYS A 353 -10.97 0.60 -36.04
C LYS A 353 -11.59 1.30 -37.25
N TYR A 354 -12.70 1.98 -37.00
CA TYR A 354 -13.39 2.74 -38.04
C TYR A 354 -13.10 4.22 -37.88
N TYR A 355 -12.67 4.86 -38.97
CA TYR A 355 -12.46 6.31 -38.98
C TYR A 355 -12.98 6.90 -40.28
N ASP A 356 -13.89 7.87 -40.17
CA ASP A 356 -14.32 8.63 -41.33
C ASP A 356 -14.74 7.75 -42.50
N GLY A 357 -15.55 6.74 -42.20
CA GLY A 357 -16.13 5.93 -43.26
C GLY A 357 -15.28 4.77 -43.73
N ILE A 358 -14.08 4.61 -43.15
CA ILE A 358 -13.17 3.54 -43.58
C ILE A 358 -12.90 2.64 -42.39
N LEU A 359 -12.97 1.33 -42.61
CA LEU A 359 -12.71 0.38 -41.55
C LEU A 359 -11.30 -0.16 -41.80
N TYR A 360 -10.41 -0.03 -40.83
CA TYR A 360 -9.03 -0.58 -40.91
C TYR A 360 -8.93 -1.80 -40.04
N LEU A 361 -8.11 -2.77 -40.49
CA LEU A 361 -7.97 -4.04 -39.79
C LEU A 361 -6.51 -4.48 -39.87
N THR A 362 -5.97 -4.99 -38.76
CA THR A 362 -4.67 -5.69 -38.84
C THR A 362 -4.84 -7.09 -38.30
N THR A 363 -4.01 -8.03 -38.77
CA THR A 363 -4.09 -9.38 -38.25
C THR A 363 -2.84 -9.72 -37.49
N ARG A 364 -2.98 -10.71 -36.62
CA ARG A 364 -1.83 -11.40 -36.02
C ARG A 364 -1.44 -12.58 -36.91
N GLY A 365 -0.15 -12.71 -37.22
CA GLY A 365 0.36 -13.89 -37.94
C GLY A 365 0.59 -15.01 -36.93
N THR A 366 0.33 -16.27 -37.33
CA THR A 366 0.45 -17.33 -36.34
C THR A 366 1.61 -18.27 -36.62
N SER A 367 2.40 -17.97 -37.65
CA SER A 367 3.58 -18.79 -37.94
C SER A 367 4.80 -17.97 -38.31
N THR A 368 5.94 -18.34 -37.75
CA THR A 368 7.16 -17.65 -38.16
C THR A 368 7.56 -18.01 -39.61
N SER A 369 7.01 -19.10 -40.15
CA SER A 369 7.46 -19.58 -41.45
C SER A 369 6.38 -19.49 -42.55
N ALA A 370 5.42 -18.61 -42.32
CA ALA A 370 4.44 -18.33 -43.36
C ALA A 370 4.15 -16.83 -43.32
N ALA A 371 3.62 -16.30 -44.42
CA ALA A 371 3.27 -14.88 -44.50
C ALA A 371 2.44 -14.49 -43.28
N GLY A 372 2.80 -13.35 -42.68
CA GLY A 372 2.26 -13.03 -41.36
C GLY A 372 1.26 -11.89 -41.39
N SER A 373 1.35 -10.99 -40.41
CA SER A 373 0.36 -9.90 -40.29
C SER A 373 0.12 -9.14 -41.58
N THR A 374 -1.14 -8.71 -41.73
CA THR A 374 -1.60 -7.96 -42.89
C THR A 374 -2.35 -6.73 -42.38
N LEU A 375 -2.20 -5.63 -43.09
CA LEU A 375 -3.02 -4.43 -42.88
C LEU A 375 -4.06 -4.38 -43.99
N ALA A 376 -5.30 -4.10 -43.63
CA ALA A 376 -6.36 -4.07 -44.65
C ALA A 376 -7.28 -2.87 -44.40
N MET A 377 -7.98 -2.40 -45.44
CA MET A 377 -8.98 -1.37 -45.24
C MET A 377 -10.20 -1.68 -46.10
N SER A 378 -11.37 -1.27 -45.62
CA SER A 378 -12.61 -1.51 -46.36
C SER A 378 -13.39 -0.23 -46.37
N ALA A 379 -13.86 0.16 -47.55
CA ALA A 379 -14.71 1.34 -47.69
C ALA A 379 -16.20 0.98 -47.68
N ASP A 380 -16.51 -0.29 -47.50
CA ASP A 380 -17.89 -0.74 -47.49
C ASP A 380 -18.22 -1.66 -46.31
N LEU A 381 -17.69 -1.29 -45.14
CA LEU A 381 -18.08 -1.92 -43.89
C LEU A 381 -17.75 -3.42 -43.90
N GLY A 382 -16.65 -3.79 -44.56
CA GLY A 382 -16.15 -5.13 -44.40
C GLY A 382 -16.61 -6.12 -45.49
N GLU A 383 -17.40 -5.65 -46.46
CA GLU A 383 -17.77 -6.54 -47.56
C GLU A 383 -16.62 -6.78 -48.51
N ASN A 384 -15.78 -5.76 -48.73
CA ASN A 384 -14.61 -5.89 -49.61
C ASN A 384 -13.43 -5.18 -49.00
N TRP A 385 -12.24 -5.74 -49.16
CA TRP A 385 -11.06 -5.18 -48.53
C TRP A 385 -9.94 -4.98 -49.54
N ASN A 386 -9.06 -4.02 -49.25
CA ASN A 386 -7.77 -3.84 -49.91
C ASN A 386 -6.69 -4.26 -48.89
N TYR A 387 -5.71 -5.06 -49.31
CA TYR A 387 -4.77 -5.70 -48.40
C TYR A 387 -3.34 -5.26 -48.65
N LEU A 388 -2.57 -5.19 -47.55
CA LEU A 388 -1.13 -4.98 -47.62
C LEU A 388 -0.46 -5.94 -46.63
N ARG A 389 0.26 -6.93 -47.13
CA ARG A 389 0.97 -7.84 -46.24
C ARG A 389 2.20 -7.14 -45.66
N PHE A 390 2.41 -7.22 -44.36
CA PHE A 390 3.73 -6.79 -43.85
C PHE A 390 4.78 -7.77 -44.31
N PRO A 391 5.95 -7.27 -44.72
CA PRO A 391 7.01 -8.20 -45.14
C PRO A 391 7.57 -8.95 -43.91
N ASN A 392 8.19 -10.09 -44.18
CA ASN A 392 9.00 -10.77 -43.16
C ASN A 392 8.22 -11.51 -42.06
N ASN A 393 7.00 -11.96 -42.36
CA ASN A 393 6.25 -12.90 -41.51
C ASN A 393 6.10 -12.38 -40.07
N VAL A 394 5.49 -11.22 -39.91
CA VAL A 394 5.23 -10.68 -38.56
C VAL A 394 4.26 -11.65 -37.89
N HIS A 395 4.61 -12.10 -36.68
CA HIS A 395 3.87 -13.19 -36.06
C HIS A 395 3.85 -13.09 -34.52
N HIS A 396 2.87 -13.76 -33.92
CA HIS A 396 2.71 -13.98 -32.48
C HIS A 396 2.16 -12.81 -31.72
N THR A 397 2.00 -11.69 -32.43
CA THR A 397 1.50 -10.47 -31.77
C THR A 397 0.26 -9.96 -32.50
N ASN A 398 -0.74 -9.52 -31.73
CA ASN A 398 -1.73 -8.64 -32.35
C ASN A 398 -1.09 -7.28 -32.61
N LEU A 399 -1.71 -6.49 -33.48
CA LEU A 399 -1.14 -5.20 -33.91
C LEU A 399 -2.17 -4.09 -33.72
N PRO A 400 -2.39 -3.69 -32.47
CA PRO A 400 -3.37 -2.61 -32.23
C PRO A 400 -2.84 -1.27 -32.71
N PHE A 401 -3.76 -0.35 -32.97
CA PHE A 401 -3.36 0.86 -33.64
C PHE A 401 -4.39 1.95 -33.44
N ALA A 402 -3.98 3.18 -33.70
CA ALA A 402 -4.95 4.27 -33.87
C ALA A 402 -4.58 5.11 -35.09
N LYS A 403 -5.55 5.84 -35.65
CA LYS A 403 -5.28 6.75 -36.76
C LYS A 403 -5.16 8.16 -36.21
N VAL A 404 -4.04 8.83 -36.51
CA VAL A 404 -3.85 10.22 -36.09
C VAL A 404 -3.46 10.97 -37.35
N GLY A 405 -4.32 11.86 -37.80
CA GLY A 405 -4.12 12.51 -39.09
C GLY A 405 -4.04 11.46 -40.17
N ASP A 406 -3.02 11.58 -41.02
CA ASP A 406 -2.89 10.73 -42.19
C ASP A 406 -2.35 9.34 -41.86
N TYR A 407 -1.96 9.11 -40.61
CA TYR A 407 -1.18 7.92 -40.27
C TYR A 407 -1.87 6.96 -39.32
N LEU A 408 -1.60 5.68 -39.52
CA LEU A 408 -1.88 4.70 -38.49
C LEU A 408 -0.61 4.52 -37.69
N TYR A 409 -0.74 4.61 -36.37
CA TYR A 409 0.36 4.26 -35.44
C TYR A 409 0.07 2.85 -34.97
N ILE A 410 0.93 1.89 -35.38
CA ILE A 410 0.70 0.46 -35.18
C ILE A 410 1.78 -0.12 -34.29
N PHE A 411 1.39 -0.90 -33.27
CA PHE A 411 2.29 -1.39 -32.24
C PHE A 411 2.25 -2.91 -32.18
N GLY A 412 3.36 -3.52 -31.82
CA GLY A 412 3.40 -4.94 -31.54
C GLY A 412 4.59 -5.23 -30.65
N THR A 413 4.57 -6.39 -30.04
CA THR A 413 5.65 -6.78 -29.11
C THR A 413 5.97 -8.24 -29.34
N GLU A 414 7.26 -8.59 -29.42
CA GLU A 414 7.57 -10.02 -29.51
C GLU A 414 7.39 -10.68 -28.11
N ARG A 415 7.13 -11.97 -28.07
CA ARG A 415 6.84 -12.68 -26.82
C ARG A 415 8.13 -12.89 -26.00
N SER A 416 9.23 -13.02 -26.72
CA SER A 416 10.55 -13.22 -26.09
C SER A 416 11.59 -12.67 -27.05
N PHE A 417 12.78 -12.32 -26.55
CA PHE A 417 13.75 -11.68 -27.40
C PHE A 417 14.07 -12.50 -28.67
N GLY A 418 14.11 -11.81 -29.80
CA GLY A 418 14.60 -12.39 -31.03
C GLY A 418 13.56 -13.18 -31.82
N GLU A 419 12.31 -13.20 -31.38
CA GLU A 419 11.27 -13.91 -32.15
C GLU A 419 10.62 -13.05 -33.22
N TRP A 420 10.89 -11.75 -33.20
CA TRP A 420 10.14 -10.86 -34.12
C TRP A 420 10.38 -11.17 -35.60
N GLU A 421 11.65 -11.32 -35.95
CA GLU A 421 12.00 -11.47 -37.36
C GLU A 421 11.47 -12.75 -37.98
N GLY A 422 11.11 -12.65 -39.24
CA GLY A 422 10.56 -13.80 -39.96
C GLY A 422 11.55 -14.95 -39.95
N GLN A 423 10.98 -16.15 -39.77
N GLN A 423 11.01 -16.15 -39.74
CA GLN A 423 11.67 -17.43 -39.74
CA GLN A 423 11.74 -17.41 -39.75
C GLN A 423 12.39 -17.73 -38.42
C GLN A 423 12.63 -17.62 -38.54
N GLU A 424 12.57 -16.73 -37.56
CA GLU A 424 13.25 -16.98 -36.29
C GLU A 424 12.46 -17.93 -35.42
N LEU A 425 13.16 -18.80 -34.69
CA LEU A 425 12.50 -19.77 -33.83
C LEU A 425 12.06 -19.18 -32.51
N ASP A 426 11.11 -19.84 -31.85
CA ASP A 426 10.68 -19.35 -30.54
C ASP A 426 11.89 -19.50 -29.59
N ASN A 427 11.97 -18.59 -28.63
CA ASN A 427 13.12 -18.50 -27.72
C ASN A 427 12.61 -18.48 -26.29
N ARG A 428 12.11 -19.62 -25.82
CA ARG A 428 11.45 -19.66 -24.51
C ARG A 428 12.35 -20.39 -23.51
N TYR A 429 11.90 -20.42 -22.25
CA TYR A 429 12.54 -21.21 -21.18
C TYR A 429 13.83 -20.59 -20.66
N LYS A 430 14.04 -19.31 -20.94
CA LYS A 430 15.11 -18.54 -20.29
C LYS A 430 14.65 -17.11 -20.25
N GLY A 431 15.16 -16.34 -19.28
CA GLY A 431 14.75 -14.94 -19.18
C GLY A 431 15.32 -14.13 -20.34
N THR A 432 14.52 -13.24 -20.93
CA THR A 432 15.01 -12.46 -22.08
C THR A 432 14.35 -11.07 -22.05
N TYR A 433 14.80 -10.19 -22.95
CA TYR A 433 14.24 -8.83 -23.05
C TYR A 433 13.56 -8.65 -24.41
N PRO A 434 12.31 -9.09 -24.51
CA PRO A 434 11.57 -8.88 -25.78
C PRO A 434 11.40 -7.40 -26.13
N ARG A 435 11.55 -7.13 -27.43
CA ARG A 435 11.37 -5.79 -28.01
C ARG A 435 9.93 -5.45 -28.34
N THR A 436 9.56 -4.20 -28.05
CA THR A 436 8.29 -3.64 -28.54
C THR A 436 8.57 -2.71 -29.70
N PHE A 437 7.70 -2.76 -30.73
CA PHE A 437 7.90 -1.98 -31.93
C PHE A 437 6.69 -1.16 -32.30
N MET A 438 6.93 -0.08 -33.02
CA MET A 438 5.87 0.78 -33.53
C MET A 438 6.23 1.10 -34.96
N CYS A 439 5.23 1.17 -35.84
CA CYS A 439 5.44 1.77 -37.16
C CYS A 439 4.35 2.81 -37.40
N LYS A 440 4.61 3.67 -38.39
CA LYS A 440 3.72 4.77 -38.69
C LYS A 440 3.44 4.71 -40.19
N ILE A 441 2.22 4.32 -40.56
CA ILE A 441 1.87 4.07 -41.97
C ILE A 441 0.94 5.17 -42.47
N ASN A 442 1.32 5.85 -43.55
CA ASN A 442 0.44 6.83 -44.18
C ASN A 442 -0.65 6.09 -44.94
N VAL A 443 -1.89 6.21 -44.45
CA VAL A 443 -3.01 5.57 -45.15
C VAL A 443 -3.85 6.59 -45.91
N SER A 444 -3.54 7.88 -45.84
CA SER A 444 -4.22 8.87 -46.68
CA SER A 444 -4.23 8.85 -46.68
C SER A 444 -3.81 8.63 -48.13
N SER A 445 -2.55 8.25 -48.30
CA SER A 445 -2.05 7.77 -49.57
CA SER A 445 -2.00 7.77 -49.56
C SER A 445 -1.68 6.31 -49.35
N TRP A 446 -2.68 5.45 -49.53
CA TRP A 446 -2.53 4.03 -49.25
C TRP A 446 -1.36 3.45 -50.02
N PRO A 447 -0.41 2.80 -49.32
CA PRO A 447 0.79 2.35 -50.01
C PRO A 447 0.55 1.29 -51.08
N VAL A 448 1.50 1.24 -52.02
CA VAL A 448 1.49 0.18 -53.01
C VAL A 448 1.99 -1.10 -52.36
N SER A 449 2.90 -0.96 -51.39
CA SER A 449 3.54 -2.09 -50.76
C SER A 449 4.03 -1.62 -49.40
N LEU A 450 4.10 -2.54 -48.46
CA LEU A 450 4.72 -2.28 -47.17
C LEU A 450 6.17 -2.81 -47.15
N SER A 451 6.75 -3.13 -48.31
CA SER A 451 8.11 -3.70 -48.29
C SER A 451 9.11 -2.84 -47.52
N ASN A 452 8.93 -1.53 -47.56
CA ASN A 452 9.93 -0.70 -46.86
CA ASN A 452 9.80 -0.53 -46.96
C ASN A 452 9.45 -0.19 -45.51
N VAL A 453 8.51 -0.91 -44.91
CA VAL A 453 8.06 -0.53 -43.58
C VAL A 453 9.22 -0.39 -42.59
N GLN A 454 9.16 0.68 -41.81
CA GLN A 454 10.18 0.97 -40.81
C GLN A 454 9.57 0.72 -39.43
N TRP A 455 9.95 -0.39 -38.82
CA TRP A 455 9.56 -0.65 -37.44
C TRP A 455 10.59 -0.08 -36.47
N PHE A 456 10.10 0.69 -35.49
CA PHE A 456 10.94 1.28 -34.47
C PHE A 456 10.80 0.50 -33.17
N ASN A 457 11.91 -0.01 -32.64
CA ASN A 457 11.96 -0.58 -31.29
C ASN A 457 11.97 0.59 -30.31
N ILE A 458 10.86 0.78 -29.61
CA ILE A 458 10.64 1.97 -28.76
C ILE A 458 10.80 1.71 -27.25
N THR A 459 10.74 0.43 -26.86
CA THR A 459 10.92 0.03 -25.45
C THR A 459 11.15 -1.47 -25.42
N ASP A 460 11.83 -1.98 -24.38
CA ASP A 460 12.03 -3.41 -24.21
C ASP A 460 11.42 -3.86 -22.88
N GLN A 461 10.76 -5.00 -22.93
CA GLN A 461 10.09 -5.63 -21.78
C GLN A 461 10.94 -6.80 -21.28
N ILE A 462 10.39 -7.53 -20.31
CA ILE A 462 11.03 -8.75 -19.82
C ILE A 462 10.08 -9.94 -19.99
N TYR A 463 10.64 -11.06 -20.45
CA TYR A 463 9.97 -12.36 -20.44
C TYR A 463 10.68 -13.17 -19.34
N GLN A 464 9.92 -13.65 -18.36
CA GLN A 464 10.55 -14.22 -17.13
C GLN A 464 11.29 -15.55 -17.46
N GLY A 465 10.67 -16.45 -18.24
CA GLY A 465 11.41 -17.63 -18.71
C GLY A 465 11.16 -18.99 -18.08
N HIS A 466 10.53 -19.07 -16.90
CA HIS A 466 10.38 -20.40 -16.26
C HIS A 466 9.10 -21.13 -16.65
N ILE A 467 8.29 -20.51 -17.50
CA ILE A 467 7.21 -21.22 -18.22
C ILE A 467 7.24 -20.78 -19.68
N VAL A 468 6.66 -21.60 -20.55
CA VAL A 468 6.76 -21.35 -21.97
C VAL A 468 5.91 -20.14 -22.36
N ASN A 469 4.85 -19.89 -21.59
CA ASN A 469 3.90 -18.84 -21.99
C ASN A 469 4.47 -17.46 -21.67
N SER A 470 4.13 -16.50 -22.52
CA SER A 470 4.53 -15.11 -22.31
C SER A 470 3.34 -14.18 -22.32
N ALA A 471 3.34 -13.23 -21.37
CA ALA A 471 2.29 -12.20 -21.34
C ALA A 471 2.71 -10.93 -22.10
N CYS A 472 3.91 -10.93 -22.70
CA CYS A 472 4.41 -9.69 -23.29
C CYS A 472 3.60 -9.33 -24.51
N GLY A 473 3.19 -8.08 -24.60
CA GLY A 473 2.36 -7.60 -25.70
C GLY A 473 0.89 -7.81 -25.44
N VAL A 474 0.23 -8.51 -26.40
CA VAL A 474 -1.21 -8.79 -26.35
C VAL A 474 -1.98 -7.54 -25.87
N GLY A 475 -1.71 -6.42 -26.55
CA GLY A 475 -2.09 -5.10 -26.05
C GLY A 475 -3.19 -4.41 -26.85
N SER A 476 -3.29 -3.11 -26.60
CA SER A 476 -4.44 -2.35 -27.12
C SER A 476 -4.04 -0.89 -27.18
N VAL A 477 -4.64 -0.13 -28.10
CA VAL A 477 -4.29 1.29 -28.26
C VAL A 477 -5.50 2.16 -28.08
N CYS A 478 -5.34 3.26 -27.34
CA CYS A 478 -6.42 4.25 -27.31
C CYS A 478 -5.81 5.65 -27.28
N VAL A 479 -6.65 6.69 -27.40
CA VAL A 479 -6.14 8.05 -27.51
C VAL A 479 -6.96 8.96 -26.64
N LYS A 480 -6.29 9.90 -25.97
CA LYS A 480 -7.00 10.98 -25.27
C LYS A 480 -6.32 12.29 -25.60
N ASP A 481 -7.04 13.16 -26.31
CA ASP A 481 -6.49 14.47 -26.70
C ASP A 481 -5.14 14.32 -27.38
N GLY A 482 -4.13 14.95 -26.81
CA GLY A 482 -2.80 14.93 -27.42
C GLY A 482 -1.88 13.79 -27.06
N TRP A 483 -2.43 12.75 -26.44
CA TRP A 483 -1.63 11.59 -26.08
C TRP A 483 -2.24 10.31 -26.64
N LEU A 484 -1.39 9.43 -27.14
CA LEU A 484 -1.80 8.09 -27.58
C LEU A 484 -1.22 7.09 -26.55
N TYR A 485 -1.95 6.01 -26.25
CA TYR A 485 -1.53 5.02 -25.27
C TYR A 485 -1.50 3.63 -25.92
N TYR A 486 -0.33 2.99 -25.87
CA TYR A 486 -0.27 1.55 -26.18
C TYR A 486 -0.19 0.87 -24.83
N ILE A 487 -1.20 0.09 -24.49
CA ILE A 487 -1.30 -0.45 -23.13
C ILE A 487 -1.23 -1.96 -23.30
N PHE A 488 -0.28 -2.58 -22.63
CA PHE A 488 0.13 -3.93 -23.04
C PHE A 488 0.88 -4.63 -21.93
N GLY A 489 1.24 -5.91 -22.16
CA GLY A 489 1.85 -6.71 -21.11
C GLY A 489 3.37 -6.78 -21.12
N GLY A 490 3.93 -6.93 -19.90
CA GLY A 490 5.33 -7.30 -19.74
C GLY A 490 5.51 -8.09 -18.46
N GLU A 491 6.63 -8.81 -18.32
CA GLU A 491 6.88 -9.57 -17.10
C GLU A 491 8.03 -8.95 -16.34
N ASP A 492 8.58 -9.73 -15.41
CA ASP A 492 9.77 -9.33 -14.61
C ASP A 492 10.49 -10.64 -14.36
N PHE A 493 11.68 -10.61 -13.76
CA PHE A 493 12.42 -11.88 -13.64
C PHE A 493 12.04 -12.76 -12.45
N LEU A 494 11.07 -12.35 -11.64
CA LEU A 494 10.67 -13.15 -10.48
C LEU A 494 9.77 -14.31 -10.91
N SER A 495 10.27 -15.51 -10.68
CA SER A 495 9.58 -16.74 -11.14
C SER A 495 8.24 -16.97 -10.45
N PRO A 496 7.28 -17.55 -11.17
CA PRO A 496 6.03 -18.00 -10.53
C PRO A 496 6.16 -19.38 -9.85
N TRP A 497 7.29 -20.06 -10.09
CA TRP A 497 7.53 -21.40 -9.49
C TRP A 497 6.44 -22.43 -9.85
N SER A 498 5.89 -22.34 -11.06
CA SER A 498 4.98 -23.39 -11.51
C SER A 498 5.75 -24.71 -11.59
N ILE A 499 7.02 -24.63 -11.99
CA ILE A 499 7.97 -25.76 -11.84
C ILE A 499 8.75 -25.40 -10.58
N GLY A 500 8.48 -26.12 -9.51
CA GLY A 500 8.88 -25.65 -8.17
C GLY A 500 7.75 -25.97 -7.22
N ASP A 501 7.56 -25.14 -6.17
CA ASP A 501 6.57 -25.49 -5.16
C ASP A 501 5.18 -24.95 -5.45
N ASN A 502 4.98 -24.30 -6.60
CA ASN A 502 3.71 -23.65 -6.86
C ASN A 502 3.07 -24.08 -8.18
N SER A 503 3.06 -25.37 -8.42
CA SER A 503 2.33 -25.87 -9.61
C SER A 503 0.84 -25.50 -9.56
N LYS A 504 0.29 -25.28 -8.36
CA LYS A 504 -1.11 -24.83 -8.22
C LYS A 504 -1.36 -23.38 -8.66
N LYS A 505 -0.28 -22.64 -8.90
CA LYS A 505 -0.33 -21.26 -9.42
C LYS A 505 -0.99 -20.28 -8.46
N LEU A 506 -0.85 -20.53 -7.16
CA LEU A 506 -1.41 -19.60 -6.18
C LEU A 506 -0.74 -18.23 -6.24
N TRP A 507 -1.53 -17.19 -6.45
CA TRP A 507 -0.97 -15.86 -6.60
C TRP A 507 -0.35 -15.35 -5.30
N TYR A 508 -0.83 -15.85 -4.17
CA TYR A 508 -0.39 -15.30 -2.89
C TYR A 508 0.85 -15.97 -2.36
N LYS A 509 1.35 -16.98 -3.08
N LYS A 509 1.32 -17.00 -3.06
CA LYS A 509 2.58 -17.66 -2.69
CA LYS A 509 2.58 -17.64 -2.67
C LYS A 509 3.79 -17.00 -3.34
C LYS A 509 3.76 -16.93 -3.32
N HIS A 510 4.82 -16.73 -2.53
CA HIS A 510 6.04 -16.07 -3.00
C HIS A 510 5.72 -14.76 -3.73
N ASP A 511 6.20 -14.59 -4.96
CA ASP A 511 5.96 -13.35 -5.71
C ASP A 511 4.76 -13.42 -6.65
N GLY A 512 3.97 -14.47 -6.51
CA GLY A 512 2.86 -14.66 -7.44
C GLY A 512 3.36 -14.66 -8.88
N HIS A 513 2.56 -14.11 -9.80
CA HIS A 513 2.83 -14.13 -11.23
C HIS A 513 3.41 -12.83 -11.72
N PRO A 514 4.40 -12.90 -12.63
CA PRO A 514 5.14 -11.68 -13.01
C PRO A 514 4.43 -10.88 -14.09
N ALA A 515 3.33 -11.40 -14.64
CA ALA A 515 2.61 -10.66 -15.68
C ALA A 515 1.85 -9.46 -15.12
N ASP A 516 2.14 -8.28 -15.68
CA ASP A 516 1.49 -7.02 -15.30
C ASP A 516 1.41 -6.11 -16.53
N LEU A 517 0.71 -4.98 -16.41
CA LEU A 517 0.48 -4.10 -17.57
C LEU A 517 1.32 -2.84 -17.53
N TYR A 518 1.60 -2.33 -18.71
CA TYR A 518 2.38 -1.11 -18.92
C TYR A 518 1.65 -0.23 -19.93
N SER A 519 1.92 1.08 -19.86
CA SER A 519 1.35 2.02 -20.82
C SER A 519 2.47 2.86 -21.44
N TYR A 520 2.59 2.81 -22.76
CA TYR A 520 3.53 3.67 -23.46
C TYR A 520 2.72 4.86 -23.95
N ARG A 521 3.01 6.05 -23.40
CA ARG A 521 2.21 7.24 -23.67
C ARG A 521 3.04 8.12 -24.61
N LEU A 522 2.49 8.33 -25.82
CA LEU A 522 3.18 8.98 -26.93
C LEU A 522 2.51 10.30 -27.32
N LYS A 523 3.29 11.37 -27.36
CA LYS A 523 2.77 12.68 -27.81
C LYS A 523 2.40 12.65 -29.29
N ILE A 524 1.16 13.05 -29.61
CA ILE A 524 0.69 12.98 -30.99
C ILE A 524 0.16 14.32 -31.54
N THR A 525 0.14 15.37 -30.72
CA THR A 525 -0.20 16.72 -31.20
C THR A 525 0.71 17.72 -30.50
N GLU A 526 0.64 19.00 -30.89
CA GLU A 526 1.36 20.02 -30.13
C GLU A 526 0.77 20.10 -28.73
N HIS A 527 1.64 20.24 -27.72
CA HIS A 527 1.14 20.45 -26.38
C HIS A 527 1.33 21.93 -26.00
N ASP A 528 0.29 22.71 -26.29
CA ASP A 528 0.32 24.16 -26.11
C ASP A 528 -0.20 24.54 -24.72
N PHE A 529 0.45 23.96 -23.71
CA PHE A 529 0.05 24.18 -22.31
C PHE A 529 1.27 23.87 -21.47
N VAL A 530 1.25 24.38 -20.25
CA VAL A 530 2.31 24.11 -19.28
C VAL A 530 2.12 22.72 -18.72
N SER A 531 3.22 22.07 -18.35
CA SER A 531 3.17 20.66 -17.96
C SER A 531 2.14 20.35 -16.88
N ARG A 532 1.42 19.26 -17.11
CA ARG A 532 0.51 18.73 -16.12
C ARG A 532 1.17 17.60 -15.31
N ASP A 533 2.45 17.34 -15.58
CA ASP A 533 3.05 16.12 -15.01
C ASP A 533 3.43 16.33 -13.55
N PHE A 534 3.39 15.25 -12.77
CA PHE A 534 3.91 15.28 -11.39
C PHE A 534 4.65 14.02 -11.06
N LYS A 535 5.55 14.12 -10.08
CA LYS A 535 6.19 12.96 -9.49
C LYS A 535 5.25 12.45 -8.39
N TYR A 536 5.13 11.14 -8.22
CA TYR A 536 4.26 10.68 -7.14
C TYR A 536 5.05 10.49 -5.88
N GLY A 537 4.67 11.20 -4.81
CA GLY A 537 5.41 11.05 -3.55
C GLY A 537 4.45 10.85 -2.38
N ALA A 538 3.23 10.40 -2.66
CA ALA A 538 2.22 10.19 -1.60
C ALA A 538 2.32 8.79 -1.02
N THR A 539 1.80 8.63 0.20
CA THR A 539 1.55 7.29 0.73
C THR A 539 0.34 6.70 -0.04
N PRO A 540 0.51 5.59 -0.77
CA PRO A 540 -0.65 5.10 -1.52
C PRO A 540 -1.72 4.63 -0.55
N ASN A 541 -2.94 5.13 -0.71
CA ASN A 541 -3.91 4.95 0.36
C ASN A 541 -5.32 4.75 -0.18
N ARG A 542 -5.40 4.04 -1.31
CA ARG A 542 -6.73 3.74 -1.87
C ARG A 542 -7.11 2.29 -1.58
N THR A 543 -6.16 1.37 -1.70
CA THR A 543 -6.55 -0.03 -1.48
C THR A 543 -7.04 -0.29 -0.07
N LEU A 544 -6.28 0.16 0.93
CA LEU A 544 -6.73 0.01 2.30
C LEU A 544 -6.45 1.35 2.97
N PRO A 545 -7.42 2.27 2.94
CA PRO A 545 -7.10 3.67 3.34
C PRO A 545 -6.83 3.80 4.81
N VAL A 546 -5.60 4.16 5.14
CA VAL A 546 -5.18 4.21 6.55
C VAL A 546 -4.82 5.60 6.97
N SER A 547 -5.31 6.00 8.16
CA SER A 547 -4.92 7.26 8.79
C SER A 547 -4.45 6.90 10.17
N MET A 548 -3.45 7.63 10.66
CA MET A 548 -3.04 7.48 12.07
C MET A 548 -4.03 8.24 12.96
N GLY A 549 -4.70 7.56 13.87
CA GLY A 549 -5.73 8.20 14.68
C GLY A 549 -5.15 9.03 15.81
N THR A 550 -5.99 9.86 16.44
CA THR A 550 -5.53 10.55 17.64
C THR A 550 -5.21 9.58 18.77
N ASP A 551 -5.64 8.33 18.63
CA ASP A 551 -5.28 7.25 19.55
C ASP A 551 -3.91 6.61 19.25
N GLY A 552 -3.24 7.06 18.20
CA GLY A 552 -1.92 6.55 17.86
C GLY A 552 -1.98 5.17 17.22
N VAL A 553 -3.16 4.79 16.72
CA VAL A 553 -3.29 3.51 16.02
C VAL A 553 -3.78 3.79 14.59
N ARG A 554 -3.32 2.96 13.66
CA ARG A 554 -3.80 3.00 12.28
C ARG A 554 -5.29 2.62 12.18
N HIS A 555 -6.06 3.47 11.53
CA HIS A 555 -7.46 3.17 11.24
C HIS A 555 -7.66 2.99 9.76
N VAL A 556 -8.37 1.91 9.41
CA VAL A 556 -8.69 1.61 8.02
C VAL A 556 -10.10 2.07 7.75
N SER A 557 -10.25 2.88 6.69
CA SER A 557 -11.50 3.60 6.44
C SER A 557 -12.32 3.05 5.25
N ALA A 558 -12.40 1.73 5.13
CA ALA A 558 -13.28 1.11 4.13
C ALA A 558 -13.66 -0.25 4.63
N PRO A 559 -14.84 -0.74 4.25
CA PRO A 559 -15.14 -2.17 4.49
C PRO A 559 -14.17 -3.02 3.72
N VAL A 560 -13.75 -4.15 4.32
CA VAL A 560 -12.81 -5.01 3.63
C VAL A 560 -13.24 -6.45 3.78
N THR A 561 -13.10 -7.22 2.70
CA THR A 561 -13.39 -8.65 2.74
C THR A 561 -12.11 -9.41 2.44
N PHE A 562 -11.72 -10.26 3.38
CA PHE A 562 -10.53 -11.11 3.20
C PHE A 562 -10.98 -12.45 2.61
N ASP A 563 -10.50 -12.77 1.42
CA ASP A 563 -10.95 -14.01 0.74
C ASP A 563 -10.17 -15.27 1.20
N ASN A 564 -9.18 -15.07 2.06
CA ASN A 564 -8.33 -16.18 2.54
C ASN A 564 -8.27 -16.22 4.07
N ASP A 565 -7.60 -17.25 4.58
CA ASP A 565 -7.44 -17.42 6.03
C ASP A 565 -6.76 -16.21 6.66
N VAL A 566 -7.35 -15.75 7.76
CA VAL A 566 -6.75 -14.65 8.55
C VAL A 566 -6.39 -15.11 9.95
N GLN A 567 -5.20 -14.71 10.41
CA GLN A 567 -4.84 -14.90 11.82
C GLN A 567 -4.62 -13.55 12.44
N MET A 568 -4.92 -13.42 13.72
CA MET A 568 -4.76 -12.14 14.42
CA MET A 568 -4.61 -12.17 14.40
C MET A 568 -4.29 -12.39 15.86
N TYR A 569 -3.43 -11.52 16.39
CA TYR A 569 -2.95 -11.71 17.76
C TYR A 569 -4.10 -11.71 18.78
N SER A 570 -4.99 -10.71 18.67
CA SER A 570 -6.18 -10.60 19.52
C SER A 570 -7.23 -9.89 18.68
N LEU A 571 -8.47 -9.93 19.15
CA LEU A 571 -9.56 -9.31 18.40
C LEU A 571 -10.53 -8.61 19.34
N THR A 572 -10.86 -7.36 19.00
CA THR A 572 -11.94 -6.64 19.68
C THR A 572 -12.90 -6.18 18.60
N VAL A 573 -14.18 -6.48 18.80
CA VAL A 573 -15.19 -6.03 17.82
C VAL A 573 -15.86 -4.83 18.49
N THR A 574 -15.86 -3.67 17.83
CA THR A 574 -16.11 -2.38 18.49
C THR A 574 -17.49 -1.77 18.34
N GLY A 575 -18.12 -1.98 17.18
CA GLY A 575 -19.34 -1.23 16.87
C GLY A 575 -19.16 0.30 16.90
N LEU A 576 -17.94 0.78 16.69
CA LEU A 576 -17.66 2.20 16.79
C LEU A 576 -17.32 2.74 15.40
N GLU A 577 -18.19 3.58 14.85
CA GLU A 577 -17.97 4.02 13.49
C GLU A 577 -17.19 5.32 13.39
N HIS A 578 -16.88 5.71 12.15
CA HIS A 578 -16.07 6.92 11.87
C HIS A 578 -16.53 8.15 12.64
N ASP A 579 -17.84 8.42 12.65
CA ASP A 579 -18.30 9.65 13.31
C ASP A 579 -18.45 9.55 14.84
N GLY A 580 -18.08 8.41 15.42
CA GLY A 580 -18.09 8.24 16.85
C GLY A 580 -19.36 7.56 17.38
N THR A 581 -20.30 7.26 16.49
CA THR A 581 -21.53 6.58 16.93
C THR A 581 -21.17 5.17 17.39
N GLN A 582 -21.61 4.84 18.60
CA GLN A 582 -21.35 3.53 19.20
C GLN A 582 -22.62 2.68 19.16
N GLN A 583 -22.55 1.54 18.49
CA GLN A 583 -23.67 0.61 18.46
C GLN A 583 -23.95 -0.01 19.82
N SER A 584 -25.23 -0.18 20.15
CA SER A 584 -25.64 -0.91 21.34
C SER A 584 -25.37 -2.40 21.19
N ALA A 585 -25.68 -2.93 20.02
CA ALA A 585 -25.42 -4.35 19.72
C ALA A 585 -24.18 -4.47 18.84
N VAL A 586 -23.16 -5.18 19.34
CA VAL A 586 -21.96 -5.43 18.55
C VAL A 586 -22.02 -6.86 18.08
N ARG A 587 -21.68 -7.10 16.81
CA ARG A 587 -22.04 -8.37 16.16
CA ARG A 587 -22.02 -8.39 16.21
C ARG A 587 -20.87 -9.12 15.50
N VAL A 588 -20.80 -10.41 15.79
CA VAL A 588 -19.96 -11.33 15.02
C VAL A 588 -20.92 -12.34 14.43
N LYS A 589 -20.91 -12.52 13.11
N LYS A 589 -20.85 -12.53 13.11
CA LYS A 589 -21.83 -13.48 12.48
CA LYS A 589 -21.76 -13.43 12.40
C LYS A 589 -21.03 -14.49 11.69
C LYS A 589 -20.98 -14.52 11.68
N LEU A 590 -21.51 -15.73 11.67
CA LEU A 590 -20.86 -16.79 10.91
C LEU A 590 -21.78 -17.29 9.79
N ASP A 591 -21.22 -17.34 8.58
CA ASP A 591 -21.95 -17.96 7.45
C ASP A 591 -21.75 -19.47 7.52
N GLY A 592 -21.91 -20.15 6.37
CA GLY A 592 -21.81 -21.60 6.29
C GLY A 592 -23.12 -22.27 6.67
N ASP A 593 -23.12 -23.60 6.64
CA ASP A 593 -24.26 -24.39 7.11
C ASP A 593 -24.26 -24.41 8.63
N TYR A 594 -23.07 -24.44 9.22
CA TYR A 594 -22.95 -24.34 10.65
C TYR A 594 -21.67 -23.61 11.00
N GLY A 595 -21.70 -22.86 12.11
CA GLY A 595 -20.51 -22.12 12.50
C GLY A 595 -19.84 -22.79 13.67
N VAL A 596 -18.52 -22.77 13.68
CA VAL A 596 -17.75 -23.47 14.68
C VAL A 596 -16.83 -22.45 15.37
N ILE A 597 -16.87 -22.39 16.69
CA ILE A 597 -15.91 -21.58 17.43
C ILE A 597 -15.21 -22.60 18.33
N ALA A 598 -13.90 -22.76 18.13
CA ALA A 598 -13.20 -23.92 18.73
C ALA A 598 -11.87 -23.53 19.34
N LYS A 599 -11.37 -24.46 20.16
CA LYS A 599 -10.12 -24.22 20.90
C LYS A 599 -9.04 -25.17 20.42
N ASN A 600 -7.98 -24.63 19.82
CA ASN A 600 -6.92 -25.50 19.30
C ASN A 600 -6.18 -26.15 20.46
N ILE A 601 -5.45 -27.22 20.16
CA ILE A 601 -4.61 -27.84 21.19
C ILE A 601 -3.51 -26.85 21.66
N PRO A 602 -3.41 -26.59 22.96
CA PRO A 602 -2.39 -25.62 23.40
C PRO A 602 -0.99 -26.13 23.12
N ILE A 603 -0.10 -25.20 22.79
CA ILE A 603 1.30 -25.56 22.58
CA ILE A 603 1.30 -25.55 22.58
C ILE A 603 2.07 -25.56 23.91
N LYS A 604 1.74 -24.64 24.81
CA LYS A 604 2.47 -24.57 26.09
C LYS A 604 2.01 -25.61 27.11
N ASN A 605 0.71 -25.58 27.45
CA ASN A 605 0.15 -26.40 28.50
C ASN A 605 -1.16 -27.04 28.04
N PRO A 606 -1.07 -28.16 27.32
CA PRO A 606 -2.27 -28.80 26.77
C PRO A 606 -3.28 -29.14 27.85
N SER A 607 -2.82 -29.38 29.08
CA SER A 607 -3.73 -29.76 30.15
C SER A 607 -4.68 -28.63 30.56
N GLU A 608 -4.49 -27.43 30.00
CA GLU A 608 -5.38 -26.30 30.28
C GLU A 608 -6.51 -26.19 29.26
N GLN A 609 -6.46 -26.97 28.20
CA GLN A 609 -7.30 -26.74 27.00
C GLN A 609 -8.79 -26.54 27.32
N ARG A 610 -9.28 -25.33 27.03
CA ARG A 610 -10.70 -25.05 27.22
C ARG A 610 -11.06 -23.73 26.55
N LEU A 611 -12.36 -23.61 26.29
CA LEU A 611 -12.92 -22.37 25.75
C LEU A 611 -13.76 -21.74 26.86
N ILE A 612 -13.56 -20.44 27.13
CA ILE A 612 -14.31 -19.78 28.21
C ILE A 612 -15.16 -18.66 27.60
N LEU A 613 -16.47 -18.78 27.73
CA LEU A 613 -17.38 -17.76 27.23
CA LEU A 613 -17.39 -17.76 27.23
C LEU A 613 -17.79 -16.93 28.43
N CYS A 614 -17.65 -15.61 28.33
CA CYS A 614 -17.80 -14.74 29.52
C CYS A 614 -18.81 -13.63 29.31
N GLY A 615 -19.71 -13.45 30.27
CA GLY A 615 -20.67 -12.36 30.19
C GLY A 615 -20.06 -11.03 30.61
N GLY A 616 -18.92 -11.08 31.33
CA GLY A 616 -18.17 -9.88 31.69
C GLY A 616 -16.85 -9.80 30.94
N GLU A 617 -16.02 -8.85 31.33
CA GLU A 617 -14.86 -8.47 30.52
CA GLU A 617 -14.84 -8.45 30.56
C GLU A 617 -13.69 -9.43 30.68
N THR A 618 -13.65 -10.16 31.80
CA THR A 618 -12.55 -11.09 32.07
C THR A 618 -13.10 -12.45 32.49
N PRO A 619 -12.27 -13.51 32.39
CA PRO A 619 -12.78 -14.87 32.66
C PRO A 619 -12.80 -15.27 34.13
N TYR A 620 -13.45 -14.46 34.93
CA TYR A 620 -13.53 -14.70 36.38
C TYR A 620 -14.96 -14.50 36.80
N THR A 621 -15.46 -15.30 37.73
CA THR A 621 -16.86 -15.18 38.13
C THR A 621 -17.14 -13.87 38.86
N THR A 622 -16.10 -13.20 39.33
CA THR A 622 -16.29 -11.88 39.94
C THR A 622 -16.64 -10.81 38.88
N ASP A 623 -16.45 -11.14 37.61
CA ASP A 623 -16.72 -10.17 36.54
C ASP A 623 -17.93 -10.53 35.69
N GLY A 624 -18.42 -11.76 35.82
CA GLY A 624 -19.56 -12.16 35.00
C GLY A 624 -19.79 -13.67 35.06
N SER A 625 -20.95 -14.10 34.62
N SER A 625 -20.94 -14.09 34.57
CA SER A 625 -21.18 -15.53 34.41
CA SER A 625 -21.20 -15.51 34.35
C SER A 625 -20.24 -16.06 33.32
C SER A 625 -20.19 -16.05 33.34
N LEU A 626 -19.93 -17.35 33.41
CA LEU A 626 -18.98 -18.01 32.49
C LEU A 626 -19.55 -19.36 32.08
N LEU A 627 -19.32 -19.76 30.83
CA LEU A 627 -19.48 -21.16 30.47
C LEU A 627 -18.09 -21.66 30.04
N GLN A 628 -17.59 -22.70 30.70
CA GLN A 628 -16.30 -23.26 30.33
C GLN A 628 -16.52 -24.63 29.70
N LEU A 629 -15.95 -24.80 28.51
CA LEU A 629 -16.05 -26.08 27.80
C LEU A 629 -14.64 -26.63 27.76
N TYR A 630 -14.38 -27.75 28.45
CA TYR A 630 -13.03 -28.31 28.48
C TYR A 630 -12.75 -29.19 27.27
N GLY A 631 -11.53 -29.14 26.76
CA GLY A 631 -11.11 -29.98 25.65
C GLY A 631 -10.70 -31.38 26.11
N SER A 632 -10.43 -32.22 25.13
CA SER A 632 -9.98 -33.59 25.37
C SER A 632 -8.59 -33.67 25.99
N ASN A 633 -7.81 -32.59 25.87
CA ASN A 633 -6.46 -32.60 26.47
C ASN A 633 -6.42 -32.06 27.88
N HIS A 634 -7.56 -31.52 28.35
CA HIS A 634 -7.59 -30.96 29.69
C HIS A 634 -7.29 -32.02 30.76
N THR A 635 -6.72 -31.62 31.89
CA THR A 635 -6.58 -32.52 33.04
C THR A 635 -7.85 -33.34 33.34
N TYR A 636 -9.01 -32.67 33.24
CA TYR A 636 -10.31 -33.32 33.38
C TYR A 636 -11.02 -33.22 32.03
N PRO A 637 -10.76 -34.19 31.15
CA PRO A 637 -11.20 -34.02 29.76
C PRO A 637 -12.71 -33.86 29.61
N ASN A 638 -13.11 -32.98 28.71
CA ASN A 638 -14.44 -33.06 28.12
C ASN A 638 -15.58 -32.70 29.09
N ARG A 639 -15.26 -32.03 30.19
CA ARG A 639 -16.28 -31.47 31.09
C ARG A 639 -16.85 -30.16 30.52
N ALA A 640 -18.06 -29.84 30.93
CA ALA A 640 -18.57 -28.48 30.72
C ALA A 640 -19.02 -27.97 32.07
N ILE A 641 -18.68 -26.72 32.40
CA ILE A 641 -19.09 -26.17 33.68
C ILE A 641 -19.68 -24.79 33.47
N LEU A 642 -20.89 -24.59 34.01
CA LEU A 642 -21.57 -23.29 33.93
C LEU A 642 -21.41 -22.58 35.27
N TYR A 643 -20.92 -21.33 35.24
CA TYR A 643 -20.73 -20.51 36.44
C TYR A 643 -21.70 -19.35 36.36
N ALA A 644 -22.66 -19.29 37.27
CA ALA A 644 -23.68 -18.22 37.16
C ALA A 644 -24.03 -17.76 38.58
N PRO A 645 -23.18 -16.90 39.18
CA PRO A 645 -23.43 -16.45 40.55
C PRO A 645 -24.83 -15.85 40.72
N GLY A 646 -25.38 -15.22 39.69
CA GLY A 646 -26.73 -14.65 39.78
C GLY A 646 -27.86 -15.65 39.57
N GLY A 647 -27.50 -16.92 39.42
CA GLY A 647 -28.49 -17.96 39.14
C GLY A 647 -28.45 -18.39 37.68
N ALA A 648 -28.58 -19.70 37.45
CA ALA A 648 -28.62 -20.23 36.10
C ALA A 648 -30.06 -20.60 35.78
N TYR A 649 -30.57 -20.14 34.64
CA TYR A 649 -31.98 -20.38 34.33
C TYR A 649 -32.15 -21.02 32.97
N THR A 650 -33.20 -21.84 32.84
CA THR A 650 -33.62 -22.32 31.53
C THR A 650 -35.05 -21.86 31.28
N GLN A 651 -35.28 -21.24 30.14
N GLN A 651 -35.28 -21.25 30.13
CA GLN A 651 -36.64 -20.84 29.82
CA GLN A 651 -36.64 -20.81 29.78
C GLN A 651 -37.50 -22.05 29.46
C GLN A 651 -37.50 -21.97 29.29
N ASN A 652 -36.88 -23.05 28.87
CA ASN A 652 -37.62 -24.17 28.29
C ASN A 652 -37.33 -25.51 28.93
N ASN A 653 -38.14 -26.51 28.57
CA ASN A 653 -38.02 -27.84 29.15
C ASN A 653 -36.60 -28.30 29.01
N PHE A 654 -36.08 -28.92 30.08
CA PHE A 654 -34.68 -29.27 30.14
C PHE A 654 -34.59 -30.76 30.38
N MET A 655 -33.97 -31.48 29.43
CA MET A 655 -34.12 -32.93 29.37
C MET A 655 -32.82 -33.60 29.01
N PRO A 656 -32.68 -34.88 29.39
CA PRO A 656 -31.57 -35.66 28.83
C PRO A 656 -31.90 -36.02 27.38
N TYR A 657 -30.89 -36.08 26.53
CA TYR A 657 -31.13 -36.45 25.12
C TYR A 657 -31.59 -37.90 24.97
N LEU A 658 -30.90 -38.81 25.65
CA LEU A 658 -31.30 -40.21 25.64
C LEU A 658 -32.25 -40.47 26.81
N ASP A 659 -33.15 -41.44 26.64
CA ASP A 659 -34.13 -41.79 27.65
C ASP A 659 -33.52 -42.86 28.56
N GLY A 660 -33.61 -42.63 29.88
CA GLY A 660 -33.22 -43.60 30.89
C GLY A 660 -31.74 -43.89 31.01
N GLN A 661 -30.87 -42.97 30.57
CA GLN A 661 -29.42 -43.27 30.53
C GLN A 661 -28.50 -42.26 31.22
N VAL A 662 -29.02 -41.07 31.50
CA VAL A 662 -28.25 -39.91 31.94
C VAL A 662 -28.74 -39.56 33.35
N SER A 663 -27.84 -39.42 34.31
CA SER A 663 -28.31 -39.11 35.66
C SER A 663 -28.42 -37.62 35.90
N LEU A 664 -29.30 -37.25 36.84
CA LEU A 664 -29.50 -35.87 37.27
C LEU A 664 -28.90 -35.78 38.66
N GLY A 665 -27.75 -35.14 38.76
CA GLY A 665 -26.90 -35.32 39.94
C GLY A 665 -26.14 -36.65 39.84
N GLY A 666 -25.35 -36.91 40.88
CA GLY A 666 -24.61 -38.15 40.99
C GLY A 666 -24.33 -38.45 42.46
N ALA A 667 -23.78 -39.63 42.73
CA ALA A 667 -23.54 -40.09 44.11
C ALA A 667 -22.69 -39.12 44.94
N SER A 668 -21.73 -38.45 44.31
CA SER A 668 -20.89 -37.46 45.00
CA SER A 668 -20.94 -37.46 45.06
C SER A 668 -21.18 -36.05 44.53
N ASN A 669 -22.29 -35.88 43.81
CA ASN A 669 -22.70 -34.56 43.31
C ASN A 669 -24.19 -34.47 43.46
N ARG A 670 -24.64 -34.45 44.71
CA ARG A 670 -26.07 -34.43 45.00
C ARG A 670 -26.58 -33.00 45.04
N TRP A 671 -27.71 -32.75 44.39
CA TRP A 671 -28.38 -31.44 44.55
C TRP A 671 -28.78 -31.31 46.01
N SER A 672 -28.82 -30.09 46.53
CA SER A 672 -29.24 -29.95 47.94
C SER A 672 -30.71 -30.33 48.11
N GLU A 673 -31.54 -29.96 47.12
CA GLU A 673 -32.98 -30.12 47.26
C GLU A 673 -33.55 -29.86 45.88
N VAL A 674 -34.66 -30.53 45.57
CA VAL A 674 -35.31 -30.43 44.26
C VAL A 674 -36.67 -29.77 44.49
N TYR A 675 -37.01 -28.80 43.65
CA TYR A 675 -38.25 -28.05 43.83
C TYR A 675 -39.12 -28.28 42.61
N ALA A 676 -40.34 -28.75 42.80
CA ALA A 676 -41.24 -29.00 41.65
C ALA A 676 -42.68 -28.89 42.11
N SER A 677 -43.59 -28.62 41.18
CA SER A 677 -44.96 -28.34 41.56
C SER A 677 -45.65 -29.60 42.07
N THR A 678 -45.24 -30.73 41.55
CA THR A 678 -45.71 -31.99 42.10
C THR A 678 -44.54 -32.73 42.67
N GLY A 679 -44.74 -33.34 43.84
CA GLY A 679 -43.68 -34.04 44.53
C GLY A 679 -43.50 -35.49 44.12
N THR A 680 -44.30 -35.95 43.17
CA THR A 680 -44.17 -37.31 42.66
C THR A 680 -43.41 -37.32 41.34
N ILE A 681 -42.31 -38.06 41.29
CA ILE A 681 -41.56 -38.18 40.03
C ILE A 681 -42.38 -39.01 39.04
N ASN A 682 -42.50 -38.52 37.82
CA ASN A 682 -43.19 -39.22 36.75
C ASN A 682 -42.24 -40.22 36.10
N THR A 683 -42.59 -41.50 36.13
CA THR A 683 -41.68 -42.52 35.65
C THR A 683 -41.99 -42.89 34.22
N ASN B 32 32.83 15.14 -20.12
CA ASN B 32 32.91 15.70 -18.77
C ASN B 32 34.14 16.56 -18.54
N LEU B 33 34.10 17.36 -17.48
CA LEU B 33 35.20 18.26 -17.15
C LEU B 33 35.23 18.49 -15.64
N THR B 34 36.43 18.50 -15.08
CA THR B 34 36.60 18.61 -13.63
C THR B 34 37.55 19.75 -13.39
N PHE B 35 37.26 20.63 -12.42
CA PHE B 35 38.21 21.69 -12.06
C PHE B 35 38.12 22.10 -10.57
N LYS B 36 39.14 22.83 -10.12
CA LYS B 36 39.30 23.13 -8.70
CA LYS B 36 39.26 23.12 -8.70
CA LYS B 36 39.32 23.14 -8.70
C LYS B 36 38.67 24.46 -8.31
N VAL B 37 37.89 24.46 -7.24
CA VAL B 37 37.23 25.68 -6.78
C VAL B 37 37.57 25.99 -5.33
N THR B 38 37.48 27.27 -4.97
CA THR B 38 37.72 27.71 -3.59
C THR B 38 36.44 27.58 -2.77
N THR B 39 35.29 27.55 -3.44
CA THR B 39 34.00 27.50 -2.77
C THR B 39 33.10 26.70 -3.68
N LEU B 40 32.22 25.87 -3.14
CA LEU B 40 31.33 25.12 -4.01
C LEU B 40 30.33 26.03 -4.72
N PRO B 41 30.14 25.79 -6.03
CA PRO B 41 29.23 26.64 -6.78
C PRO B 41 27.82 26.08 -6.63
N ASP B 42 26.91 26.60 -7.43
CA ASP B 42 25.51 26.16 -7.43
C ASP B 42 25.44 24.90 -8.28
N ILE B 43 25.74 23.77 -7.66
CA ILE B 43 25.97 22.53 -8.39
C ILE B 43 24.76 22.13 -9.24
N SER B 44 23.58 22.38 -8.73
CA SER B 44 22.36 21.99 -9.44
CA SER B 44 22.31 22.06 -9.42
C SER B 44 22.16 22.71 -10.78
N LYS B 45 22.87 23.80 -11.01
CA LYS B 45 22.70 24.51 -12.30
C LYS B 45 23.42 23.83 -13.44
N PHE B 46 24.41 23.00 -13.12
CA PHE B 46 25.31 22.49 -14.16
C PHE B 46 25.09 21.08 -14.57
N LYS B 47 25.62 20.74 -15.74
CA LYS B 47 25.59 19.34 -16.21
C LYS B 47 27.00 18.95 -16.61
N ASN B 48 27.32 17.66 -16.44
CA ASN B 48 28.58 17.08 -16.93
C ASN B 48 29.80 17.73 -16.30
N ALA B 49 29.68 18.14 -15.06
CA ALA B 49 30.76 18.88 -14.44
C ALA B 49 31.05 18.26 -13.10
N ALA B 50 32.29 18.40 -12.66
CA ALA B 50 32.63 18.03 -11.28
C ALA B 50 33.60 19.08 -10.72
N PHE B 51 33.54 19.27 -9.41
CA PHE B 51 34.23 20.39 -8.76
C PHE B 51 35.09 19.82 -7.65
N VAL B 52 36.39 20.08 -7.74
CA VAL B 52 37.32 19.64 -6.71
C VAL B 52 37.42 20.73 -5.66
N TYR B 53 37.14 20.35 -4.41
CA TYR B 53 36.99 21.31 -3.33
C TYR B 53 37.58 20.76 -2.03
N GLU B 54 38.30 21.63 -1.31
CA GLU B 54 38.86 21.26 0.00
C GLU B 54 38.02 21.85 1.13
N ARG B 55 36.94 21.17 1.50
CA ARG B 55 36.15 21.59 2.67
C ARG B 55 37.07 21.66 3.90
N ILE B 56 37.92 20.65 4.02
CA ILE B 56 38.98 20.61 5.02
C ILE B 56 40.28 20.81 4.25
N VAL B 57 41.10 21.76 4.69
CA VAL B 57 42.32 22.10 3.99
C VAL B 57 43.23 20.88 3.85
N GLY B 58 43.68 20.63 2.62
CA GLY B 58 44.58 19.52 2.30
C GLY B 58 43.90 18.20 1.99
N GLN B 59 42.57 18.21 2.03
CA GLN B 59 41.79 17.00 1.69
C GLN B 59 40.75 17.23 0.57
N PRO B 60 41.24 17.32 -0.68
CA PRO B 60 40.31 17.52 -1.81
C PRO B 60 39.38 16.32 -2.05
N LEU B 61 38.13 16.63 -2.36
CA LEU B 61 37.13 15.65 -2.75
C LEU B 61 36.42 16.28 -3.95
N THR B 62 35.82 15.44 -4.76
CA THR B 62 35.23 15.94 -5.99
C THR B 62 33.72 15.82 -5.93
N TYR B 63 33.04 16.93 -6.21
CA TYR B 63 31.58 16.97 -6.07
C TYR B 63 30.96 17.04 -7.46
N VAL B 64 30.10 16.09 -7.77
CA VAL B 64 29.60 15.99 -9.15
C VAL B 64 28.25 16.66 -9.38
N SER B 65 28.07 17.18 -10.58
CA SER B 65 26.75 17.60 -11.00
C SER B 65 26.01 16.43 -11.67
N GLU B 66 24.74 16.67 -11.97
CA GLU B 66 23.96 15.76 -12.80
C GLU B 66 24.65 15.52 -14.14
N GLY B 67 24.60 14.28 -14.60
CA GLY B 67 25.17 13.94 -15.89
C GLY B 67 26.65 13.55 -15.87
N PHE B 68 27.35 13.81 -14.76
CA PHE B 68 28.79 13.50 -14.74
C PHE B 68 29.00 11.98 -14.76
N PHE B 69 28.24 11.28 -13.90
CA PHE B 69 28.15 9.83 -13.97
C PHE B 69 26.75 9.43 -14.38
N ASP B 70 26.67 8.35 -15.14
CA ASP B 70 25.42 7.78 -15.55
C ASP B 70 24.92 6.84 -14.44
N GLY B 71 24.52 7.45 -13.33
CA GLY B 71 24.06 6.69 -12.18
C GLY B 71 23.01 7.48 -11.44
N ASN B 72 22.10 6.79 -10.77
CA ASN B 72 21.00 7.42 -10.06
C ASN B 72 20.63 6.62 -8.85
N LEU B 73 19.98 7.28 -7.89
CA LEU B 73 19.65 6.66 -6.61
C LEU B 73 18.16 6.30 -6.56
N THR B 74 17.85 5.13 -6.01
CA THR B 74 16.47 4.67 -5.80
C THR B 74 16.32 4.25 -4.36
N LYS B 75 15.21 4.63 -3.72
CA LYS B 75 14.88 4.11 -2.39
C LYS B 75 14.25 2.73 -2.55
N ILE B 76 14.72 1.73 -1.81
CA ILE B 76 14.30 0.35 -2.06
C ILE B 76 13.61 -0.35 -0.90
N THR B 77 13.67 0.22 0.33
CA THR B 77 12.74 -0.22 1.39
C THR B 77 12.02 0.97 1.96
N ASP B 78 10.85 0.72 2.53
CA ASP B 78 10.11 1.80 3.17
C ASP B 78 9.19 1.20 4.21
N THR B 79 9.77 0.70 5.29
CA THR B 79 9.00 0.07 6.36
C THR B 79 9.43 0.72 7.68
N PRO B 80 8.58 0.59 8.73
CA PRO B 80 8.89 1.29 9.99
C PRO B 80 9.90 0.54 10.85
N PHE B 81 10.31 -0.64 10.42
CA PHE B 81 11.44 -1.30 11.11
C PHE B 81 12.73 -0.53 10.87
N TYR B 82 13.73 -0.80 11.71
CA TYR B 82 15.07 -0.28 11.50
C TYR B 82 15.70 -1.24 10.47
N ASN B 83 15.65 -0.84 9.20
CA ASN B 83 16.14 -1.70 8.11
C ASN B 83 17.52 -1.23 7.72
N ALA B 84 18.53 -2.06 7.96
CA ALA B 84 19.89 -1.60 7.73
C ALA B 84 20.83 -2.76 7.48
N TRP B 85 22.08 -2.40 7.19
CA TRP B 85 23.17 -3.38 7.04
C TRP B 85 22.96 -4.41 5.92
N THR B 86 23.00 -3.92 4.68
CA THR B 86 23.19 -4.89 3.58
C THR B 86 24.64 -5.43 3.64
N GLN B 87 25.55 -4.73 4.34
CA GLN B 87 26.96 -5.19 4.34
C GLN B 87 27.07 -6.66 4.79
N ASP B 88 27.87 -7.49 4.10
CA ASP B 88 28.18 -7.33 2.68
C ASP B 88 27.62 -8.59 2.03
N LYS B 89 26.36 -8.52 1.58
CA LYS B 89 25.58 -9.74 1.33
C LYS B 89 24.89 -9.73 -0.02
N THR B 90 24.99 -8.64 -0.77
CA THR B 90 24.19 -8.59 -2.03
C THR B 90 24.72 -9.59 -3.06
N PHE B 91 23.81 -10.08 -3.91
CA PHE B 91 24.22 -10.94 -5.02
C PHE B 91 23.14 -10.94 -6.09
N VAL B 92 23.52 -11.40 -7.27
CA VAL B 92 22.59 -11.53 -8.38
C VAL B 92 22.59 -12.99 -8.77
N TYR B 93 21.40 -13.55 -8.95
CA TYR B 93 21.30 -14.96 -9.33
C TYR B 93 20.10 -15.13 -10.24
N ASP B 94 20.34 -15.77 -11.38
CA ASP B 94 19.27 -16.09 -12.34
C ASP B 94 18.41 -14.85 -12.62
N ASN B 95 19.12 -13.75 -12.94
CA ASN B 95 18.51 -12.49 -13.38
C ASN B 95 17.84 -11.65 -12.30
N VAL B 96 17.87 -12.12 -11.06
CA VAL B 96 17.21 -11.42 -9.95
C VAL B 96 18.29 -10.80 -9.05
N ILE B 97 18.10 -9.55 -8.64
CA ILE B 97 19.04 -8.91 -7.72
C ILE B 97 18.50 -9.10 -6.31
N TYR B 98 19.37 -9.60 -5.42
CA TYR B 98 19.03 -9.83 -4.01
C TYR B 98 19.75 -8.84 -3.12
N ALA B 99 19.00 -8.17 -2.26
CA ALA B 99 19.60 -7.24 -1.28
C ALA B 99 19.23 -7.75 0.12
N PRO B 100 20.06 -8.63 0.70
CA PRO B 100 19.78 -9.09 2.06
C PRO B 100 20.23 -8.01 3.06
N PHE B 101 19.58 -7.99 4.20
CA PHE B 101 19.81 -6.93 5.23
C PHE B 101 19.25 -7.44 6.53
N MET B 102 19.17 -6.60 7.54
CA MET B 102 18.55 -7.00 8.79
C MET B 102 17.45 -5.98 9.12
N ALA B 103 16.31 -6.51 9.51
CA ALA B 103 15.14 -5.69 9.87
C ALA B 103 14.93 -5.84 11.37
N GLY B 104 15.17 -4.76 12.11
CA GLY B 104 15.08 -4.83 13.58
C GLY B 104 14.59 -3.52 14.12
N GLU B 105 15.18 -3.08 15.22
CA GLU B 105 14.71 -1.83 15.86
C GLU B 105 15.86 -0.95 16.32
N ARG B 106 17.08 -1.47 16.32
CA ARG B 106 18.22 -0.73 16.87
C ARG B 106 19.52 -1.38 16.42
N HIS B 107 20.64 -0.78 16.81
CA HIS B 107 21.95 -1.41 16.58
C HIS B 107 22.15 -2.49 17.62
N GLY B 108 21.54 -3.65 17.35
CA GLY B 108 21.50 -4.77 18.28
C GLY B 108 20.54 -5.77 17.65
N VAL B 109 20.41 -6.94 18.27
CA VAL B 109 19.61 -8.00 17.63
C VAL B 109 18.23 -8.15 18.23
N GLN B 110 17.81 -7.18 19.06
CA GLN B 110 16.43 -7.19 19.56
C GLN B 110 15.44 -7.25 18.41
N ASN B 111 14.50 -8.18 18.49
CA ASN B 111 13.40 -8.29 17.52
C ASN B 111 13.78 -8.41 16.06
N LEU B 112 15.01 -8.83 15.80
CA LEU B 112 15.61 -8.71 14.46
C LEU B 112 15.45 -9.97 13.62
N HIS B 113 15.14 -9.77 12.32
CA HIS B 113 15.21 -10.86 11.34
C HIS B 113 16.27 -10.55 10.31
N VAL B 114 17.04 -11.57 9.89
CA VAL B 114 17.81 -11.43 8.67
C VAL B 114 16.75 -11.53 7.55
N ALA B 115 16.87 -10.68 6.55
CA ALA B 115 15.78 -10.57 5.55
C ALA B 115 16.36 -10.28 4.18
N TRP B 116 15.54 -10.26 3.12
CA TRP B 116 16.01 -9.62 1.91
C TRP B 116 14.85 -8.91 1.20
N VAL B 117 15.19 -7.99 0.32
CA VAL B 117 14.27 -7.56 -0.75
C VAL B 117 14.94 -7.87 -2.06
N LYS B 118 14.14 -7.97 -3.12
CA LYS B 118 14.62 -8.44 -4.42
C LYS B 118 14.12 -7.56 -5.49
N SER B 119 14.87 -7.48 -6.60
CA SER B 119 14.36 -6.80 -7.79
C SER B 119 14.37 -7.71 -9.00
N GLY B 120 13.22 -7.81 -9.67
CA GLY B 120 13.14 -8.57 -10.92
C GLY B 120 13.16 -7.67 -12.16
N ASP B 121 13.48 -6.38 -11.99
CA ASP B 121 13.48 -5.44 -13.12
C ASP B 121 14.73 -4.57 -13.16
N ASP B 122 15.87 -5.21 -12.90
CA ASP B 122 17.16 -4.50 -12.96
C ASP B 122 17.28 -3.38 -11.97
N GLY B 123 16.56 -3.49 -10.85
CA GLY B 123 16.73 -2.53 -9.78
C GLY B 123 15.76 -1.38 -9.78
N GLN B 124 14.76 -1.41 -10.68
CA GLN B 124 13.81 -0.29 -10.72
C GLN B 124 12.83 -0.37 -9.57
N THR B 125 12.31 -1.57 -9.29
CA THR B 125 11.34 -1.75 -8.21
C THR B 125 11.72 -2.96 -7.37
N TRP B 126 11.32 -2.95 -6.10
CA TRP B 126 11.84 -3.93 -5.14
C TRP B 126 10.70 -4.52 -4.32
N SER B 127 10.82 -5.81 -4.01
CA SER B 127 9.78 -6.56 -3.36
C SER B 127 9.62 -6.23 -1.87
N MET B 128 8.56 -6.78 -1.29
CA MET B 128 8.38 -6.65 0.17
C MET B 128 9.53 -7.42 0.88
N PRO B 129 9.88 -7.00 2.10
CA PRO B 129 10.89 -7.79 2.82
C PRO B 129 10.41 -9.22 3.08
N GLU B 130 11.32 -10.19 2.92
CA GLU B 130 11.02 -11.55 3.29
C GLU B 130 11.99 -11.89 4.42
N TRP B 131 11.47 -12.42 5.51
CA TRP B 131 12.33 -12.89 6.61
C TRP B 131 12.94 -14.21 6.24
N LEU B 132 14.27 -14.31 6.43
CA LEU B 132 15.01 -15.56 6.11
C LEU B 132 15.30 -16.32 7.38
N THR B 133 15.54 -15.61 8.47
CA THR B 133 15.68 -16.28 9.75
C THR B 133 14.44 -15.99 10.58
N PRO B 134 13.97 -16.98 11.35
CA PRO B 134 12.91 -16.71 12.34
C PRO B 134 13.56 -16.01 13.53
N ILE B 135 12.75 -15.47 14.44
CA ILE B 135 13.32 -15.07 15.72
C ILE B 135 13.95 -16.32 16.32
N HIS B 136 15.11 -16.17 16.97
CA HIS B 136 15.84 -17.33 17.45
C HIS B 136 14.96 -18.14 18.39
N PRO B 137 14.98 -19.46 18.26
CA PRO B 137 14.09 -20.27 19.11
C PRO B 137 14.39 -20.12 20.60
N ASP B 138 15.60 -19.71 20.96
CA ASP B 138 15.97 -19.54 22.37
C ASP B 138 16.09 -18.06 22.73
N TYR B 139 15.37 -17.22 22.00
CA TYR B 139 15.40 -15.78 22.20
C TYR B 139 15.16 -15.41 23.67
N THR B 140 14.08 -15.94 24.23
CA THR B 140 13.73 -15.57 25.60
C THR B 140 14.56 -16.33 26.64
N ALA B 141 14.76 -17.64 26.43
CA ALA B 141 15.48 -18.46 27.40
C ALA B 141 16.96 -18.11 27.51
N ASP B 142 17.59 -17.86 26.38
CA ASP B 142 19.05 -17.69 26.33
C ASP B 142 19.45 -16.25 26.01
N LYS B 143 18.48 -15.42 25.65
CA LYS B 143 18.71 -14.00 25.41
C LYS B 143 19.71 -13.77 24.27
N VAL B 144 19.43 -14.43 23.16
CA VAL B 144 20.25 -14.34 21.96
C VAL B 144 19.35 -14.21 20.75
N ASN B 145 19.92 -13.78 19.64
CA ASN B 145 19.18 -13.74 18.38
C ASN B 145 20.16 -13.75 17.22
N TYR B 146 19.65 -13.97 16.03
CA TYR B 146 20.49 -14.10 14.85
C TYR B 146 20.99 -12.77 14.27
N HIS B 147 21.95 -12.87 13.34
CA HIS B 147 22.61 -11.71 12.76
C HIS B 147 23.37 -12.22 11.57
N CYS B 148 23.56 -11.41 10.53
CA CYS B 148 24.33 -11.88 9.39
C CYS B 148 24.92 -10.74 8.61
N MET B 149 26.22 -10.83 8.29
CA MET B 149 26.86 -9.90 7.36
C MET B 149 27.62 -10.64 6.26
N SER B 150 27.42 -11.95 6.15
CA SER B 150 28.13 -12.68 5.09
C SER B 150 27.15 -13.64 4.44
N MET B 151 26.90 -13.49 3.14
CA MET B 151 25.93 -14.33 2.42
C MET B 151 26.27 -14.24 0.95
N GLY B 152 26.04 -15.32 0.22
CA GLY B 152 26.24 -15.31 -1.23
C GLY B 152 25.87 -16.64 -1.79
N VAL B 153 26.22 -16.85 -3.07
CA VAL B 153 25.85 -18.08 -3.74
C VAL B 153 27.11 -18.80 -4.17
N CYS B 154 27.13 -20.12 -4.01
CA CYS B 154 28.24 -20.90 -4.53
C CYS B 154 27.66 -22.22 -5.05
N GLY B 155 28.01 -22.59 -6.27
CA GLY B 155 27.57 -23.88 -6.83
C GLY B 155 26.08 -24.14 -6.72
N ASN B 156 25.28 -23.12 -7.03
CA ASN B 156 23.81 -23.21 -7.03
C ASN B 156 23.21 -23.45 -5.65
N ARG B 157 23.97 -23.10 -4.61
CA ARG B 157 23.46 -23.06 -3.23
C ARG B 157 23.61 -21.69 -2.63
N LEU B 158 22.62 -21.31 -1.82
CA LEU B 158 22.77 -20.11 -0.98
C LEU B 158 23.61 -20.51 0.21
N TYR B 159 24.61 -19.69 0.52
CA TYR B 159 25.40 -19.88 1.76
C TYR B 159 25.30 -18.61 2.59
N ALA B 160 25.21 -18.76 3.91
CA ALA B 160 25.21 -17.59 4.79
C ALA B 160 25.88 -17.95 6.10
N VAL B 161 26.65 -17.03 6.67
CA VAL B 161 27.13 -17.27 8.03
C VAL B 161 26.09 -16.61 8.95
N ILE B 162 25.22 -17.44 9.50
CA ILE B 162 24.20 -16.95 10.42
C ILE B 162 24.78 -16.99 11.82
N GLU B 163 24.92 -15.81 12.42
CA GLU B 163 25.56 -15.67 13.71
C GLU B 163 24.47 -15.66 14.79
N THR B 164 24.82 -16.16 15.98
CA THR B 164 23.98 -16.02 17.17
C THR B 164 24.68 -15.04 18.11
N ARG B 165 24.00 -13.95 18.44
CA ARG B 165 24.63 -12.90 19.26
C ARG B 165 23.80 -12.61 20.51
N TYR B 166 24.46 -12.18 21.58
CA TYR B 166 23.75 -11.85 22.81
C TYR B 166 22.99 -10.55 22.69
N LEU B 167 21.74 -10.56 23.16
CA LEU B 167 20.96 -9.31 23.23
C LEU B 167 21.66 -8.25 24.08
N SER B 168 22.32 -8.70 25.14
CA SER B 168 22.83 -7.73 26.12
C SER B 168 23.98 -6.89 25.59
N ASN B 169 24.93 -7.53 24.89
CA ASN B 169 26.16 -6.84 24.57
C ASN B 169 26.64 -7.07 23.14
N MET B 170 25.82 -7.74 22.34
CA MET B 170 26.09 -7.96 20.93
C MET B 170 27.28 -8.87 20.67
N ARG B 171 27.84 -9.50 21.71
CA ARG B 171 28.95 -10.41 21.45
C ARG B 171 28.52 -11.67 20.73
N LEU B 172 29.42 -12.19 19.91
CA LEU B 172 29.14 -13.37 19.09
C LEU B 172 29.21 -14.65 19.93
N LYS B 173 28.07 -15.31 20.12
CA LYS B 173 28.01 -16.54 20.92
C LYS B 173 28.51 -17.72 20.09
N LYS B 174 28.00 -17.83 18.87
CA LYS B 174 28.47 -18.86 17.97
C LYS B 174 28.06 -18.48 16.56
N ALA B 175 28.63 -19.16 15.59
CA ALA B 175 28.29 -18.88 14.18
C ALA B 175 28.08 -20.19 13.47
N GLU B 176 27.10 -20.21 12.56
CA GLU B 176 26.79 -21.43 11.81
C GLU B 176 26.81 -21.11 10.33
N LEU B 177 27.32 -22.03 9.52
CA LEU B 177 27.12 -21.94 8.09
C LEU B 177 25.76 -22.54 7.76
N TRP B 178 24.88 -21.73 7.16
CA TRP B 178 23.57 -22.22 6.72
C TRP B 178 23.62 -22.31 5.20
N SER B 179 23.08 -23.39 4.65
CA SER B 179 22.91 -23.46 3.18
C SER B 179 21.62 -24.11 2.77
N ARG B 180 21.13 -23.67 1.60
CA ARG B 180 19.99 -24.30 0.89
C ARG B 180 20.35 -24.32 -0.58
N PRO B 181 19.70 -25.21 -1.34
CA PRO B 181 19.82 -25.11 -2.80
C PRO B 181 19.15 -23.82 -3.23
N MET B 182 19.71 -23.11 -4.19
CA MET B 182 19.06 -21.88 -4.65
C MET B 182 17.75 -22.24 -5.32
N PRO B 183 16.79 -21.31 -5.32
CA PRO B 183 15.62 -21.50 -6.21
C PRO B 183 16.05 -21.42 -7.66
N TYR B 184 15.87 -22.51 -8.41
CA TYR B 184 16.27 -22.49 -9.82
C TYR B 184 15.39 -23.44 -10.65
N TYR B 185 15.47 -23.24 -11.96
CA TYR B 185 14.70 -23.99 -12.96
C TYR B 185 15.66 -24.57 -13.99
N ARG B 186 15.41 -25.80 -14.43
CA ARG B 186 16.16 -26.40 -15.53
C ARG B 186 15.20 -27.07 -16.49
N ARG B 187 15.62 -27.15 -17.75
CA ARG B 187 14.84 -27.85 -18.76
C ARG B 187 15.77 -28.85 -19.44
N PRO B 188 16.01 -30.00 -18.79
CA PRO B 188 16.99 -30.94 -19.34
C PRO B 188 16.38 -31.89 -20.38
N THR B 189 17.23 -32.68 -21.03
CA THR B 189 16.76 -33.73 -21.93
C THR B 189 17.35 -35.07 -21.48
N GLY B 190 16.49 -36.07 -21.26
CA GLY B 190 16.98 -37.38 -20.83
C GLY B 190 17.56 -37.36 -19.42
N GLY B 191 18.26 -38.42 -19.06
CA GLY B 191 18.97 -38.47 -17.78
C GLY B 191 18.23 -39.09 -16.61
N ILE B 192 17.04 -39.62 -16.83
CA ILE B 192 16.31 -40.24 -15.74
C ILE B 192 16.18 -41.73 -16.04
N THR B 193 16.66 -42.57 -15.12
CA THR B 193 16.62 -44.03 -15.35
C THR B 193 16.14 -44.73 -14.08
N ILE B 194 15.37 -45.81 -14.24
CA ILE B 194 14.88 -46.59 -13.12
C ILE B 194 14.87 -48.05 -13.55
N SER B 195 15.40 -48.94 -12.71
CA SER B 195 15.35 -50.38 -13.04
C SER B 195 14.05 -51.01 -12.55
N SER B 196 13.51 -51.97 -13.31
CA SER B 196 12.27 -52.61 -12.89
C SER B 196 12.47 -53.24 -11.53
N GLY B 197 11.50 -53.10 -10.63
CA GLY B 197 11.61 -53.62 -9.28
C GLY B 197 12.24 -52.69 -8.26
N SER B 198 12.83 -51.58 -8.73
CA SER B 198 13.52 -50.64 -7.83
C SER B 198 12.63 -49.45 -7.50
N THR B 199 12.82 -48.88 -6.32
CA THR B 199 12.20 -47.59 -5.97
C THR B 199 13.20 -46.44 -6.11
N THR B 200 14.40 -46.73 -6.59
CA THR B 200 15.40 -45.67 -6.76
C THR B 200 15.38 -45.16 -8.21
N ALA B 201 15.09 -43.86 -8.38
CA ALA B 201 15.28 -43.24 -9.68
C ALA B 201 16.58 -42.42 -9.69
N THR B 202 17.39 -42.63 -10.71
CA THR B 202 18.65 -41.90 -10.87
C THR B 202 18.45 -40.72 -11.82
N ILE B 203 18.86 -39.53 -11.38
CA ILE B 203 18.64 -38.30 -12.14
C ILE B 203 19.97 -37.63 -12.45
N VAL B 204 20.24 -37.43 -13.73
CA VAL B 204 21.42 -36.70 -14.14
C VAL B 204 21.03 -35.24 -14.34
N LEU B 205 21.70 -34.35 -13.61
CA LEU B 205 21.40 -32.93 -13.65
C LEU B 205 22.70 -32.21 -13.32
N LYS B 206 23.29 -31.56 -14.32
CA LYS B 206 24.64 -31.05 -14.14
CA LYS B 206 24.64 -31.01 -14.17
C LYS B 206 24.71 -29.98 -13.05
N LYS B 207 25.72 -30.11 -12.19
CA LYS B 207 26.01 -29.11 -11.16
C LYS B 207 24.74 -28.78 -10.37
N HIS B 208 24.06 -29.81 -9.92
CA HIS B 208 22.77 -29.63 -9.27
C HIS B 208 22.85 -28.92 -7.90
N GLY B 209 23.95 -29.10 -7.18
CA GLY B 209 24.12 -28.42 -5.90
C GLY B 209 23.20 -28.94 -4.82
N LEU B 210 22.54 -30.08 -5.03
CA LEU B 210 21.59 -30.58 -4.04
C LEU B 210 22.24 -31.46 -2.99
N LYS B 211 21.59 -31.53 -1.82
CA LYS B 211 21.99 -32.45 -0.76
C LYS B 211 20.81 -33.34 -0.37
N VAL B 212 21.11 -34.47 0.27
CA VAL B 212 20.03 -35.34 0.75
C VAL B 212 19.02 -34.55 1.60
N GLY B 213 17.74 -34.77 1.29
CA GLY B 213 16.68 -34.09 1.99
C GLY B 213 16.21 -32.83 1.28
N ASP B 214 16.94 -32.35 0.27
CA ASP B 214 16.48 -31.14 -0.43
C ASP B 214 15.19 -31.42 -1.23
N ALA B 215 14.36 -30.40 -1.36
CA ALA B 215 13.03 -30.50 -1.92
C ALA B 215 13.08 -30.06 -3.37
N VAL B 216 12.52 -30.90 -4.26
CA VAL B 216 12.57 -30.63 -5.70
C VAL B 216 11.23 -30.89 -6.34
N ASN B 217 11.12 -30.58 -7.63
CA ASN B 217 9.87 -30.77 -8.34
C ASN B 217 10.13 -31.10 -9.78
N PHE B 218 9.37 -32.07 -10.30
CA PHE B 218 9.48 -32.53 -11.67
C PHE B 218 8.21 -32.36 -12.46
N SER B 219 8.35 -32.02 -13.73
CA SER B 219 7.17 -32.05 -14.61
C SER B 219 7.57 -32.63 -15.96
N ASN B 220 6.64 -33.40 -16.56
CA ASN B 220 6.83 -33.95 -17.92
C ASN B 220 8.09 -34.81 -18.06
N SER B 221 8.43 -35.55 -17.01
CA SER B 221 9.69 -36.28 -17.00
C SER B 221 9.74 -37.41 -18.02
N GLY B 222 8.58 -37.90 -18.44
CA GLY B 222 8.56 -39.11 -19.26
C GLY B 222 9.02 -40.36 -18.52
N ALA B 223 9.09 -40.29 -17.20
CA ALA B 223 9.50 -41.42 -16.36
C ALA B 223 8.48 -41.64 -15.24
N THR B 224 7.70 -42.71 -15.36
CA THR B 224 6.65 -43.01 -14.41
C THR B 224 7.16 -42.99 -12.96
N GLY B 225 6.44 -42.24 -12.12
CA GLY B 225 6.79 -42.15 -10.72
C GLY B 225 7.67 -40.97 -10.39
N VAL B 226 8.30 -40.38 -11.39
CA VAL B 226 9.14 -39.20 -11.15
C VAL B 226 8.33 -37.99 -11.59
N SER B 227 7.62 -37.41 -10.63
CA SER B 227 6.59 -36.43 -10.95
C SER B 227 6.24 -35.64 -9.72
N GLY B 228 6.01 -34.34 -9.90
CA GLY B 228 5.54 -33.51 -8.81
C GLY B 228 6.63 -33.30 -7.77
N ASN B 229 6.19 -33.05 -6.55
CA ASN B 229 7.12 -32.77 -5.45
C ASN B 229 7.81 -34.03 -4.94
N MET B 230 9.14 -34.00 -4.87
CA MET B 230 9.93 -35.14 -4.36
C MET B 230 11.08 -34.63 -3.51
N THR B 231 11.82 -35.57 -2.90
CA THR B 231 12.92 -35.22 -2.01
C THR B 231 14.17 -35.92 -2.51
N VAL B 232 15.33 -35.30 -2.42
CA VAL B 232 16.59 -35.96 -2.80
C VAL B 232 16.89 -37.08 -1.79
N ALA B 233 17.09 -38.28 -2.30
CA ALA B 233 17.35 -39.46 -1.46
C ALA B 233 18.84 -39.72 -1.31
N SER B 234 19.61 -39.45 -2.35
CA SER B 234 21.06 -39.64 -2.27
C SER B 234 21.72 -38.78 -3.31
N VAL B 235 23.01 -38.51 -3.13
CA VAL B 235 23.77 -37.78 -4.12
C VAL B 235 24.92 -38.65 -4.55
N ILE B 236 25.04 -38.87 -5.86
CA ILE B 236 26.06 -39.82 -6.37
C ILE B 236 27.34 -39.08 -6.75
N ASN B 237 27.19 -37.94 -7.42
CA ASN B 237 28.33 -37.11 -7.79
C ASN B 237 27.85 -35.71 -8.16
N LYS B 238 28.73 -34.89 -8.73
CA LYS B 238 28.41 -33.47 -8.98
C LYS B 238 27.21 -33.32 -9.89
N ASP B 239 26.98 -34.32 -10.72
CA ASP B 239 25.98 -34.24 -11.76
C ASP B 239 24.85 -35.26 -11.60
N THR B 240 24.83 -36.01 -10.50
CA THR B 240 23.89 -37.12 -10.40
C THR B 240 23.35 -37.28 -8.98
N PHE B 241 22.02 -37.44 -8.86
CA PHE B 241 21.42 -37.70 -7.55
C PHE B 241 20.30 -38.71 -7.72
N THR B 242 19.69 -39.12 -6.62
CA THR B 242 18.54 -40.04 -6.72
C THR B 242 17.34 -39.53 -5.95
N VAL B 243 16.17 -40.03 -6.32
CA VAL B 243 14.95 -39.79 -5.54
C VAL B 243 14.28 -41.15 -5.33
N THR B 244 13.47 -41.27 -4.29
CA THR B 244 12.77 -42.54 -4.03
C THR B 244 11.34 -42.47 -4.50
N LEU B 245 10.93 -43.47 -5.26
CA LEU B 245 9.56 -43.58 -5.73
C LEU B 245 8.62 -44.08 -4.63
N ALA B 246 7.37 -43.65 -4.67
CA ALA B 246 6.35 -44.13 -3.72
C ALA B 246 6.15 -45.64 -3.83
N ARG B 247 6.26 -46.17 -5.05
CA ARG B 247 6.10 -47.60 -5.31
C ARG B 247 7.12 -47.97 -6.36
N ALA B 248 7.58 -49.23 -6.33
CA ALA B 248 8.57 -49.73 -7.27
C ALA B 248 8.16 -49.58 -8.73
N ALA B 249 9.14 -49.33 -9.61
CA ALA B 249 8.89 -49.36 -11.05
C ALA B 249 8.54 -50.78 -11.47
N THR B 250 7.64 -50.88 -12.44
CA THR B 250 7.20 -52.20 -12.90
C THR B 250 7.69 -52.46 -14.33
N SER B 251 8.56 -51.58 -14.82
CA SER B 251 9.31 -51.82 -16.05
C SER B 251 10.63 -51.09 -15.92
N ASN B 252 11.56 -51.35 -16.83
CA ASN B 252 12.77 -50.54 -16.94
C ASN B 252 12.48 -49.23 -17.64
N ILE B 253 12.83 -48.12 -17.00
CA ILE B 253 12.46 -46.80 -17.50
C ILE B 253 13.72 -46.01 -17.83
N ASP B 254 13.74 -45.39 -19.01
CA ASP B 254 14.84 -44.51 -19.40
C ASP B 254 14.26 -43.39 -20.28
N ASN B 255 14.31 -42.14 -19.80
CA ASN B 255 13.65 -41.07 -20.56
C ASN B 255 14.53 -40.39 -21.61
N THR B 256 15.58 -41.07 -22.08
CA THR B 256 16.42 -40.54 -23.16
C THR B 256 15.57 -39.90 -24.27
N GLY B 257 15.93 -38.70 -24.68
CA GLY B 257 15.22 -38.04 -25.75
C GLY B 257 14.07 -37.18 -25.30
N THR B 258 13.61 -37.36 -24.06
CA THR B 258 12.48 -36.58 -23.54
C THR B 258 12.98 -35.29 -22.88
N THR B 259 12.42 -34.16 -23.30
CA THR B 259 12.75 -32.88 -22.63
C THR B 259 11.76 -32.63 -21.50
N TRP B 260 12.28 -32.30 -20.32
CA TRP B 260 11.44 -32.24 -19.15
C TRP B 260 11.75 -30.98 -18.35
N HIS B 261 11.09 -30.82 -17.21
CA HIS B 261 11.22 -29.61 -16.39
CA HIS B 261 11.20 -29.60 -16.39
C HIS B 261 11.57 -29.96 -14.95
N PHE B 262 12.48 -29.18 -14.37
CA PHE B 262 12.93 -29.42 -13.00
C PHE B 262 12.98 -28.09 -12.27
N GLY B 263 12.56 -28.08 -11.02
CA GLY B 263 12.72 -26.88 -10.19
C GLY B 263 13.12 -27.32 -8.80
N THR B 264 13.97 -26.52 -8.16
CA THR B 264 14.17 -26.74 -6.75
C THR B 264 13.00 -26.15 -5.98
N ARG B 265 12.86 -26.55 -4.73
CA ARG B 265 11.89 -25.90 -3.85
C ARG B 265 12.66 -25.31 -2.67
N PHE B 266 13.21 -24.12 -2.87
CA PHE B 266 14.09 -23.51 -1.85
C PHE B 266 13.39 -23.43 -0.51
N TRP B 267 12.12 -23.00 -0.55
CA TRP B 267 11.40 -22.73 0.70
C TRP B 267 10.93 -23.99 1.43
N ASP B 268 10.98 -25.13 0.74
CA ASP B 268 10.62 -26.39 1.36
C ASP B 268 11.85 -27.24 1.72
N SER B 269 13.05 -26.74 1.45
CA SER B 269 14.27 -27.52 1.74
C SER B 269 14.79 -27.16 3.12
N PRO B 270 15.09 -28.18 3.93
CA PRO B 270 15.71 -27.91 5.24
C PRO B 270 17.02 -27.16 5.05
N TRP B 271 17.32 -26.19 5.91
CA TRP B 271 18.64 -25.57 5.91
C TRP B 271 19.66 -26.59 6.41
N GLU B 272 20.78 -26.71 5.72
CA GLU B 272 21.94 -27.39 6.29
C GLU B 272 22.56 -26.39 7.24
N ILE B 273 22.78 -26.80 8.49
CA ILE B 273 23.28 -25.89 9.50
C ILE B 273 24.50 -26.53 10.17
N THR B 274 25.65 -25.86 10.06
CA THR B 274 26.92 -26.40 10.54
C THR B 274 27.61 -25.39 11.44
N GLU B 275 27.87 -25.80 12.68
CA GLU B 275 28.59 -24.90 13.58
C GLU B 275 30.03 -24.69 13.11
N LEU B 276 30.53 -23.46 13.19
CA LEU B 276 31.90 -23.16 12.77
C LEU B 276 32.75 -23.07 14.02
N PRO B 277 33.63 -24.06 14.25
CA PRO B 277 34.39 -24.06 15.52
C PRO B 277 35.25 -22.80 15.75
N ASP B 278 35.16 -22.31 16.98
CA ASP B 278 35.94 -21.17 17.45
C ASP B 278 35.58 -19.82 16.84
N VAL B 279 34.51 -19.76 16.05
CA VAL B 279 34.08 -18.48 15.50
C VAL B 279 33.11 -17.92 16.51
N ALA B 280 33.65 -17.13 17.45
CA ALA B 280 32.87 -16.60 18.56
C ALA B 280 33.70 -15.53 19.25
N TYR B 281 33.05 -14.70 20.05
CA TYR B 281 33.80 -13.83 20.93
C TYR B 281 34.70 -14.64 21.83
N SER B 282 35.90 -14.11 22.03
CA SER B 282 36.82 -14.67 23.03
C SER B 282 37.69 -13.55 23.53
N THR B 283 38.14 -13.65 24.77
CA THR B 283 39.10 -12.68 25.28
C THR B 283 40.53 -13.03 24.87
N ASN B 284 40.69 -14.20 24.23
CA ASN B 284 41.95 -14.55 23.59
C ASN B 284 42.00 -13.95 22.18
N ALA B 285 42.99 -13.12 21.91
CA ALA B 285 43.02 -12.35 20.65
C ALA B 285 43.12 -13.21 19.41
N ASP B 286 43.74 -14.38 19.54
CA ASP B 286 43.89 -15.26 18.40
C ASP B 286 42.65 -16.09 18.08
N LEU B 287 41.72 -16.21 19.03
CA LEU B 287 40.47 -16.93 18.78
C LEU B 287 39.34 -15.97 18.43
N CYS B 288 39.35 -14.78 19.05
CA CYS B 288 38.19 -13.89 18.99
C CYS B 288 37.73 -13.58 17.56
N VAL B 289 36.42 -13.63 17.36
CA VAL B 289 35.85 -13.10 16.12
C VAL B 289 34.79 -12.10 16.52
N THR B 290 34.90 -10.89 15.98
CA THR B 290 33.91 -9.82 16.25
C THR B 290 32.75 -9.97 15.28
N GLU B 291 33.09 -10.05 14.00
CA GLU B 291 32.07 -10.21 12.94
C GLU B 291 32.63 -11.06 11.83
N THR B 292 31.74 -11.88 11.24
CA THR B 292 31.98 -12.39 9.90
C THR B 292 31.27 -11.47 8.89
N HIS B 293 31.88 -11.25 7.73
CA HIS B 293 31.43 -10.13 6.89
C HIS B 293 31.99 -10.35 5.49
N SER B 294 31.13 -10.26 4.47
CA SER B 294 31.52 -10.45 3.07
C SER B 294 31.73 -11.91 2.69
N PHE B 295 31.60 -12.16 1.39
CA PHE B 295 31.64 -13.54 0.87
C PHE B 295 32.10 -13.49 -0.56
N THR B 296 32.99 -14.41 -0.95
CA THR B 296 33.34 -14.50 -2.36
C THR B 296 33.70 -15.93 -2.72
N VAL B 297 33.28 -16.36 -3.92
CA VAL B 297 33.59 -17.68 -4.44
C VAL B 297 34.94 -17.70 -5.17
N ILE B 298 35.77 -18.68 -4.82
CA ILE B 298 37.03 -18.91 -5.51
C ILE B 298 36.86 -20.00 -6.60
N ASP B 299 36.11 -21.05 -6.29
CA ASP B 299 35.85 -22.12 -7.26
C ASP B 299 34.43 -22.61 -7.07
N ASP B 300 33.56 -22.28 -8.02
CA ASP B 300 32.15 -22.60 -7.90
C ASP B 300 31.91 -24.14 -7.90
N ASP B 301 32.62 -24.86 -8.76
CA ASP B 301 32.32 -26.28 -8.92
C ASP B 301 32.83 -27.09 -7.71
N ASN B 302 33.86 -26.58 -7.05
CA ASN B 302 34.44 -27.30 -5.92
C ASN B 302 34.08 -26.70 -4.57
N TYR B 303 33.16 -25.73 -4.59
CA TYR B 303 32.69 -25.11 -3.36
C TYR B 303 33.81 -24.52 -2.53
N THR B 304 34.74 -23.86 -3.21
CA THR B 304 35.81 -23.14 -2.50
C THR B 304 35.40 -21.68 -2.40
N PHE B 305 35.33 -21.18 -1.18
CA PHE B 305 34.93 -19.76 -0.99
C PHE B 305 35.56 -19.18 0.24
N ALA B 306 35.44 -17.86 0.41
CA ALA B 306 36.02 -17.19 1.55
C ALA B 306 35.00 -16.24 2.15
N VAL B 307 35.07 -16.14 3.47
CA VAL B 307 34.25 -15.24 4.28
C VAL B 307 35.19 -14.27 4.98
N GLY B 308 34.89 -12.97 4.99
CA GLY B 308 35.75 -12.03 5.71
C GLY B 308 35.48 -12.13 7.19
N TYR B 309 36.48 -11.75 7.99
CA TYR B 309 36.24 -11.66 9.43
C TYR B 309 37.24 -10.69 10.07
N HIS B 310 36.91 -10.23 11.25
CA HIS B 310 37.92 -9.54 12.06
C HIS B 310 37.66 -9.70 13.54
N ASN B 311 38.73 -9.48 14.30
CA ASN B 311 38.62 -9.28 15.73
C ASN B 311 38.95 -7.81 15.99
N GLY B 312 37.95 -7.04 16.46
CA GLY B 312 38.14 -5.64 16.82
C GLY B 312 37.86 -5.43 18.31
N ASP B 313 37.76 -6.52 19.06
CA ASP B 313 37.44 -6.45 20.49
C ASP B 313 38.67 -6.58 21.39
N ILE B 314 39.63 -7.40 20.97
CA ILE B 314 40.78 -7.69 21.82
C ILE B 314 42.05 -7.32 21.10
N SER B 315 42.89 -6.43 21.67
CA SER B 315 44.17 -6.15 21.03
C SER B 315 45.11 -7.31 21.29
N PRO B 316 45.96 -7.66 20.30
CA PRO B 316 46.10 -7.08 18.97
C PRO B 316 45.00 -7.59 18.04
N ARG B 317 44.50 -6.70 17.18
CA ARG B 317 43.46 -7.12 16.25
C ARG B 317 43.96 -8.13 15.23
N ARG B 318 43.00 -8.86 14.65
CA ARG B 318 43.27 -9.74 13.51
C ARG B 318 42.21 -9.46 12.48
N LEU B 319 42.58 -9.50 11.21
CA LEU B 319 41.58 -9.28 10.16
C LEU B 319 42.00 -10.15 9.00
N GLY B 320 41.05 -10.82 8.37
CA GLY B 320 41.42 -11.59 7.21
C GLY B 320 40.23 -12.32 6.66
N ILE B 321 40.47 -13.56 6.24
CA ILE B 321 39.41 -14.39 5.69
C ILE B 321 39.36 -15.73 6.38
N LEU B 322 38.18 -16.33 6.35
CA LEU B 322 38.02 -17.75 6.65
C LEU B 322 37.93 -18.42 5.29
N TYR B 323 38.89 -19.29 4.99
CA TYR B 323 38.96 -19.92 3.67
C TYR B 323 38.44 -21.35 3.76
N PHE B 324 37.39 -21.63 3.00
CA PHE B 324 36.78 -22.97 2.95
C PHE B 324 37.20 -23.71 1.69
N ASN B 325 37.99 -24.78 1.83
N ASN B 325 38.00 -24.78 1.81
CA ASN B 325 38.47 -25.46 0.64
CA ASN B 325 38.49 -25.44 0.59
C ASN B 325 37.35 -26.19 -0.11
C ASN B 325 37.52 -26.45 -0.04
N ASN B 326 36.42 -26.75 0.65
CA ASN B 326 35.28 -27.45 0.06
C ASN B 326 34.12 -27.43 1.03
N ALA B 327 33.28 -26.41 0.90
CA ALA B 327 32.20 -26.23 1.85
C ALA B 327 31.06 -27.19 1.64
N TYR B 328 31.00 -27.82 0.47
CA TYR B 328 29.93 -28.80 0.22
C TYR B 328 30.21 -30.08 1.00
N SER B 329 31.41 -30.63 0.84
CA SER B 329 31.77 -31.87 1.52
CA SER B 329 31.72 -31.87 1.53
C SER B 329 32.13 -31.67 2.99
N ASP B 330 32.71 -30.50 3.30
CA ASP B 330 33.24 -30.24 4.61
C ASP B 330 32.92 -28.83 5.08
N PRO B 331 31.65 -28.54 5.36
CA PRO B 331 31.26 -27.16 5.68
C PRO B 331 31.83 -26.65 6.98
N SER B 332 32.35 -27.52 7.86
CA SER B 332 32.94 -26.99 9.10
C SER B 332 34.42 -26.75 8.95
N SER B 333 34.97 -27.02 7.78
CA SER B 333 36.43 -26.98 7.63
C SER B 333 36.92 -25.70 6.96
N PHE B 334 37.66 -24.87 7.69
CA PHE B 334 38.17 -23.62 7.11
C PHE B 334 39.47 -23.27 7.81
N THR B 335 40.26 -22.39 7.19
N THR B 335 40.22 -22.36 7.19
CA THR B 335 41.47 -21.88 7.82
CA THR B 335 41.45 -21.85 7.78
C THR B 335 41.45 -20.35 7.85
C THR B 335 41.33 -20.34 7.91
N ARG B 336 41.98 -19.77 8.92
CA ARG B 336 42.09 -18.31 9.02
C ARG B 336 43.36 -17.84 8.31
N ARG B 337 43.20 -16.88 7.41
CA ARG B 337 44.32 -16.30 6.67
C ARG B 337 44.24 -14.79 6.85
N THR B 338 45.21 -14.25 7.57
CA THR B 338 45.14 -12.85 7.99
C THR B 338 46.04 -11.92 7.15
N ILE B 339 45.70 -10.64 7.18
CA ILE B 339 46.58 -9.62 6.61
C ILE B 339 47.56 -9.16 7.67
N SER B 340 48.59 -8.42 7.24
CA SER B 340 49.64 -7.94 8.16
C SER B 340 49.08 -7.10 9.29
N GLN B 341 49.75 -7.15 10.43
CA GLN B 341 49.30 -6.46 11.62
C GLN B 341 49.11 -4.98 11.41
N GLU B 342 49.99 -4.32 10.66
CA GLU B 342 49.87 -2.86 10.60
CA GLU B 342 49.92 -2.86 10.54
C GLU B 342 48.67 -2.42 9.80
N TYR B 343 48.09 -3.34 9.04
CA TYR B 343 46.84 -3.04 8.31
C TYR B 343 45.57 -3.54 9.03
N ALA B 344 45.76 -4.46 9.99
CA ALA B 344 44.64 -4.91 10.84
C ALA B 344 44.41 -3.96 12.01
N ASP B 345 45.46 -3.25 12.43
CA ASP B 345 45.28 -2.31 13.52
C ASP B 345 44.21 -1.31 13.15
N ASN B 346 43.36 -0.94 14.10
CA ASN B 346 42.32 0.07 13.82
C ASN B 346 41.52 -0.24 12.56
N ALA B 347 41.25 -1.52 12.32
CA ALA B 347 40.49 -1.92 11.12
C ALA B 347 39.39 -2.94 11.43
N ALA B 348 38.49 -3.12 10.47
CA ALA B 348 37.35 -4.02 10.67
C ALA B 348 36.76 -4.36 9.29
N GLU B 349 35.88 -5.36 9.29
CA GLU B 349 34.87 -5.54 8.21
C GLU B 349 35.44 -5.55 6.80
N PRO B 350 36.27 -6.54 6.50
CA PRO B 350 36.81 -6.59 5.15
C PRO B 350 35.73 -6.93 4.13
N CYS B 351 35.76 -6.25 2.99
CA CYS B 351 34.99 -6.71 1.83
C CYS B 351 35.97 -7.44 0.94
N ILE B 352 35.56 -8.62 0.48
CA ILE B 352 36.47 -9.47 -0.31
C ILE B 352 35.81 -9.93 -1.61
N LYS B 353 36.54 -9.89 -2.72
CA LYS B 353 36.00 -10.39 -3.99
C LYS B 353 37.14 -11.01 -4.77
N TYR B 354 36.90 -12.17 -5.36
CA TYR B 354 37.90 -12.85 -6.16
C TYR B 354 37.59 -12.73 -7.66
N TYR B 355 38.61 -12.40 -8.46
CA TYR B 355 38.46 -12.35 -9.93
C TYR B 355 39.75 -12.84 -10.56
N ASP B 356 39.60 -13.81 -11.46
CA ASP B 356 40.69 -14.22 -12.34
C ASP B 356 41.99 -14.48 -11.56
N GLY B 357 41.89 -15.23 -10.48
CA GLY B 357 43.10 -15.62 -9.75
C GLY B 357 43.57 -14.66 -8.69
N ILE B 358 42.92 -13.50 -8.58
CA ILE B 358 43.34 -12.51 -7.60
C ILE B 358 42.22 -12.25 -6.59
N LEU B 359 42.56 -12.30 -5.31
CA LEU B 359 41.61 -11.98 -4.27
C LEU B 359 41.86 -10.53 -3.85
N TYR B 360 40.82 -9.69 -3.92
CA TYR B 360 40.93 -8.27 -3.52
C TYR B 360 40.20 -8.07 -2.20
N LEU B 361 40.70 -7.12 -1.41
CA LEU B 361 40.15 -6.91 -0.08
C LEU B 361 40.21 -5.43 0.22
N THR B 362 39.16 -4.90 0.85
CA THR B 362 39.28 -3.56 1.44
C THR B 362 38.92 -3.65 2.91
N THR B 363 39.45 -2.74 3.73
CA THR B 363 39.07 -2.72 5.13
C THR B 363 38.31 -1.43 5.47
N ARG B 364 37.61 -1.48 6.59
CA ARG B 364 37.04 -0.29 7.24
C ARG B 364 38.06 0.21 8.27
N GLY B 365 38.35 1.51 8.28
CA GLY B 365 39.13 2.10 9.38
C GLY B 365 38.21 2.39 10.56
N THR B 366 38.72 2.23 11.78
CA THR B 366 37.85 2.38 12.94
C THR B 366 38.16 3.65 13.74
N SER B 367 39.16 4.42 13.29
CA SER B 367 39.49 5.66 13.99
C SER B 367 39.79 6.84 13.05
N THR B 368 39.21 8.00 13.36
CA THR B 368 39.50 9.21 12.59
C THR B 368 40.96 9.67 12.72
N SER B 369 41.60 9.22 13.79
CA SER B 369 42.95 9.68 14.06
C SER B 369 44.04 8.62 13.89
N ALA B 370 43.71 7.54 13.20
CA ALA B 370 44.67 6.50 12.86
C ALA B 370 44.54 6.19 11.40
N ALA B 371 45.61 5.65 10.81
CA ALA B 371 45.56 5.24 9.40
C ALA B 371 44.35 4.35 9.16
N GLY B 372 43.64 4.62 8.08
CA GLY B 372 42.36 3.98 7.87
C GLY B 372 42.33 2.87 6.81
N SER B 373 41.25 2.87 6.05
CA SER B 373 41.00 1.83 5.07
C SER B 373 42.17 1.58 4.17
N THR B 374 42.36 0.30 3.87
CA THR B 374 43.42 -0.22 3.01
C THR B 374 42.79 -1.04 1.91
N LEU B 375 43.38 -0.99 0.72
CA LEU B 375 43.05 -1.89 -0.37
C LEU B 375 44.19 -2.93 -0.48
N ALA B 376 43.86 -4.21 -0.66
CA ALA B 376 44.90 -5.23 -0.69
C ALA B 376 44.55 -6.29 -1.72
N MET B 377 45.56 -7.01 -2.22
CA MET B 377 45.30 -8.09 -3.14
C MET B 377 46.22 -9.25 -2.79
N SER B 378 45.77 -10.46 -3.13
CA SER B 378 46.56 -11.66 -2.93
C SER B 378 46.42 -12.55 -4.14
N ALA B 379 47.56 -13.08 -4.63
CA ALA B 379 47.56 -13.98 -5.75
C ALA B 379 47.72 -15.42 -5.27
N ASP B 380 47.73 -15.62 -3.95
CA ASP B 380 47.84 -16.96 -3.40
C ASP B 380 46.80 -17.24 -2.32
N LEU B 381 45.58 -16.74 -2.55
CA LEU B 381 44.42 -17.14 -1.78
C LEU B 381 44.56 -16.71 -0.33
N GLY B 382 45.23 -15.59 -0.12
CA GLY B 382 45.24 -14.98 1.19
C GLY B 382 46.46 -15.30 2.03
N GLU B 383 47.40 -16.06 1.52
CA GLU B 383 48.59 -16.36 2.33
C GLU B 383 49.54 -15.18 2.35
N ASN B 384 49.59 -14.45 1.23
CA ASN B 384 50.44 -13.24 1.16
C ASN B 384 49.69 -12.13 0.43
N TRP B 385 49.84 -10.90 0.90
CA TRP B 385 49.11 -9.76 0.34
C TRP B 385 50.05 -8.63 -0.05
N ASN B 386 49.61 -7.84 -1.03
CA ASN B 386 50.17 -6.52 -1.29
C ASN B 386 49.16 -5.48 -0.83
N TYR B 387 49.66 -4.37 -0.30
CA TYR B 387 48.80 -3.39 0.36
C TYR B 387 48.93 -1.99 -0.21
N LEU B 388 47.80 -1.28 -0.25
CA LEU B 388 47.77 0.14 -0.63
C LEU B 388 46.83 0.83 0.35
N ARG B 389 47.38 1.65 1.24
CA ARG B 389 46.54 2.39 2.16
C ARG B 389 45.88 3.55 1.44
N PHE B 390 44.59 3.77 1.71
CA PHE B 390 44.00 5.05 1.24
C PHE B 390 44.55 6.21 2.08
N PRO B 391 44.88 7.33 1.44
CA PRO B 391 45.34 8.49 2.24
C PRO B 391 44.22 9.07 3.15
N ASN B 392 44.61 9.79 4.21
CA ASN B 392 43.65 10.59 4.97
C ASN B 392 42.68 9.82 5.89
N ASN B 393 43.09 8.64 6.38
CA ASN B 393 42.36 7.98 7.47
C ASN B 393 40.88 7.78 7.13
N VAL B 394 40.61 7.07 6.03
CA VAL B 394 39.23 6.75 5.69
C VAL B 394 38.68 5.84 6.79
N HIS B 395 37.53 6.21 7.36
CA HIS B 395 37.06 5.48 8.57
C HIS B 395 35.55 5.47 8.67
N HIS B 396 35.07 4.57 9.52
CA HIS B 396 33.65 4.39 9.92
C HIS B 396 32.78 3.71 8.87
N THR B 397 33.33 3.45 7.69
CA THR B 397 32.57 2.86 6.61
C THR B 397 33.28 1.59 6.06
N ASN B 398 32.54 0.52 5.78
CA ASN B 398 33.14 -0.54 4.96
C ASN B 398 33.19 0.00 3.52
N LEU B 399 34.00 -0.63 2.68
CA LEU B 399 34.24 -0.12 1.34
C LEU B 399 33.95 -1.24 0.36
N PRO B 400 32.65 -1.52 0.12
CA PRO B 400 32.34 -2.59 -0.84
C PRO B 400 32.65 -2.15 -2.29
N PHE B 401 32.86 -3.13 -3.17
CA PHE B 401 33.37 -2.81 -4.49
C PHE B 401 33.11 -3.95 -5.43
N ALA B 402 33.25 -3.66 -6.72
CA ALA B 402 33.29 -4.72 -7.73
C ALA B 402 34.38 -4.39 -8.72
N LYS B 403 34.90 -5.42 -9.38
CA LYS B 403 35.79 -5.22 -10.52
C LYS B 403 34.99 -5.32 -11.81
N VAL B 404 35.12 -4.29 -12.65
CA VAL B 404 34.51 -4.28 -13.98
C VAL B 404 35.62 -3.94 -14.96
N GLY B 405 35.96 -4.86 -15.84
CA GLY B 405 37.11 -4.61 -16.69
C GLY B 405 38.33 -4.35 -15.86
N ASP B 406 39.05 -3.28 -16.18
CA ASP B 406 40.32 -3.04 -15.51
C ASP B 406 40.15 -2.26 -14.22
N TYR B 407 38.91 -1.97 -13.81
CA TYR B 407 38.74 -1.04 -12.68
C TYR B 407 38.03 -1.67 -11.49
N LEU B 408 38.44 -1.27 -10.29
CA LEU B 408 37.61 -1.47 -9.10
C LEU B 408 36.77 -0.22 -8.88
N TYR B 409 35.46 -0.42 -8.72
CA TYR B 409 34.57 0.65 -8.33
C TYR B 409 34.31 0.47 -6.86
N ILE B 410 34.74 1.44 -6.06
CA ILE B 410 34.73 1.30 -4.60
C ILE B 410 33.88 2.40 -3.98
N PHE B 411 33.02 2.03 -3.03
CA PHE B 411 32.04 2.99 -2.46
C PHE B 411 32.12 3.06 -0.97
N GLY B 412 31.81 4.23 -0.41
CA GLY B 412 31.71 4.36 1.03
C GLY B 412 30.81 5.52 1.36
N THR B 413 30.32 5.58 2.59
CA THR B 413 29.39 6.64 2.98
C THR B 413 29.79 7.09 4.38
N GLU B 414 29.87 8.41 4.65
CA GLU B 414 30.10 8.82 6.04
C GLU B 414 28.79 8.67 6.85
N ARG B 415 28.92 8.55 8.16
CA ARG B 415 27.75 8.27 9.01
C ARG B 415 26.90 9.52 9.23
N SER B 416 27.58 10.66 9.20
CA SER B 416 26.94 11.96 9.38
C SER B 416 27.82 12.98 8.66
N PHE B 417 27.25 14.12 8.29
CA PHE B 417 28.00 15.07 7.47
C PHE B 417 29.33 15.48 8.12
N GLY B 418 30.37 15.48 7.31
CA GLY B 418 31.67 16.02 7.69
C GLY B 418 32.56 15.08 8.49
N GLU B 419 32.20 13.82 8.59
CA GLU B 419 33.05 12.87 9.30
C GLU B 419 34.03 12.17 8.37
N TRP B 420 33.82 12.28 7.06
CA TRP B 420 34.68 11.53 6.12
C TRP B 420 36.17 11.86 6.24
N GLU B 421 36.49 13.14 6.27
CA GLU B 421 37.88 13.57 6.27
C GLU B 421 38.67 13.08 7.50
N GLY B 422 39.92 12.72 7.27
CA GLY B 422 40.78 12.27 8.37
C GLY B 422 40.89 13.34 9.44
N GLN B 423 40.86 12.88 10.69
CA GLN B 423 40.94 13.71 11.91
C GLN B 423 39.63 14.46 12.26
N GLU B 424 38.63 14.44 11.40
CA GLU B 424 37.39 15.12 11.77
C GLU B 424 36.66 14.37 12.87
N LEU B 425 36.03 15.11 13.77
CA LEU B 425 35.33 14.50 14.88
C LEU B 425 33.94 14.03 14.47
N ASP B 426 33.40 13.10 15.25
CA ASP B 426 32.04 12.65 14.97
C ASP B 426 31.09 13.85 15.12
N ASN B 427 30.05 13.87 14.31
CA ASN B 427 29.09 14.98 14.23
C ASN B 427 27.68 14.43 14.44
N ARG B 428 27.36 14.00 15.66
CA ARG B 428 26.09 13.33 15.89
C ARG B 428 25.14 14.22 16.65
N TYR B 429 23.91 13.73 16.86
CA TYR B 429 22.91 14.42 17.70
C TYR B 429 22.26 15.65 17.05
N LYS B 430 22.42 15.79 15.75
CA LYS B 430 21.64 16.77 14.99
CA LYS B 430 21.69 16.79 14.96
C LYS B 430 21.47 16.21 13.58
N GLY B 431 20.42 16.67 12.90
CA GLY B 431 20.14 16.17 11.55
C GLY B 431 21.19 16.71 10.59
N THR B 432 21.73 15.83 9.75
CA THR B 432 22.75 16.23 8.77
C THR B 432 22.59 15.50 7.45
N TYR B 433 23.38 15.93 6.47
CA TYR B 433 23.36 15.29 5.14
C TYR B 433 24.71 14.59 4.85
N PRO B 434 24.88 13.38 5.36
CA PRO B 434 26.12 12.62 5.04
C PRO B 434 26.32 12.37 3.54
N ARG B 435 27.59 12.51 3.11
CA ARG B 435 28.02 12.31 1.73
C ARG B 435 28.36 10.85 1.46
N THR B 436 27.94 10.36 0.30
CA THR B 436 28.42 9.08 -0.23
C THR B 436 29.46 9.33 -1.33
N PHE B 437 30.51 8.49 -1.33
CA PHE B 437 31.62 8.67 -2.26
C PHE B 437 31.91 7.39 -3.02
N MET B 438 32.51 7.56 -4.19
CA MET B 438 32.92 6.43 -5.02
C MET B 438 34.29 6.78 -5.57
N CYS B 439 35.17 5.78 -5.67
CA CYS B 439 36.37 5.99 -6.48
C CYS B 439 36.51 4.84 -7.48
N LYS B 440 37.36 5.04 -8.48
CA LYS B 440 37.48 4.11 -9.57
C LYS B 440 38.98 3.86 -9.73
N ILE B 441 39.44 2.66 -9.39
CA ILE B 441 40.88 2.42 -9.34
C ILE B 441 41.27 1.45 -10.45
N ASN B 442 42.22 1.86 -11.28
CA ASN B 442 42.72 1.00 -12.34
C ASN B 442 43.69 -0.06 -11.78
N VAL B 443 43.31 -1.32 -11.91
CA VAL B 443 44.11 -2.41 -11.37
C VAL B 443 44.55 -3.36 -12.51
N SER B 444 44.55 -2.85 -13.74
CA SER B 444 45.09 -3.65 -14.86
C SER B 444 46.52 -4.09 -14.52
N SER B 445 47.28 -3.21 -13.88
CA SER B 445 48.38 -3.67 -13.06
C SER B 445 48.16 -3.07 -11.68
N TRP B 446 48.78 -3.64 -10.67
CA TRP B 446 48.57 -3.15 -9.32
C TRP B 446 49.12 -1.72 -9.19
N PRO B 447 48.29 -0.78 -8.68
CA PRO B 447 48.76 0.61 -8.59
C PRO B 447 50.01 0.76 -7.74
N VAL B 448 50.83 1.73 -8.12
CA VAL B 448 51.99 2.09 -7.30
C VAL B 448 51.55 2.72 -5.99
N SER B 449 50.48 3.52 -6.02
CA SER B 449 50.07 4.26 -4.83
C SER B 449 48.66 4.78 -5.00
N LEU B 450 47.96 4.92 -3.88
CA LEU B 450 46.65 5.57 -3.89
C LEU B 450 46.73 7.02 -3.37
N SER B 451 47.93 7.59 -3.24
CA SER B 451 48.05 8.94 -2.70
CA SER B 451 48.05 8.93 -2.68
C SER B 451 47.20 9.94 -3.45
N ASN B 452 47.04 9.73 -4.76
CA ASN B 452 46.25 10.67 -5.57
C ASN B 452 44.84 10.19 -5.87
N VAL B 453 44.29 9.31 -5.03
CA VAL B 453 42.94 8.79 -5.27
C VAL B 453 41.94 9.93 -5.32
N GLN B 454 41.04 9.85 -6.28
CA GLN B 454 39.99 10.84 -6.41
C GLN B 454 38.67 10.26 -5.95
N TRP B 455 38.19 10.72 -4.78
CA TRP B 455 36.87 10.30 -4.32
C TRP B 455 35.84 11.27 -4.87
N PHE B 456 34.78 10.73 -5.43
CA PHE B 456 33.65 11.53 -5.98
C PHE B 456 32.46 11.44 -5.06
N ASN B 457 31.94 12.58 -4.61
CA ASN B 457 30.71 12.61 -3.84
C ASN B 457 29.59 12.50 -4.88
N ILE B 458 28.90 11.37 -4.88
CA ILE B 458 27.94 11.04 -5.93
C ILE B 458 26.47 11.18 -5.52
N THR B 459 26.20 11.18 -4.22
CA THR B 459 24.85 11.37 -3.68
C THR B 459 25.00 11.71 -2.21
N ASP B 460 23.99 12.38 -1.63
CA ASP B 460 23.97 12.68 -0.20
C ASP B 460 22.73 12.08 0.42
N GLN B 461 22.91 11.53 1.61
CA GLN B 461 21.85 10.87 2.37
C GLN B 461 21.47 11.78 3.56
N ILE B 462 20.56 11.30 4.40
CA ILE B 462 20.18 11.99 5.63
C ILE B 462 20.49 11.15 6.86
N TYR B 463 21.09 11.81 7.87
CA TYR B 463 21.24 11.23 9.20
C TYR B 463 20.22 11.96 10.08
N GLN B 464 19.34 11.20 10.74
CA GLN B 464 18.18 11.83 11.43
C GLN B 464 18.61 12.67 12.64
N GLY B 465 19.47 12.11 13.49
CA GLY B 465 20.10 12.96 14.51
C GLY B 465 19.60 12.84 15.95
N HIS B 466 18.48 12.19 16.22
CA HIS B 466 18.02 12.11 17.62
C HIS B 466 18.54 10.88 18.38
N ILE B 467 19.30 10.02 17.72
CA ILE B 467 20.14 9.05 18.45
C ILE B 467 21.54 9.09 17.86
N VAL B 468 22.51 8.64 18.64
CA VAL B 468 23.90 8.73 18.19
C VAL B 468 24.17 7.80 16.99
N ASN B 469 23.45 6.67 16.91
CA ASN B 469 23.75 5.68 15.89
C ASN B 469 23.25 6.14 14.53
N SER B 470 23.97 5.73 13.49
CA SER B 470 23.60 6.04 12.11
C SER B 470 23.56 4.78 11.28
N ALA B 471 22.52 4.65 10.46
CA ALA B 471 22.42 3.52 9.53
C ALA B 471 23.02 3.87 8.18
N CYS B 472 23.53 5.10 8.01
CA CYS B 472 23.99 5.54 6.69
C CYS B 472 25.17 4.73 6.23
N GLY B 473 25.10 4.20 5.00
CA GLY B 473 26.18 3.39 4.46
C GLY B 473 26.03 1.92 4.78
N VAL B 474 27.07 1.35 5.42
CA VAL B 474 27.13 -0.08 5.78
C VAL B 474 26.53 -0.96 4.67
N GLY B 475 27.08 -0.77 3.46
CA GLY B 475 26.44 -1.25 2.24
C GLY B 475 27.19 -2.38 1.56
N SER B 476 26.80 -2.59 0.31
CA SER B 476 27.25 -3.77 -0.43
C SER B 476 27.14 -3.46 -1.91
N VAL B 477 27.97 -4.12 -2.73
CA VAL B 477 27.99 -3.86 -4.17
C VAL B 477 27.77 -5.16 -4.93
N CYS B 478 26.91 -5.10 -5.95
CA CYS B 478 26.79 -6.26 -6.85
C CYS B 478 26.60 -5.75 -8.28
N VAL B 479 26.70 -6.65 -9.26
CA VAL B 479 26.62 -6.24 -10.65
C VAL B 479 25.71 -7.19 -11.39
N LYS B 480 24.86 -6.63 -12.27
CA LYS B 480 24.06 -7.43 -13.19
C LYS B 480 24.22 -6.82 -14.59
N ASP B 481 24.83 -7.58 -15.49
CA ASP B 481 25.03 -7.14 -16.86
C ASP B 481 25.68 -5.76 -16.91
N GLY B 482 25.04 -4.78 -17.53
CA GLY B 482 25.68 -3.49 -17.66
C GLY B 482 25.41 -2.50 -16.54
N TRP B 483 24.89 -2.98 -15.41
CA TRP B 483 24.64 -2.08 -14.26
C TRP B 483 25.37 -2.57 -13.04
N LEU B 484 25.93 -1.63 -12.29
CA LEU B 484 26.49 -1.95 -10.97
C LEU B 484 25.55 -1.30 -9.93
N TYR B 485 25.38 -1.96 -8.78
CA TYR B 485 24.53 -1.49 -7.69
C TYR B 485 25.31 -1.34 -6.41
N TYR B 486 25.33 -0.13 -5.85
CA TYR B 486 25.80 0.06 -4.48
C TYR B 486 24.51 0.18 -3.66
N ILE B 487 24.27 -0.78 -2.77
CA ILE B 487 23.01 -0.86 -2.05
C ILE B 487 23.33 -0.68 -0.58
N PHE B 488 22.71 0.33 0.04
CA PHE B 488 23.25 0.84 1.32
C PHE B 488 22.18 1.61 2.07
N GLY B 489 22.52 2.07 3.26
CA GLY B 489 21.50 2.71 4.07
C GLY B 489 21.50 4.23 4.07
N GLY B 490 20.32 4.79 4.35
CA GLY B 490 20.19 6.22 4.63
C GLY B 490 18.98 6.39 5.53
N GLU B 491 18.87 7.56 6.14
CA GLU B 491 17.75 7.84 7.01
C GLU B 491 16.89 8.96 6.40
N ASP B 492 16.04 9.52 7.24
CA ASP B 492 15.18 10.66 6.88
C ASP B 492 15.03 11.45 8.16
N PHE B 493 14.41 12.61 8.12
CA PHE B 493 14.41 13.49 9.30
C PHE B 493 13.35 13.13 10.35
N LEU B 494 12.51 12.12 10.09
CA LEU B 494 11.47 11.77 11.06
C LEU B 494 12.05 10.98 12.22
N SER B 495 11.95 11.56 13.41
CA SER B 495 12.53 10.96 14.62
C SER B 495 11.91 9.62 15.01
N PRO B 496 12.73 8.71 15.57
CA PRO B 496 12.20 7.50 16.22
C PRO B 496 11.66 7.74 17.63
N TRP B 497 11.88 8.93 18.20
CA TRP B 497 11.41 9.19 19.57
C TRP B 497 11.92 8.21 20.65
N SER B 498 13.15 7.69 20.46
CA SER B 498 13.78 6.88 21.51
C SER B 498 13.97 7.73 22.76
N ILE B 499 14.36 8.97 22.54
CA ILE B 499 14.28 10.01 23.57
C ILE B 499 12.97 10.71 23.29
N GLY B 500 12.01 10.48 24.16
CA GLY B 500 10.62 10.79 23.84
C GLY B 500 9.72 9.68 24.34
N ASP B 501 8.62 9.42 23.65
CA ASP B 501 7.64 8.46 24.17
C ASP B 501 7.88 7.05 23.68
N ASN B 502 8.97 6.84 22.94
CA ASN B 502 9.19 5.50 22.36
C ASN B 502 10.57 4.92 22.66
N SER B 503 10.97 4.99 23.93
CA SER B 503 12.23 4.35 24.33
C SER B 503 12.20 2.82 24.07
N LYS B 504 11.01 2.23 24.03
CA LYS B 504 10.86 0.81 23.71
CA LYS B 504 10.89 0.82 23.72
C LYS B 504 11.16 0.48 22.24
N LYS B 505 11.27 1.52 21.39
CA LYS B 505 11.61 1.37 19.96
C LYS B 505 10.59 0.59 19.14
N LEU B 506 9.33 0.71 19.52
CA LEU B 506 8.24 0.07 18.80
C LEU B 506 8.15 0.65 17.39
N TRP B 507 8.26 -0.21 16.38
CA TRP B 507 8.27 0.25 15.00
C TRP B 507 6.89 0.79 14.60
N TYR B 508 5.85 0.30 15.24
CA TYR B 508 4.50 0.70 14.81
C TYR B 508 3.99 1.99 15.45
N LYS B 509 4.79 2.59 16.32
CA LYS B 509 4.41 3.86 16.95
CA LYS B 509 4.41 3.87 16.95
C LYS B 509 4.93 5.04 16.10
N HIS B 510 4.07 6.03 15.84
CA HIS B 510 4.45 7.22 15.08
C HIS B 510 5.06 6.80 13.75
N ASP B 511 6.25 7.29 13.42
CA ASP B 511 6.86 6.99 12.14
C ASP B 511 7.82 5.83 12.20
N GLY B 512 7.85 5.13 13.33
CA GLY B 512 8.83 4.05 13.46
C GLY B 512 10.25 4.58 13.26
N HIS B 513 11.11 3.76 12.67
CA HIS B 513 12.54 4.06 12.51
C HIS B 513 12.87 4.53 11.10
N PRO B 514 13.73 5.55 11.01
CA PRO B 514 13.96 6.19 9.71
C PRO B 514 14.99 5.46 8.84
N ALA B 515 15.61 4.39 9.36
CA ALA B 515 16.61 3.63 8.58
C ALA B 515 15.94 2.78 7.50
N ASP B 516 16.35 3.02 6.26
CA ASP B 516 15.85 2.26 5.10
C ASP B 516 16.96 2.14 4.07
N LEU B 517 16.73 1.34 3.02
CA LEU B 517 17.81 1.08 2.06
C LEU B 517 17.62 1.80 0.75
N TYR B 518 18.74 2.07 0.08
CA TYR B 518 18.79 2.75 -1.21
C TYR B 518 19.70 1.97 -2.15
N SER B 519 19.49 2.16 -3.46
CA SER B 519 20.36 1.53 -4.44
C SER B 519 20.84 2.59 -5.42
N TYR B 520 22.16 2.74 -5.52
CA TYR B 520 22.77 3.61 -6.52
C TYR B 520 23.14 2.71 -7.69
N ARG B 521 22.45 2.91 -8.82
CA ARG B 521 22.60 2.03 -10.00
C ARG B 521 23.41 2.80 -11.04
N LEU B 522 24.61 2.29 -11.36
CA LEU B 522 25.58 2.98 -12.18
C LEU B 522 25.85 2.16 -13.44
N LYS B 523 25.81 2.85 -14.57
CA LYS B 523 26.13 2.24 -15.85
C LYS B 523 27.62 1.91 -15.93
N ILE B 524 27.96 0.65 -16.24
CA ILE B 524 29.36 0.25 -16.26
C ILE B 524 29.82 -0.40 -17.58
N THR B 525 28.92 -0.53 -18.55
CA THR B 525 29.29 -1.00 -19.89
CA THR B 525 29.38 -0.86 -19.89
C THR B 525 28.44 -0.24 -20.91
N GLU B 526 28.69 -0.48 -22.19
CA GLU B 526 27.78 0.07 -23.22
C GLU B 526 26.42 -0.55 -23.06
N HIS B 527 25.36 0.26 -23.25
CA HIS B 527 24.01 -0.26 -23.28
C HIS B 527 23.49 -0.27 -24.70
N ASP B 528 23.72 -1.40 -25.37
CA ASP B 528 23.42 -1.53 -26.79
C ASP B 528 22.02 -2.09 -26.99
N PHE B 529 21.06 -1.38 -26.40
CA PHE B 529 19.65 -1.77 -26.43
C PHE B 529 18.82 -0.55 -26.16
N VAL B 530 17.55 -0.59 -26.54
CA VAL B 530 16.65 0.51 -26.26
C VAL B 530 16.20 0.42 -24.81
N SER B 531 15.85 1.56 -24.22
CA SER B 531 15.57 1.63 -22.80
C SER B 531 14.58 0.60 -22.29
N ARG B 532 14.93 0.01 -21.14
CA ARG B 532 14.03 -0.89 -20.41
C ARG B 532 13.33 -0.14 -19.29
N ASP B 533 13.59 1.17 -19.14
CA ASP B 533 13.09 1.83 -17.94
C ASP B 533 11.62 2.22 -18.04
N PHE B 534 10.97 2.25 -16.89
CA PHE B 534 9.59 2.76 -16.83
C PHE B 534 9.42 3.60 -15.59
N LYS B 535 8.44 4.48 -15.63
CA LYS B 535 7.94 5.18 -14.47
C LYS B 535 6.90 4.28 -13.79
N TYR B 536 6.85 4.26 -12.48
CA TYR B 536 5.87 3.42 -11.79
C TYR B 536 4.60 4.23 -11.53
N GLY B 537 3.48 3.77 -12.10
CA GLY B 537 2.22 4.50 -11.90
C GLY B 537 1.10 3.57 -11.46
N ALA B 538 1.45 2.40 -10.95
CA ALA B 538 0.48 1.39 -10.57
C ALA B 538 0.02 1.59 -9.14
N THR B 539 -1.15 1.04 -8.82
CA THR B 539 -1.52 0.90 -7.41
C THR B 539 -0.70 -0.25 -6.82
N PRO B 540 0.15 0.01 -5.80
CA PRO B 540 0.97 -1.09 -5.28
C PRO B 540 0.07 -2.14 -4.64
N ASN B 541 0.22 -3.40 -5.05
CA ASN B 541 -0.81 -4.36 -4.67
C ASN B 541 -0.21 -5.75 -4.44
N ARG B 542 1.00 -5.75 -3.85
CA ARG B 542 1.61 -7.02 -3.48
C ARG B 542 1.48 -7.31 -1.99
N THR B 543 1.68 -6.29 -1.15
CA THR B 543 1.66 -6.59 0.30
C THR B 543 0.28 -7.07 0.74
N LEU B 544 -0.77 -6.38 0.32
CA LEU B 544 -2.12 -6.82 0.66
C LEU B 544 -2.90 -6.65 -0.62
N PRO B 545 -2.94 -7.69 -1.46
CA PRO B 545 -3.50 -7.48 -2.82
C PRO B 545 -5.01 -7.27 -2.82
N VAL B 546 -5.42 -6.08 -3.26
CA VAL B 546 -6.84 -5.69 -3.18
C VAL B 546 -7.42 -5.46 -4.56
N SER B 547 -8.63 -5.97 -4.76
CA SER B 547 -9.37 -5.70 -5.99
C SER B 547 -10.73 -5.23 -5.54
N MET B 548 -11.33 -4.32 -6.31
CA MET B 548 -12.70 -3.93 -6.05
C MET B 548 -13.65 -4.97 -6.64
N GLY B 549 -14.44 -5.60 -5.79
CA GLY B 549 -15.33 -6.67 -6.26
C GLY B 549 -16.54 -6.17 -7.05
N THR B 550 -17.24 -7.09 -7.69
CA THR B 550 -18.50 -6.69 -8.34
C THR B 550 -19.53 -6.31 -7.28
N ASP B 551 -19.26 -6.66 -6.01
CA ASP B 551 -20.08 -6.28 -4.86
C ASP B 551 -19.77 -4.85 -4.38
N GLY B 552 -18.80 -4.21 -5.02
CA GLY B 552 -18.44 -2.85 -4.60
C GLY B 552 -17.61 -2.79 -3.32
N VAL B 553 -17.05 -3.91 -2.89
CA VAL B 553 -16.23 -3.92 -1.67
C VAL B 553 -14.82 -4.40 -2.03
N ARG B 554 -13.82 -3.89 -1.32
CA ARG B 554 -12.45 -4.34 -1.49
C ARG B 554 -12.26 -5.77 -1.01
N HIS B 555 -11.68 -6.60 -1.88
CA HIS B 555 -11.33 -7.99 -1.52
C HIS B 555 -9.85 -8.15 -1.45
N VAL B 556 -9.38 -8.73 -0.34
CA VAL B 556 -7.94 -9.01 -0.16
C VAL B 556 -7.68 -10.45 -0.55
N SER B 557 -6.73 -10.64 -1.46
CA SER B 557 -6.52 -11.96 -2.11
C SER B 557 -5.26 -12.66 -1.64
N ALA B 558 -5.00 -12.62 -0.34
CA ALA B 558 -3.90 -13.44 0.25
C ALA B 558 -4.25 -13.75 1.70
N PRO B 559 -3.78 -14.89 2.22
CA PRO B 559 -3.85 -15.08 3.67
C PRO B 559 -2.99 -14.03 4.38
N VAL B 560 -3.43 -13.61 5.55
CA VAL B 560 -2.70 -12.54 6.26
C VAL B 560 -2.69 -12.88 7.71
N THR B 561 -1.54 -12.65 8.37
CA THR B 561 -1.43 -12.83 9.81
C THR B 561 -1.09 -11.50 10.44
N PHE B 562 -1.96 -11.05 11.35
CA PHE B 562 -1.74 -9.78 12.09
C PHE B 562 -0.99 -10.11 13.36
N ASP B 563 0.24 -9.61 13.50
CA ASP B 563 1.05 -9.90 14.68
C ASP B 563 0.68 -9.03 15.89
N ASN B 564 -0.22 -8.07 15.71
CA ASN B 564 -0.62 -7.19 16.81
C ASN B 564 -2.14 -7.17 17.03
N ASP B 565 -2.57 -6.44 18.08
CA ASP B 565 -4.01 -6.28 18.37
C ASP B 565 -4.78 -5.75 17.17
N VAL B 566 -5.92 -6.36 16.89
CA VAL B 566 -6.81 -5.89 15.82
C VAL B 566 -8.17 -5.52 16.41
N GLN B 567 -8.73 -4.40 15.96
CA GLN B 567 -10.13 -4.07 16.28
C GLN B 567 -10.88 -3.92 14.99
N MET B 568 -12.18 -4.22 15.00
N MET B 568 -12.18 -4.25 14.99
CA MET B 568 -12.98 -3.99 13.80
CA MET B 568 -13.01 -4.19 13.79
C MET B 568 -14.40 -3.67 14.18
C MET B 568 -14.44 -3.78 14.13
N TYR B 569 -15.05 -2.93 13.30
CA TYR B 569 -16.42 -2.48 13.57
C TYR B 569 -17.41 -3.62 13.78
N SER B 570 -17.38 -4.60 12.86
CA SER B 570 -18.20 -5.80 12.93
C SER B 570 -17.40 -6.87 12.21
N LEU B 571 -17.79 -8.11 12.44
CA LEU B 571 -17.10 -9.25 11.81
C LEU B 571 -18.11 -10.26 11.25
N THR B 572 -17.93 -10.63 9.99
CA THR B 572 -18.62 -11.82 9.46
C THR B 572 -17.56 -12.80 8.97
N VAL B 573 -17.66 -14.03 9.44
CA VAL B 573 -16.73 -15.08 8.97
C VAL B 573 -17.50 -15.84 7.88
N THR B 574 -16.93 -15.90 6.68
CA THR B 574 -17.73 -16.25 5.49
C THR B 574 -17.59 -17.70 4.99
N GLY B 575 -16.39 -18.29 5.09
CA GLY B 575 -16.14 -19.57 4.42
C GLY B 575 -16.31 -19.47 2.90
N LEU B 576 -16.21 -18.28 2.34
CA LEU B 576 -16.44 -18.13 0.89
C LEU B 576 -15.14 -17.84 0.16
N GLU B 577 -14.67 -18.77 -0.68
CA GLU B 577 -13.37 -18.55 -1.30
C GLU B 577 -13.43 -17.83 -2.63
N HIS B 578 -12.26 -17.54 -3.18
CA HIS B 578 -12.13 -16.79 -4.46
C HIS B 578 -13.03 -17.36 -5.57
N ASP B 579 -13.03 -18.67 -5.74
CA ASP B 579 -13.76 -19.24 -6.87
C ASP B 579 -15.25 -19.45 -6.59
N GLY B 580 -15.73 -18.98 -5.44
CA GLY B 580 -17.15 -19.04 -5.14
C GLY B 580 -17.55 -20.24 -4.31
N THR B 581 -16.60 -21.13 -4.00
CA THR B 581 -16.91 -22.30 -3.16
C THR B 581 -17.26 -21.85 -1.76
N GLN B 582 -18.42 -22.29 -1.27
CA GLN B 582 -18.88 -21.96 0.08
C GLN B 582 -18.66 -23.17 1.00
N GLN B 583 -17.81 -22.99 2.02
CA GLN B 583 -17.66 -24.02 3.05
C GLN B 583 -18.95 -24.28 3.82
N SER B 584 -19.22 -25.55 4.11
CA SER B 584 -20.33 -25.90 5.01
C SER B 584 -19.98 -25.52 6.45
N ALA B 585 -18.76 -25.77 6.88
CA ALA B 585 -18.34 -25.39 8.24
C ALA B 585 -17.52 -24.12 8.17
N VAL B 586 -18.00 -23.08 8.86
CA VAL B 586 -17.24 -21.83 8.94
C VAL B 586 -16.60 -21.78 10.31
N ARG B 587 -15.33 -21.42 10.38
CA ARG B 587 -14.54 -21.64 11.60
C ARG B 587 -13.81 -20.44 12.17
N VAL B 588 -13.91 -20.33 13.50
CA VAL B 588 -13.11 -19.37 14.28
C VAL B 588 -12.38 -20.26 15.29
N LYS B 589 -11.05 -20.17 15.33
CA LYS B 589 -10.28 -21.02 16.24
CA LYS B 589 -10.26 -21.03 16.21
C LYS B 589 -9.43 -20.15 17.10
N LEU B 590 -9.24 -20.59 18.34
CA LEU B 590 -8.43 -19.82 19.29
C LEU B 590 -7.25 -20.65 19.74
N ASP B 591 -6.05 -20.05 19.68
CA ASP B 591 -4.86 -20.68 20.24
C ASP B 591 -4.75 -20.39 21.74
N GLY B 592 -3.53 -20.49 22.31
CA GLY B 592 -3.36 -20.30 23.72
C GLY B 592 -3.60 -21.56 24.55
N ASP B 593 -3.39 -21.45 25.86
CA ASP B 593 -3.75 -22.53 26.78
C ASP B 593 -5.28 -22.57 26.95
N TYR B 594 -5.89 -21.38 27.01
CA TYR B 594 -7.35 -21.28 27.02
C TYR B 594 -7.79 -20.08 26.18
N GLY B 595 -8.99 -20.19 25.60
CA GLY B 595 -9.52 -19.11 24.77
C GLY B 595 -10.61 -18.39 25.54
N VAL B 596 -10.66 -17.05 25.41
CA VAL B 596 -11.61 -16.25 26.13
C VAL B 596 -12.44 -15.45 25.10
N ILE B 597 -13.77 -15.62 25.13
CA ILE B 597 -14.67 -14.76 24.34
C ILE B 597 -15.45 -13.99 25.38
N ALA B 598 -15.30 -12.67 25.41
CA ALA B 598 -15.80 -11.91 26.55
C ALA B 598 -16.49 -10.63 26.13
N LYS B 599 -17.21 -10.05 27.10
CA LYS B 599 -17.98 -8.85 26.84
C LYS B 599 -17.38 -7.69 27.63
N ASN B 600 -16.80 -6.73 26.93
CA ASN B 600 -16.27 -5.53 27.59
C ASN B 600 -17.35 -4.78 28.34
N ILE B 601 -16.91 -3.99 29.35
CA ILE B 601 -17.87 -3.12 30.01
C ILE B 601 -18.47 -2.11 29.01
N PRO B 602 -19.80 -2.04 28.95
CA PRO B 602 -20.37 -1.08 28.00
C PRO B 602 -20.06 0.37 28.34
N ILE B 603 -19.85 1.19 27.31
CA ILE B 603 -19.64 2.63 27.50
CA ILE B 603 -19.63 2.62 27.54
C ILE B 603 -20.98 3.34 27.64
N LYS B 604 -21.99 2.89 26.89
CA LYS B 604 -23.29 3.57 26.93
C LYS B 604 -24.15 3.18 28.14
N ASN B 605 -24.43 1.88 28.26
CA ASN B 605 -25.38 1.42 29.28
C ASN B 605 -24.84 0.18 29.97
N PRO B 606 -23.96 0.36 30.96
CA PRO B 606 -23.34 -0.82 31.59
C PRO B 606 -24.34 -1.83 32.15
N SER B 607 -25.51 -1.37 32.57
CA SER B 607 -26.52 -2.28 33.13
C SER B 607 -27.07 -3.30 32.14
N GLU B 608 -26.69 -3.16 30.87
CA GLU B 608 -27.09 -4.13 29.84
C GLU B 608 -26.09 -5.25 29.67
N GLN B 609 -24.91 -5.13 30.28
CA GLN B 609 -23.76 -5.98 29.89
C GLN B 609 -24.03 -7.48 29.83
N ARG B 610 -23.88 -8.05 28.64
CA ARG B 610 -24.10 -9.49 28.49
C ARG B 610 -23.57 -9.92 27.15
N LEU B 611 -23.23 -11.19 27.08
CA LEU B 611 -22.82 -11.86 25.83
C LEU B 611 -23.97 -12.76 25.40
N ILE B 612 -24.38 -12.69 24.14
CA ILE B 612 -25.49 -13.52 23.66
C ILE B 612 -24.98 -14.40 22.53
N LEU B 613 -25.02 -15.70 22.77
CA LEU B 613 -24.67 -16.70 21.74
C LEU B 613 -25.95 -17.20 21.10
N CYS B 614 -25.99 -17.12 19.77
CA CYS B 614 -27.26 -17.36 19.06
C CYS B 614 -27.14 -18.44 18.00
N GLY B 615 -28.09 -19.36 18.00
CA GLY B 615 -28.13 -20.40 16.98
C GLY B 615 -28.67 -19.93 15.64
N GLY B 616 -29.36 -18.78 15.67
CA GLY B 616 -29.86 -18.17 14.46
C GLY B 616 -29.26 -16.78 14.24
N GLU B 617 -29.91 -16.02 13.38
CA GLU B 617 -29.29 -14.83 12.77
CA GLU B 617 -29.24 -14.85 12.81
C GLU B 617 -29.30 -13.61 13.68
N THR B 618 -30.24 -13.56 14.62
CA THR B 618 -30.40 -12.39 15.53
C THR B 618 -30.64 -12.91 16.97
N PRO B 619 -30.46 -12.06 17.98
CA PRO B 619 -30.59 -12.51 19.37
C PRO B 619 -32.03 -12.54 19.85
N TYR B 620 -32.91 -13.18 19.09
CA TYR B 620 -34.33 -13.32 19.43
C TYR B 620 -34.69 -14.78 19.25
N THR B 621 -35.55 -15.30 20.12
CA THR B 621 -35.84 -16.75 20.11
C THR B 621 -36.66 -17.15 18.87
N THR B 622 -37.25 -16.18 18.19
CA THR B 622 -37.92 -16.51 16.93
C THR B 622 -36.92 -16.91 15.87
N ASP B 623 -35.64 -16.56 16.06
CA ASP B 623 -34.62 -16.90 15.06
C ASP B 623 -33.76 -18.08 15.46
N GLY B 624 -33.80 -18.48 16.73
CA GLY B 624 -32.97 -19.60 17.17
C GLY B 624 -32.84 -19.68 18.67
N SER B 625 -32.27 -20.76 19.16
CA SER B 625 -31.94 -20.85 20.58
C SER B 625 -30.83 -19.84 20.91
N LEU B 626 -30.76 -19.45 22.18
CA LEU B 626 -29.81 -18.43 22.62
C LEU B 626 -29.29 -18.83 23.97
N LEU B 627 -28.04 -18.49 24.25
CA LEU B 627 -27.55 -18.53 25.61
C LEU B 627 -27.12 -17.10 25.95
N GLN B 628 -27.66 -16.53 27.03
CA GLN B 628 -27.23 -15.19 27.48
C GLN B 628 -26.44 -15.31 28.77
N LEU B 629 -25.24 -14.74 28.75
CA LEU B 629 -24.38 -14.74 29.95
C LEU B 629 -24.28 -13.29 30.38
N TYR B 630 -24.79 -12.98 31.57
CA TYR B 630 -24.78 -11.57 32.00
C TYR B 630 -23.47 -11.25 32.73
N GLY B 631 -22.98 -10.02 32.56
CA GLY B 631 -21.77 -9.58 33.26
C GLY B 631 -22.06 -8.96 34.62
N SER B 632 -20.98 -8.63 35.34
CA SER B 632 -21.13 -8.10 36.69
C SER B 632 -21.72 -6.70 36.71
N ASN B 633 -21.74 -6.02 35.57
CA ASN B 633 -22.33 -4.66 35.52
C ASN B 633 -23.85 -4.71 35.22
N HIS B 634 -24.35 -5.88 34.86
CA HIS B 634 -25.77 -5.97 34.52
C HIS B 634 -26.66 -5.65 35.73
N THR B 635 -27.86 -5.11 35.49
CA THR B 635 -28.86 -4.97 36.53
C THR B 635 -29.02 -6.20 37.44
N TYR B 636 -28.99 -7.40 36.83
CA TYR B 636 -28.98 -8.64 37.60
C TYR B 636 -27.64 -9.28 37.32
N PRO B 637 -26.60 -8.88 38.06
CA PRO B 637 -25.25 -9.35 37.68
C PRO B 637 -25.06 -10.85 37.66
N ASN B 638 -24.34 -11.32 36.66
CA ASN B 638 -23.80 -12.69 36.66
C ASN B 638 -24.85 -13.81 36.58
N ARG B 639 -26.04 -13.45 36.12
CA ARG B 639 -27.08 -14.43 35.76
C ARG B 639 -26.72 -15.13 34.45
N ALA B 640 -27.19 -16.36 34.24
CA ALA B 640 -27.08 -16.97 32.91
C ALA B 640 -28.47 -17.49 32.55
N ILE B 641 -28.89 -17.31 31.30
CA ILE B 641 -30.20 -17.81 30.87
C ILE B 641 -30.12 -18.48 29.52
N LEU B 642 -30.60 -19.72 29.48
CA LEU B 642 -30.65 -20.49 28.24
C LEU B 642 -32.06 -20.43 27.67
N TYR B 643 -32.17 -20.06 26.40
CA TYR B 643 -33.46 -20.02 25.70
C TYR B 643 -33.46 -21.06 24.60
N ALA B 644 -34.40 -21.98 24.66
CA ALA B 644 -34.43 -23.06 23.63
C ALA B 644 -35.84 -23.51 23.37
N PRO B 645 -36.53 -22.80 22.48
CA PRO B 645 -37.95 -23.12 22.27
C PRO B 645 -38.16 -24.54 21.80
N GLY B 646 -37.15 -25.11 21.14
CA GLY B 646 -37.23 -26.50 20.66
C GLY B 646 -36.88 -27.54 21.70
N GLY B 647 -36.57 -27.08 22.91
CA GLY B 647 -36.14 -27.95 23.99
C GLY B 647 -34.65 -27.83 24.27
N ALA B 648 -34.29 -27.86 25.56
CA ALA B 648 -32.88 -27.86 25.94
C ALA B 648 -32.49 -29.27 26.37
N TYR B 649 -31.41 -29.78 25.79
CA TYR B 649 -31.03 -31.15 26.06
C TYR B 649 -29.58 -31.25 26.52
N THR B 650 -29.32 -32.20 27.42
CA THR B 650 -27.95 -32.59 27.74
C THR B 650 -27.71 -34.05 27.35
N GLN B 651 -26.64 -34.29 26.60
CA GLN B 651 -26.28 -35.66 26.25
C GLN B 651 -25.71 -36.44 27.43
N ASN B 652 -25.20 -35.72 28.41
CA ASN B 652 -24.47 -36.36 29.51
C ASN B 652 -24.99 -36.01 30.89
N ASN B 653 -24.54 -36.79 31.87
CA ASN B 653 -24.89 -36.57 33.26
C ASN B 653 -24.79 -35.09 33.61
N PHE B 654 -25.81 -34.59 34.30
CA PHE B 654 -25.90 -33.17 34.60
C PHE B 654 -25.99 -33.03 36.11
N MET B 655 -25.02 -32.31 36.69
CA MET B 655 -24.75 -32.36 38.12
C MET B 655 -24.40 -30.97 38.67
N PRO B 656 -24.62 -30.77 39.97
CA PRO B 656 -24.02 -29.62 40.64
C PRO B 656 -22.51 -29.85 40.79
N TYR B 657 -21.72 -28.78 40.74
CA TYR B 657 -20.27 -28.92 40.85
C TYR B 657 -19.87 -29.42 42.25
N LEU B 658 -20.47 -28.83 43.29
CA LEU B 658 -20.22 -29.22 44.67
C LEU B 658 -21.39 -30.02 45.21
N ASP B 659 -21.09 -30.97 46.09
CA ASP B 659 -22.07 -31.90 46.64
C ASP B 659 -22.89 -31.26 47.76
N GLY B 660 -24.20 -31.46 47.70
CA GLY B 660 -25.10 -31.10 48.79
C GLY B 660 -25.30 -29.62 49.04
N GLN B 661 -25.02 -28.77 48.05
CA GLN B 661 -25.08 -27.32 48.27
C GLN B 661 -25.97 -26.55 47.29
N VAL B 662 -26.25 -27.11 46.13
CA VAL B 662 -26.84 -26.36 45.01
C VAL B 662 -28.27 -26.84 44.80
N SER B 663 -29.20 -25.91 44.70
CA SER B 663 -30.59 -26.34 44.56
C SER B 663 -30.97 -26.54 43.09
N LEU B 664 -31.90 -27.45 42.87
CA LEU B 664 -32.41 -27.77 41.55
C LEU B 664 -33.85 -27.27 41.55
N GLY B 665 -34.12 -26.21 40.78
CA GLY B 665 -35.35 -25.43 41.00
C GLY B 665 -35.17 -24.55 42.23
N GLY B 666 -36.19 -23.75 42.54
CA GLY B 666 -36.20 -23.01 43.78
C GLY B 666 -37.63 -22.71 44.21
N ALA B 667 -37.77 -22.04 45.34
CA ALA B 667 -39.08 -21.82 45.95
C ALA B 667 -40.03 -21.05 45.04
N SER B 668 -39.49 -20.15 44.21
CA SER B 668 -40.32 -19.37 43.29
C SER B 668 -40.07 -19.78 41.85
N ASN B 669 -39.39 -20.90 41.66
CA ASN B 669 -39.00 -21.39 40.33
C ASN B 669 -39.07 -22.90 40.35
N ARG B 670 -40.27 -23.44 40.51
CA ARG B 670 -40.43 -24.89 40.61
C ARG B 670 -40.60 -25.45 39.21
N TRP B 671 -39.92 -26.55 38.93
CA TRP B 671 -40.20 -27.31 37.71
C TRP B 671 -41.64 -27.76 37.77
N SER B 672 -42.30 -27.86 36.63
CA SER B 672 -43.69 -28.35 36.65
C SER B 672 -43.75 -29.79 37.18
N GLU B 673 -42.81 -30.62 36.73
CA GLU B 673 -42.82 -32.03 37.02
C GLU B 673 -41.45 -32.55 36.64
N VAL B 674 -41.00 -33.56 37.38
CA VAL B 674 -39.72 -34.23 37.14
C VAL B 674 -39.98 -35.63 36.58
N TYR B 675 -39.30 -35.97 35.49
CA TYR B 675 -39.44 -37.29 34.87
C TYR B 675 -38.15 -38.11 35.00
N ALA B 676 -38.23 -39.32 35.56
CA ALA B 676 -37.05 -40.14 35.78
C ALA B 676 -37.43 -41.61 35.73
N SER B 677 -36.48 -42.49 35.41
CA SER B 677 -36.82 -43.90 35.23
C SER B 677 -37.21 -44.53 36.58
N THR B 678 -36.60 -44.04 37.67
CA THR B 678 -37.02 -44.45 39.01
C THR B 678 -37.59 -43.23 39.73
N GLY B 679 -38.68 -43.45 40.45
CA GLY B 679 -39.35 -42.37 41.16
C GLY B 679 -38.82 -42.10 42.56
N THR B 680 -37.78 -42.81 42.96
CA THR B 680 -37.17 -42.57 44.25
C THR B 680 -35.88 -41.79 44.09
N ILE B 681 -35.76 -40.66 44.79
CA ILE B 681 -34.53 -39.89 44.75
C ILE B 681 -33.46 -40.65 45.51
N ASN B 682 -32.25 -40.70 44.95
CA ASN B 682 -31.11 -41.36 45.58
C ASN B 682 -30.39 -40.32 46.45
N THR B 683 -30.28 -40.59 47.76
CA THR B 683 -29.76 -39.59 48.69
C THR B 683 -28.27 -39.79 48.94
N ASP C 29 16.21 25.70 -26.38
CA ASP C 29 16.80 26.36 -25.21
C ASP C 29 16.53 27.87 -25.29
N GLY C 30 15.58 28.31 -24.46
CA GLY C 30 15.27 29.72 -24.41
C GLY C 30 16.25 30.54 -23.58
N ARG C 31 17.27 29.90 -23.02
N ARG C 31 17.27 29.88 -23.04
CA ARG C 31 18.29 30.59 -22.21
CA ARG C 31 18.29 30.57 -22.22
C ARG C 31 17.70 31.38 -21.03
C ARG C 31 17.67 31.40 -21.08
N ASN C 32 16.57 30.88 -20.54
CA ASN C 32 15.82 31.55 -19.48
C ASN C 32 15.36 32.93 -19.91
N LEU C 33 15.07 33.02 -21.20
CA LEU C 33 14.55 34.22 -21.80
CA LEU C 33 14.52 34.25 -21.75
C LEU C 33 13.05 34.08 -22.04
N THR C 34 12.39 35.21 -22.20
CA THR C 34 10.96 35.24 -22.32
C THR C 34 10.65 35.96 -23.60
N PHE C 35 9.60 35.52 -24.30
CA PHE C 35 9.14 35.92 -25.65
CA PHE C 35 9.15 36.49 -25.26
C PHE C 35 7.72 36.32 -25.55
N LYS C 36 7.25 37.24 -26.38
CA LYS C 36 5.83 37.54 -26.50
CA LYS C 36 5.81 37.44 -26.48
C LYS C 36 5.27 36.86 -27.76
N VAL C 37 4.25 36.04 -27.59
CA VAL C 37 3.72 35.28 -28.71
C VAL C 37 2.26 35.59 -28.98
N THR C 38 1.84 35.37 -30.22
CA THR C 38 0.44 35.60 -30.62
C THR C 38 -0.43 34.39 -30.28
N THR C 39 0.21 33.24 -30.15
CA THR C 39 -0.47 32.02 -29.77
C THR C 39 0.56 31.14 -29.09
N LEU C 40 0.13 30.28 -28.19
CA LEU C 40 1.08 29.39 -27.50
C LEU C 40 1.71 28.37 -28.45
N PRO C 41 3.05 28.23 -28.38
CA PRO C 41 3.71 27.25 -29.24
C PRO C 41 3.64 25.86 -28.59
N ASP C 42 4.33 24.89 -29.18
CA ASP C 42 4.41 23.56 -28.60
C ASP C 42 5.39 23.61 -27.41
N ILE C 43 4.89 23.96 -26.23
CA ILE C 43 5.74 24.29 -25.08
C ILE C 43 6.65 23.12 -24.69
N SER C 44 6.17 21.90 -24.89
N SER C 44 6.09 21.92 -24.83
CA SER C 44 7.00 20.73 -24.58
CA SER C 44 6.75 20.68 -24.46
C SER C 44 8.25 20.55 -25.49
C SER C 44 8.13 20.52 -25.09
N LYS C 45 8.37 21.36 -26.54
N LYS C 45 8.30 21.10 -26.27
CA LYS C 45 9.55 21.35 -27.43
CA LYS C 45 9.53 20.95 -27.02
C LYS C 45 10.60 22.38 -27.01
C LYS C 45 10.72 21.74 -26.47
N PHE C 46 10.46 22.86 -25.78
CA PHE C 46 11.33 23.92 -25.27
CA PHE C 46 11.54 23.73 -25.40
C PHE C 46 11.92 23.61 -23.95
N LYS C 47 13.11 24.13 -23.66
CA LYS C 47 13.56 24.17 -22.29
C LYS C 47 14.03 25.60 -22.05
N ASN C 48 13.92 26.01 -20.79
CA ASN C 48 14.45 27.29 -20.33
C ASN C 48 13.82 28.48 -21.04
N ALA C 49 12.54 28.37 -21.40
CA ALA C 49 11.87 29.43 -22.14
C ALA C 49 10.54 29.76 -21.47
N ALA C 50 10.06 30.97 -21.71
CA ALA C 50 8.75 31.34 -21.22
C ALA C 50 8.10 32.21 -22.29
N PHE C 51 6.77 32.16 -22.34
CA PHE C 51 6.00 32.75 -23.44
C PHE C 51 4.94 33.65 -22.85
N VAL C 52 5.02 34.95 -23.16
CA VAL C 52 3.98 35.90 -22.73
C VAL C 52 2.83 35.86 -23.75
N TYR C 53 1.62 35.62 -23.27
CA TYR C 53 0.50 35.38 -24.15
C TYR C 53 -0.77 35.99 -23.56
N GLU C 54 -1.60 36.62 -24.40
CA GLU C 54 -2.89 37.15 -23.95
C GLU C 54 -4.06 36.26 -24.42
N ARG C 55 -4.37 35.25 -23.61
CA ARG C 55 -5.56 34.43 -23.86
C ARG C 55 -6.78 35.33 -23.90
N ILE C 56 -6.83 36.23 -22.92
CA ILE C 56 -7.85 37.28 -22.85
C ILE C 56 -7.15 38.58 -23.21
N VAL C 57 -7.70 39.31 -24.18
CA VAL C 57 -7.04 40.52 -24.65
C VAL C 57 -6.82 41.50 -23.50
N GLY C 58 -5.61 42.03 -23.39
CA GLY C 58 -5.27 42.99 -22.33
C GLY C 58 -4.80 42.38 -21.01
N GLN C 59 -4.74 41.05 -20.95
CA GLN C 59 -4.37 40.37 -19.70
C GLN C 59 -3.28 39.36 -19.97
N PRO C 60 -2.07 39.86 -20.23
CA PRO C 60 -0.94 38.94 -20.49
C PRO C 60 -0.59 38.08 -19.27
N LEU C 61 -0.30 36.79 -19.52
CA LEU C 61 0.27 35.91 -18.50
C LEU C 61 1.44 35.16 -19.14
N THR C 62 2.35 34.64 -18.33
CA THR C 62 3.56 34.03 -18.90
C THR C 62 3.50 32.53 -18.70
N TYR C 63 3.75 31.77 -19.76
CA TYR C 63 3.64 30.31 -19.70
C TYR C 63 5.02 29.69 -19.82
N VAL C 64 5.40 28.86 -18.85
CA VAL C 64 6.81 28.40 -18.83
C VAL C 64 7.01 27.01 -19.43
N SER C 65 8.20 26.81 -20.01
CA SER C 65 8.59 25.46 -20.42
C SER C 65 9.34 24.79 -19.25
N GLU C 66 9.60 23.49 -19.39
CA GLU C 66 10.47 22.81 -18.44
C GLU C 66 11.82 23.54 -18.35
N GLY C 67 12.36 23.67 -17.14
CA GLY C 67 13.67 24.27 -16.98
C GLY C 67 13.68 25.77 -16.74
N PHE C 68 12.59 26.46 -17.07
CA PHE C 68 12.58 27.90 -16.86
C PHE C 68 12.79 28.24 -15.37
N PHE C 69 12.04 27.52 -14.53
CA PHE C 69 12.27 27.53 -13.08
C PHE C 69 12.75 26.16 -12.69
N ASP C 70 13.66 26.08 -11.71
CA ASP C 70 14.05 24.84 -11.12
CA ASP C 70 14.04 24.77 -11.13
C ASP C 70 13.01 24.45 -10.07
N GLY C 71 11.85 24.00 -10.54
CA GLY C 71 10.76 23.65 -9.66
C GLY C 71 10.02 22.50 -10.28
N ASN C 72 9.44 21.66 -9.43
CA ASN C 72 8.70 20.48 -9.91
C ASN C 72 7.57 20.14 -8.98
N LEU C 73 6.55 19.49 -9.54
CA LEU C 73 5.36 19.15 -8.78
C LEU C 73 5.36 17.67 -8.32
N THR C 74 4.93 17.45 -7.08
CA THR C 74 4.80 16.11 -6.51
C THR C 74 3.40 15.96 -5.93
N LYS C 75 2.76 14.82 -6.17
CA LYS C 75 1.51 14.50 -5.50
C LYS C 75 1.82 13.96 -4.10
N ILE C 76 1.17 14.50 -3.07
CA ILE C 76 1.58 14.17 -1.69
C ILE C 76 0.53 13.49 -0.83
N THR C 77 -0.74 13.47 -1.26
CA THR C 77 -1.73 12.58 -0.64
C THR C 77 -2.41 11.77 -1.75
N ASP C 78 -2.89 10.60 -1.36
CA ASP C 78 -3.64 9.77 -2.31
C ASP C 78 -4.59 8.87 -1.54
N THR C 79 -5.62 9.46 -0.97
CA THR C 79 -6.59 8.72 -0.17
C THR C 79 -7.99 9.07 -0.72
N PRO C 80 -8.99 8.26 -0.39
CA PRO C 80 -10.33 8.49 -1.01
C PRO C 80 -11.12 9.52 -0.26
N PHE C 81 -10.59 10.03 0.86
CA PHE C 81 -11.25 11.17 1.46
C PHE C 81 -11.15 12.41 0.56
N TYR C 82 -12.00 13.39 0.86
CA TYR C 82 -11.89 14.71 0.24
C TYR C 82 -10.78 15.42 1.05
N ASN C 83 -9.55 15.40 0.52
CA ASN C 83 -8.38 15.94 1.21
C ASN C 83 -8.05 17.29 0.61
N ALA C 84 -8.23 18.35 1.39
CA ALA C 84 -8.14 19.67 0.80
C ALA C 84 -7.81 20.71 1.87
N TRP C 85 -7.57 21.93 1.40
CA TRP C 85 -7.39 23.11 2.28
C TRP C 85 -6.15 23.01 3.18
N THR C 86 -4.96 23.03 2.60
CA THR C 86 -3.78 23.31 3.44
C THR C 86 -3.83 24.75 3.91
N GLN C 87 -4.60 25.61 3.21
CA GLN C 87 -4.61 27.05 3.59
C GLN C 87 -4.93 27.24 5.07
N ASP C 88 -4.19 28.10 5.78
CA ASP C 88 -2.80 28.46 5.46
C ASP C 88 -1.99 28.02 6.68
N LYS C 89 -1.59 26.76 6.66
CA LYS C 89 -1.15 26.07 7.88
C LYS C 89 0.21 25.45 7.78
N THR C 90 0.83 25.45 6.61
CA THR C 90 2.10 24.69 6.53
C THR C 90 3.23 25.30 7.37
N PHE C 91 4.18 24.46 7.77
CA PHE C 91 5.34 24.97 8.50
C PHE C 91 6.43 23.92 8.46
N VAL C 92 7.65 24.34 8.79
CA VAL C 92 8.80 23.47 8.86
C VAL C 92 9.34 23.59 10.26
N TYR C 93 9.61 22.45 10.88
CA TYR C 93 10.14 22.44 12.24
C TYR C 93 11.10 21.29 12.41
N ASP C 94 12.29 21.60 12.94
CA ASP C 94 13.33 20.58 13.16
C ASP C 94 13.49 19.63 11.96
N ASN C 95 13.65 20.23 10.78
CA ASN C 95 14.00 19.56 9.54
C ASN C 95 12.85 18.82 8.89
N VAL C 96 11.69 18.86 9.51
CA VAL C 96 10.51 18.11 8.96
C VAL C 96 9.52 19.13 8.38
N ILE C 97 9.00 18.83 7.21
CA ILE C 97 7.98 19.69 6.58
C ILE C 97 6.58 19.16 6.93
N TYR C 98 5.73 20.02 7.48
CA TYR C 98 4.39 19.64 7.91
C TYR C 98 3.38 20.29 6.98
N ALA C 99 2.47 19.47 6.44
CA ALA C 99 1.40 19.98 5.59
C ALA C 99 0.07 19.60 6.24
N PRO C 100 -0.44 20.47 7.12
CA PRO C 100 -1.75 20.23 7.72
C PRO C 100 -2.86 20.59 6.71
N PHE C 101 -3.99 19.92 6.83
CA PHE C 101 -5.09 20.06 5.88
C PHE C 101 -6.34 19.51 6.55
N MET C 102 -7.46 19.41 5.81
CA MET C 102 -8.64 18.77 6.39
C MET C 102 -9.03 17.59 5.49
N ALA C 103 -9.33 16.47 6.13
CA ALA C 103 -9.70 15.25 5.42
C ALA C 103 -11.17 15.00 5.74
N GLY C 104 -12.04 15.13 4.74
CA GLY C 104 -13.46 14.99 4.99
C GLY C 104 -14.13 14.42 3.77
N GLU C 105 -15.29 14.97 3.39
CA GLU C 105 -16.05 14.39 2.27
C GLU C 105 -16.63 15.45 1.33
N ARG C 106 -16.62 16.72 1.75
CA ARG C 106 -17.28 17.78 0.98
C ARG C 106 -16.81 19.11 1.52
N HIS C 107 -17.29 20.19 0.91
CA HIS C 107 -17.02 21.55 1.41
C HIS C 107 -17.96 21.82 2.58
N GLY C 108 -17.60 21.26 3.72
CA GLY C 108 -18.41 21.32 4.93
C GLY C 108 -17.63 20.48 5.95
N VAL C 109 -18.11 20.42 7.18
CA VAL C 109 -17.36 19.71 8.20
C VAL C 109 -17.89 18.30 8.51
N GLN C 110 -18.81 17.80 7.67
CA GLN C 110 -19.25 16.40 7.80
C GLN C 110 -18.06 15.45 7.83
N ASN C 111 -18.01 14.63 8.87
CA ASN C 111 -17.02 13.53 8.94
C ASN C 111 -15.56 13.98 8.87
N LEU C 112 -15.30 15.25 9.18
CA LEU C 112 -14.02 15.82 8.86
C LEU C 112 -13.04 15.76 10.04
N HIS C 113 -11.77 15.53 9.74
CA HIS C 113 -10.68 15.63 10.71
C HIS C 113 -9.71 16.70 10.25
N VAL C 114 -9.21 17.53 11.17
CA VAL C 114 -8.01 18.30 10.87
C VAL C 114 -6.86 17.30 10.93
N ALA C 115 -5.96 17.37 9.98
CA ALA C 115 -4.94 16.30 9.81
C ALA C 115 -3.64 16.87 9.33
N TRP C 116 -2.56 16.08 9.27
CA TRP C 116 -1.42 16.52 8.48
C TRP C 116 -0.76 15.35 7.78
N VAL C 117 0.03 15.63 6.75
CA VAL C 117 1.05 14.66 6.28
C VAL C 117 2.37 15.40 6.41
N LYS C 118 3.46 14.66 6.46
CA LYS C 118 4.77 15.23 6.76
C LYS C 118 5.79 14.70 5.79
N SER C 119 6.87 15.43 5.57
CA SER C 119 8.00 14.88 4.81
C SER C 119 9.27 14.99 5.57
N GLY C 120 10.00 13.87 5.66
CA GLY C 120 11.33 13.84 6.29
C GLY C 120 12.47 13.83 5.27
N ASP C 121 12.14 14.08 4.00
CA ASP C 121 13.19 14.05 2.96
C ASP C 121 13.07 15.20 1.98
N ASP C 122 12.79 16.40 2.53
CA ASP C 122 12.80 17.62 1.74
C ASP C 122 11.69 17.63 0.71
N GLY C 123 10.62 16.91 1.03
CA GLY C 123 9.42 16.96 0.18
C GLY C 123 9.37 15.93 -0.92
N GLN C 124 10.26 14.93 -0.91
CA GLN C 124 10.21 13.90 -1.92
C GLN C 124 9.12 12.90 -1.66
N THR C 125 8.98 12.48 -0.40
CA THR C 125 7.95 11.53 -0.04
C THR C 125 7.24 11.96 1.23
N TRP C 126 6.00 11.56 1.38
CA TRP C 126 5.13 12.10 2.43
C TRP C 126 4.40 10.99 3.18
N SER C 127 4.25 11.18 4.47
CA SER C 127 3.69 10.19 5.38
C SER C 127 2.18 9.99 5.21
N MET C 128 1.66 8.96 5.89
CA MET C 128 0.20 8.75 5.92
C MET C 128 -0.45 9.94 6.64
N PRO C 129 -1.72 10.22 6.34
CA PRO C 129 -2.38 11.27 7.12
C PRO C 129 -2.43 10.91 8.60
N GLU C 130 -2.23 11.91 9.47
CA GLU C 130 -2.45 11.71 10.89
C GLU C 130 -3.56 12.65 11.29
N TRP C 131 -4.58 12.11 11.93
CA TRP C 131 -5.66 12.97 12.47
C TRP C 131 -5.18 13.71 13.72
N LEU C 132 -5.36 15.03 13.74
CA LEU C 132 -4.97 15.89 14.86
C LEU C 132 -6.19 16.21 15.71
N THR C 133 -7.35 16.37 15.11
CA THR C 133 -8.56 16.53 15.92
C THR C 133 -9.37 15.25 15.81
N PRO C 134 -10.05 14.85 16.89
CA PRO C 134 -11.00 13.73 16.76
C PRO C 134 -12.27 14.28 16.14
N ILE C 135 -13.23 13.43 15.77
CA ILE C 135 -14.56 13.97 15.44
C ILE C 135 -15.04 14.64 16.71
N HIS C 136 -15.66 15.80 16.56
CA HIS C 136 -16.12 16.58 17.70
C HIS C 136 -16.94 15.71 18.67
N PRO C 137 -16.69 15.83 19.99
CA PRO C 137 -17.40 14.99 20.96
C PRO C 137 -18.92 15.21 20.92
N ASP C 138 -19.36 16.38 20.44
CA ASP C 138 -20.79 16.68 20.38
C ASP C 138 -21.33 16.69 18.94
N TYR C 139 -20.64 15.99 18.05
CA TYR C 139 -21.02 15.90 16.65
C TYR C 139 -22.49 15.55 16.47
N THR C 140 -22.95 14.52 17.15
CA THR C 140 -24.35 14.11 17.01
C THR C 140 -25.33 14.97 17.80
N ALA C 141 -25.01 15.22 19.06
CA ALA C 141 -25.89 16.01 19.94
C ALA C 141 -26.08 17.46 19.51
N ASP C 142 -24.98 18.12 19.13
CA ASP C 142 -25.01 19.55 18.81
C ASP C 142 -24.86 19.84 17.31
N LYS C 143 -24.57 18.81 16.52
CA LYS C 143 -24.50 18.96 15.06
C LYS C 143 -23.42 19.98 14.64
N VAL C 144 -22.23 19.81 15.23
CA VAL C 144 -21.07 20.63 14.95
C VAL C 144 -19.83 19.76 14.74
N ASN C 145 -18.80 20.32 14.11
CA ASN C 145 -17.53 19.63 14.03
C ASN C 145 -16.40 20.64 13.86
N TYR C 146 -15.16 20.15 13.94
CA TYR C 146 -14.00 21.02 13.94
C TYR C 146 -13.59 21.44 12.53
N HIS C 147 -12.73 22.46 12.47
CA HIS C 147 -12.29 23.06 11.20
C HIS C 147 -11.04 23.88 11.55
N CYS C 148 -10.09 24.01 10.62
CA CYS C 148 -8.90 24.81 10.93
C CYS C 148 -8.26 25.33 9.65
N MET C 149 -7.97 26.62 9.61
CA MET C 149 -7.16 27.21 8.54
C MET C 149 -6.01 28.05 9.09
N SER C 150 -5.77 28.00 10.41
CA SER C 150 -4.68 28.74 11.04
C SER C 150 -3.91 27.82 11.98
N MET C 151 -2.65 27.57 11.68
CA MET C 151 -1.80 26.73 12.54
C MET C 151 -0.36 27.09 12.30
N GLY C 152 0.48 26.95 13.32
CA GLY C 152 1.90 27.18 13.16
C GLY C 152 2.63 26.92 14.45
N VAL C 153 3.89 27.33 14.48
CA VAL C 153 4.78 27.07 15.62
C VAL C 153 5.24 28.38 16.22
N CYS C 154 5.12 28.51 17.55
CA CYS C 154 5.70 29.69 18.22
C CYS C 154 6.35 29.21 19.50
N GLY C 155 7.62 29.57 19.72
CA GLY C 155 8.27 29.29 21.00
C GLY C 155 8.26 27.81 21.34
N ASN C 156 8.59 27.00 20.34
CA ASN C 156 8.60 25.55 20.53
C ASN C 156 7.27 24.91 20.89
N ARG C 157 6.18 25.60 20.59
CA ARG C 157 4.85 25.02 20.77
C ARG C 157 4.06 25.04 19.46
N LEU C 158 3.24 24.01 19.24
CA LEU C 158 2.26 24.06 18.15
C LEU C 158 1.08 24.92 18.61
N TYR C 159 0.66 25.88 17.78
CA TYR C 159 -0.57 26.65 18.02
C TYR C 159 -1.51 26.42 16.86
N ALA C 160 -2.80 26.27 17.13
CA ALA C 160 -3.80 26.21 16.07
C ALA C 160 -5.09 26.86 16.53
N VAL C 161 -5.78 27.54 15.62
CA VAL C 161 -7.12 28.02 15.95
C VAL C 161 -8.09 26.96 15.45
N ILE C 162 -8.62 26.17 16.39
CA ILE C 162 -9.52 25.08 16.06
C ILE C 162 -10.94 25.62 16.22
N GLU C 163 -11.65 25.64 15.10
CA GLU C 163 -12.97 26.23 15.05
C GLU C 163 -13.97 25.12 15.25
N THR C 164 -15.10 25.47 15.86
CA THR C 164 -16.27 24.59 15.89
C THR C 164 -17.32 25.20 14.97
N ARG C 165 -17.76 24.46 13.94
CA ARG C 165 -18.72 25.00 12.95
C ARG C 165 -19.94 24.12 12.85
N TYR C 166 -21.10 24.71 12.52
CA TYR C 166 -22.31 23.93 12.36
C TYR C 166 -22.29 23.11 11.07
N LEU C 167 -22.71 21.86 11.19
CA LEU C 167 -22.87 21.00 10.02
C LEU C 167 -23.86 21.57 9.00
N SER C 168 -24.91 22.21 9.50
CA SER C 168 -26.01 22.58 8.62
C SER C 168 -25.61 23.71 7.66
N ASN C 169 -24.90 24.71 8.16
CA ASN C 169 -24.67 25.92 7.38
C ASN C 169 -23.25 26.47 7.44
N MET C 170 -22.36 25.69 8.06
CA MET C 170 -20.93 26.06 8.19
C MET C 170 -20.65 27.31 9.00
N ARG C 171 -21.65 27.82 9.73
CA ARG C 171 -21.38 29.03 10.52
C ARG C 171 -20.45 28.73 11.68
N LEU C 172 -19.66 29.73 12.06
CA LEU C 172 -18.68 29.54 13.14
C LEU C 172 -19.36 29.64 14.52
N LYS C 173 -19.46 28.53 15.23
CA LYS C 173 -20.09 28.53 16.56
CA LYS C 173 -20.09 28.55 16.56
C LYS C 173 -19.16 29.14 17.61
N LYS C 174 -17.91 28.71 17.61
CA LYS C 174 -16.89 29.23 18.51
CA LYS C 174 -16.89 29.25 18.50
C LYS C 174 -15.51 28.84 17.98
N ALA C 175 -14.48 29.44 18.55
CA ALA C 175 -13.13 29.13 18.15
C ALA C 175 -12.29 29.03 19.38
N GLU C 176 -11.32 28.12 19.35
CA GLU C 176 -10.44 27.91 20.49
C GLU C 176 -9.01 27.92 20.01
N LEU C 177 -8.12 28.48 20.82
CA LEU C 177 -6.70 28.32 20.55
C LEU C 177 -6.26 27.02 21.22
N TRP C 178 -5.70 26.09 20.43
CA TRP C 178 -5.18 24.82 20.96
C TRP C 178 -3.68 24.90 20.89
N SER C 179 -3.01 24.44 21.93
N SER C 179 -3.02 24.37 21.91
CA SER C 179 -1.55 24.33 21.85
CA SER C 179 -1.57 24.34 21.90
C SER C 179 -1.01 23.10 22.56
C SER C 179 -1.00 23.10 22.59
N ARG C 180 0.14 22.65 22.07
CA ARG C 180 0.93 21.59 22.71
C ARG C 180 2.41 21.96 22.58
N PRO C 181 3.27 21.37 23.41
CA PRO C 181 4.70 21.50 23.13
C PRO C 181 5.02 20.78 21.85
N MET C 182 5.90 21.31 20.99
CA MET C 182 6.27 20.56 19.77
C MET C 182 7.01 19.30 20.15
N PRO C 183 7.00 18.29 19.27
CA PRO C 183 7.92 17.15 19.42
C PRO C 183 9.35 17.62 19.17
N TYR C 184 10.22 17.53 20.18
CA TYR C 184 11.59 17.99 19.98
C TYR C 184 12.55 17.25 20.89
N TYR C 185 13.82 17.34 20.52
CA TYR C 185 14.91 16.64 21.20
C TYR C 185 15.98 17.68 21.61
N ARG C 186 16.55 17.52 22.82
CA ARG C 186 17.69 18.35 23.23
C ARG C 186 18.76 17.48 23.84
N ARG C 187 20.01 17.94 23.73
CA ARG C 187 21.12 17.26 24.39
CA ARG C 187 21.13 17.26 24.37
C ARG C 187 21.91 18.27 25.21
N PRO C 188 21.39 18.59 26.40
CA PRO C 188 22.01 19.64 27.23
C PRO C 188 23.14 19.11 28.07
N THR C 189 23.87 20.03 28.68
CA THR C 189 24.89 19.69 29.68
C THR C 189 24.59 20.42 30.98
N GLY C 190 24.53 19.67 32.08
CA GLY C 190 24.20 20.20 33.39
C GLY C 190 22.79 20.73 33.49
N GLY C 191 22.52 21.49 34.53
CA GLY C 191 21.23 22.14 34.63
C GLY C 191 20.17 21.45 35.46
N ILE C 192 20.49 20.30 36.04
CA ILE C 192 19.52 19.60 36.87
C ILE C 192 20.00 19.59 38.32
N THR C 193 19.15 20.08 39.22
CA THR C 193 19.52 20.18 40.62
C THR C 193 18.36 19.72 41.51
N ILE C 194 18.71 19.05 42.60
CA ILE C 194 17.73 18.57 43.56
C ILE C 194 18.33 18.72 44.95
N SER C 195 17.57 19.28 45.88
CA SER C 195 18.05 19.43 47.27
C SER C 195 17.75 18.18 48.07
N SER C 196 18.65 17.80 48.97
CA SER C 196 18.43 16.61 49.79
C SER C 196 17.11 16.72 50.54
N GLY C 197 16.34 15.63 50.53
CA GLY C 197 15.05 15.59 51.18
C GLY C 197 13.88 16.10 50.37
N SER C 198 14.16 16.62 49.17
CA SER C 198 13.11 17.21 48.34
C SER C 198 12.64 16.23 47.27
N THR C 199 11.38 16.37 46.85
CA THR C 199 10.88 15.64 45.70
C THR C 199 10.78 16.52 44.47
N THR C 200 11.37 17.72 44.54
CA THR C 200 11.35 18.64 43.40
C THR C 200 12.70 18.68 42.69
N ALA C 201 12.72 18.36 41.40
CA ALA C 201 13.94 18.54 40.60
C ALA C 201 13.76 19.76 39.72
N THR C 202 14.77 20.61 39.73
CA THR C 202 14.77 21.84 38.93
C THR C 202 15.58 21.62 37.66
N ILE C 203 14.95 21.93 36.52
CA ILE C 203 15.53 21.62 35.21
C ILE C 203 15.73 22.91 34.42
N VAL C 204 16.98 23.23 34.11
CA VAL C 204 17.26 24.34 33.19
C VAL C 204 17.29 23.81 31.76
N LEU C 205 16.42 24.37 30.91
CA LEU C 205 16.36 23.97 29.51
C LEU C 205 15.89 25.21 28.76
N LYS C 206 16.76 25.78 27.94
CA LYS C 206 16.47 27.10 27.39
C LYS C 206 15.26 27.09 26.47
N LYS C 207 14.37 28.06 26.67
CA LYS C 207 13.24 28.28 25.76
CA LYS C 207 13.24 28.28 25.77
C LYS C 207 12.44 26.99 25.60
N HIS C 208 12.12 26.34 26.72
CA HIS C 208 11.54 25.00 26.68
C HIS C 208 10.11 24.96 26.14
N GLY C 209 9.37 26.06 26.34
CA GLY C 209 8.02 26.15 25.82
C GLY C 209 7.03 25.22 26.51
N LEU C 210 7.41 24.64 27.65
CA LEU C 210 6.50 23.70 28.32
C LEU C 210 5.53 24.41 29.26
N LYS C 211 4.42 23.74 29.51
CA LYS C 211 3.44 24.13 30.49
C LYS C 211 3.25 23.03 31.49
N VAL C 212 2.70 23.39 32.67
CA VAL C 212 2.38 22.37 33.66
C VAL C 212 1.49 21.26 33.08
N GLY C 213 1.88 20.02 33.32
CA GLY C 213 1.13 18.89 32.82
C GLY C 213 1.68 18.31 31.51
N ASP C 214 2.57 19.06 30.86
CA ASP C 214 3.16 18.56 29.63
C ASP C 214 4.04 17.34 29.91
N ALA C 215 4.13 16.48 28.91
CA ALA C 215 4.76 15.18 29.06
C ALA C 215 6.17 15.25 28.48
N VAL C 216 7.15 14.73 29.22
CA VAL C 216 8.55 14.80 28.78
C VAL C 216 9.28 13.49 29.05
N ASN C 217 10.52 13.38 28.58
CA ASN C 217 11.28 12.16 28.79
C ASN C 217 12.76 12.51 28.98
N PHE C 218 13.40 11.83 29.94
CA PHE C 218 14.82 12.04 30.24
C PHE C 218 15.63 10.77 30.03
N SER C 219 16.87 10.94 29.56
CA SER C 219 17.80 9.81 29.56
C SER C 219 19.21 10.27 29.96
N ASN C 220 19.91 9.43 30.72
CA ASN C 220 21.29 9.70 31.10
C ASN C 220 21.48 11.04 31.83
N SER C 221 20.50 11.42 32.65
CA SER C 221 20.53 12.72 33.31
C SER C 221 21.67 12.90 34.31
N GLY C 222 22.13 11.79 34.89
CA GLY C 222 23.13 11.88 35.97
C GLY C 222 22.50 12.44 37.25
N ALA C 223 21.18 12.48 37.30
CA ALA C 223 20.47 12.94 38.49
C ALA C 223 19.46 11.90 38.95
N THR C 224 19.75 11.27 40.07
CA THR C 224 18.89 10.22 40.60
C THR C 224 17.42 10.62 40.65
N GLY C 225 16.57 9.81 40.03
CA GLY C 225 15.14 10.05 40.05
C GLY C 225 14.64 10.84 38.86
N VAL C 226 15.55 11.46 38.12
CA VAL C 226 15.14 12.18 36.89
C VAL C 226 15.45 11.29 35.71
N SER C 227 14.45 10.54 35.25
CA SER C 227 14.69 9.44 34.32
C SER C 227 13.38 9.00 33.70
N GLY C 228 13.42 8.65 32.42
CA GLY C 228 12.25 8.14 31.71
C GLY C 228 11.15 9.19 31.59
N ASN C 229 9.91 8.70 31.50
CA ASN C 229 8.78 9.57 31.26
C ASN C 229 8.38 10.30 32.53
N MET C 230 8.31 11.62 32.45
CA MET C 230 7.86 12.46 33.56
C MET C 230 6.90 13.54 33.06
N THR C 231 6.40 14.35 34.00
CA THR C 231 5.42 15.37 33.70
C THR C 231 5.94 16.67 34.31
N VAL C 232 5.75 17.78 33.60
CA VAL C 232 6.12 19.11 34.13
C VAL C 232 5.22 19.47 35.32
N ALA C 233 5.87 19.75 36.45
CA ALA C 233 5.18 20.05 37.72
C ALA C 233 4.94 21.53 37.89
N SER C 234 5.91 22.34 37.47
CA SER C 234 5.80 23.79 37.57
C SER C 234 6.72 24.39 36.53
N VAL C 235 6.47 25.64 36.17
CA VAL C 235 7.34 26.38 35.27
C VAL C 235 7.82 27.60 36.03
N ILE C 236 9.14 27.77 36.12
CA ILE C 236 9.72 28.88 36.88
C ILE C 236 9.96 30.12 36.01
N ASN C 237 10.46 29.90 34.80
CA ASN C 237 10.68 31.01 33.87
C ASN C 237 10.87 30.42 32.48
N LYS C 238 11.23 31.26 31.52
N LYS C 238 11.21 31.27 31.52
CA LYS C 238 11.33 30.85 30.12
CA LYS C 238 11.34 30.84 30.12
C LYS C 238 12.34 29.71 29.94
C LYS C 238 12.31 29.67 29.97
N ASP C 239 13.28 29.59 30.88
CA ASP C 239 14.37 28.63 30.75
C ASP C 239 14.39 27.54 31.84
N THR C 240 13.38 27.47 32.68
CA THR C 240 13.47 26.62 33.87
C THR C 240 12.13 26.05 34.24
N PHE C 241 12.06 24.74 34.47
CA PHE C 241 10.84 24.15 35.00
C PHE C 241 11.19 23.12 36.07
N THR C 242 10.17 22.52 36.69
CA THR C 242 10.44 21.44 37.63
C THR C 242 9.67 20.17 37.27
N VAL C 243 10.15 19.04 37.78
CA VAL C 243 9.42 17.77 37.74
C VAL C 243 9.40 17.23 39.17
N THR C 244 8.44 16.37 39.48
CA THR C 244 8.33 15.80 40.82
C THR C 244 8.89 14.39 40.83
N LEU C 245 9.80 14.14 41.76
CA LEU C 245 10.44 12.83 41.94
C LEU C 245 9.49 11.87 42.64
N ALA C 246 9.58 10.59 42.29
CA ALA C 246 8.78 9.54 42.92
C ALA C 246 9.14 9.39 44.39
N ARG C 247 10.38 9.69 44.76
CA ARG C 247 10.76 9.68 46.16
C ARG C 247 11.81 10.74 46.43
N ALA C 248 11.88 11.19 47.69
CA ALA C 248 12.74 12.31 48.06
C ALA C 248 14.21 11.97 47.84
N ALA C 249 14.97 12.94 47.34
CA ALA C 249 16.41 12.82 47.19
C ALA C 249 17.02 12.53 48.55
N THR C 250 18.10 11.74 48.56
CA THR C 250 18.78 11.40 49.81
C THR C 250 20.11 12.14 49.91
N SER C 251 20.38 12.98 48.92
CA SER C 251 21.56 13.83 48.93
C SER C 251 21.31 14.99 48.00
N ASN C 252 22.16 16.01 48.08
CA ASN C 252 22.15 17.12 47.15
C ASN C 252 22.68 16.66 45.81
N ILE C 253 21.90 16.91 44.76
CA ILE C 253 22.24 16.45 43.43
C ILE C 253 22.41 17.63 42.49
N ASP C 254 23.48 17.60 41.71
CA ASP C 254 23.72 18.63 40.69
C ASP C 254 24.49 17.96 39.57
N ASN C 255 23.87 17.85 38.38
CA ASN C 255 24.50 17.10 37.30
C ASN C 255 25.43 17.97 36.44
N THR C 256 25.93 19.06 37.02
CA THR C 256 26.86 19.90 36.29
C THR C 256 27.97 19.06 35.62
N GLY C 257 28.29 19.35 34.36
CA GLY C 257 29.30 18.60 33.63
C GLY C 257 28.81 17.35 32.92
N THR C 258 27.58 16.91 33.23
CA THR C 258 27.00 15.72 32.61
C THR C 258 26.16 16.08 31.38
N THR C 259 26.45 15.44 30.26
CA THR C 259 25.65 15.66 29.05
C THR C 259 24.53 14.63 28.99
N TRP C 260 23.29 15.08 28.76
CA TRP C 260 22.14 14.20 28.91
C TRP C 260 21.16 14.42 27.76
N HIS C 261 20.05 13.68 27.77
CA HIS C 261 19.12 13.72 26.66
C HIS C 261 17.72 14.08 27.15
N PHE C 262 17.01 14.89 26.34
CA PHE C 262 15.67 15.32 26.69
C PHE C 262 14.76 15.25 25.47
N GLY C 263 13.54 14.79 25.65
CA GLY C 263 12.56 14.83 24.55
C GLY C 263 11.22 15.18 25.11
N THR C 264 10.45 15.96 24.35
CA THR C 264 9.05 16.14 24.71
C THR C 264 8.30 14.91 24.24
N ARG C 265 7.11 14.73 24.79
CA ARG C 265 6.19 13.70 24.32
C ARG C 265 4.90 14.40 23.85
N PHE C 266 4.95 14.90 22.62
CA PHE C 266 3.86 15.67 22.03
C PHE C 266 2.52 14.95 22.14
N TRP C 267 2.51 13.67 21.79
CA TRP C 267 1.26 12.92 21.72
C TRP C 267 0.71 12.53 23.08
N ASP C 268 1.53 12.65 24.13
CA ASP C 268 1.06 12.36 25.48
C ASP C 268 0.77 13.63 26.27
N SER C 269 0.94 14.80 25.66
CA SER C 269 0.74 16.07 26.38
C SER C 269 -0.68 16.54 26.13
N PRO C 270 -1.40 16.93 27.18
CA PRO C 270 -2.75 17.45 27.01
C PRO C 270 -2.72 18.70 26.14
N TRP C 271 -3.70 18.89 25.28
CA TRP C 271 -3.81 20.15 24.59
C TRP C 271 -4.24 21.21 25.56
N GLU C 272 -3.60 22.37 25.49
CA GLU C 272 -4.15 23.54 26.17
C GLU C 272 -5.22 24.08 25.24
N ILE C 273 -6.44 24.28 25.75
CA ILE C 273 -7.56 24.70 24.91
C ILE C 273 -8.18 25.93 25.53
N THR C 274 -8.20 27.02 24.76
CA THR C 274 -8.65 28.32 25.28
C THR C 274 -9.68 28.93 24.36
N GLU C 275 -10.86 29.23 24.88
CA GLU C 275 -11.89 29.85 24.05
C GLU C 275 -11.49 31.28 23.68
N LEU C 276 -11.72 31.67 22.43
CA LEU C 276 -11.40 33.04 21.99
C LEU C 276 -12.67 33.86 21.97
N PRO C 277 -12.81 34.79 22.93
CA PRO C 277 -14.07 35.52 23.04
C PRO C 277 -14.47 36.26 21.76
N ASP C 278 -15.74 36.12 21.41
CA ASP C 278 -16.36 36.76 20.24
C ASP C 278 -15.83 36.36 18.87
N VAL C 279 -15.03 35.30 18.82
CA VAL C 279 -14.63 34.77 17.52
C VAL C 279 -15.68 33.75 17.08
N ALA C 280 -16.70 34.25 16.41
CA ALA C 280 -17.88 33.45 16.10
C ALA C 280 -18.75 34.23 15.13
N TYR C 281 -19.65 33.53 14.46
CA TYR C 281 -20.65 34.23 13.69
C TYR C 281 -21.43 35.19 14.59
N SER C 282 -21.81 36.32 14.02
CA SER C 282 -22.66 37.27 14.73
C SER C 282 -23.37 38.11 13.70
N THR C 283 -24.58 38.56 14.01
CA THR C 283 -25.24 39.49 13.11
C THR C 283 -24.66 40.89 13.21
N ASN C 284 -23.81 41.12 14.22
CA ASN C 284 -23.08 42.38 14.37
C ASN C 284 -21.82 42.32 13.53
N ALA C 285 -21.72 43.17 12.51
CA ALA C 285 -20.61 43.09 11.55
C ALA C 285 -19.28 43.41 12.21
N ASP C 286 -19.30 44.06 13.35
CA ASP C 286 -18.03 44.33 14.05
C ASP C 286 -17.58 43.21 14.98
N LEU C 287 -18.43 42.21 15.16
CA LEU C 287 -18.04 41.02 15.92
C LEU C 287 -17.87 39.82 15.03
N CYS C 288 -18.69 39.74 13.98
CA CYS C 288 -18.76 38.52 13.17
C CYS C 288 -17.39 38.08 12.66
N VAL C 289 -17.11 36.79 12.82
CA VAL C 289 -15.96 36.19 12.16
C VAL C 289 -16.45 35.05 11.30
N THR C 290 -16.07 35.09 10.02
CA THR C 290 -16.36 34.02 9.07
C THR C 290 -15.33 32.91 9.15
N GLU C 291 -14.05 33.27 9.11
CA GLU C 291 -12.97 32.28 9.10
C GLU C 291 -11.76 32.90 9.75
N THR C 292 -11.02 32.09 10.52
CA THR C 292 -9.65 32.44 10.89
C THR C 292 -8.74 31.68 9.93
N HIS C 293 -7.61 32.28 9.56
CA HIS C 293 -6.86 31.82 8.40
C HIS C 293 -5.46 32.41 8.45
N SER C 294 -4.45 31.54 8.36
CA SER C 294 -3.03 31.95 8.34
C SER C 294 -2.49 32.28 9.75
N PHE C 295 -1.17 32.23 9.88
CA PHE C 295 -0.53 32.34 11.20
C PHE C 295 0.88 32.85 10.98
N THR C 296 1.35 33.78 11.80
CA THR C 296 2.76 34.15 11.71
C THR C 296 3.26 34.65 13.06
N VAL C 297 4.51 34.31 13.37
CA VAL C 297 5.11 34.75 14.63
C VAL C 297 5.80 36.09 14.51
N ILE C 298 5.51 36.97 15.45
CA ILE C 298 6.18 38.26 15.53
C ILE C 298 7.38 38.17 16.46
N ASP C 299 7.19 37.54 17.63
CA ASP C 299 8.27 37.38 18.61
C ASP C 299 8.16 35.97 19.20
N ASP C 300 9.12 35.12 18.87
CA ASP C 300 9.07 33.73 19.31
CA ASP C 300 9.10 33.73 19.33
C ASP C 300 9.25 33.61 20.83
N ASP C 301 10.19 34.36 21.38
CA ASP C 301 10.51 34.22 22.81
C ASP C 301 9.39 34.71 23.71
N ASN C 302 8.68 35.74 23.24
CA ASN C 302 7.60 36.33 24.02
C ASN C 302 6.19 35.92 23.55
N TYR C 303 6.17 34.93 22.67
CA TYR C 303 4.90 34.35 22.20
C TYR C 303 3.94 35.41 21.66
N THR C 304 4.48 36.28 20.80
CA THR C 304 3.65 37.28 20.12
C THR C 304 3.39 36.77 18.70
N PHE C 305 2.12 36.62 18.30
CA PHE C 305 1.82 36.13 16.94
C PHE C 305 0.50 36.69 16.44
N ALA C 306 0.24 36.52 15.15
CA ALA C 306 -0.97 37.04 14.56
C ALA C 306 -1.63 35.91 13.78
N VAL C 307 -2.96 35.99 13.73
CA VAL C 307 -3.81 35.05 13.00
C VAL C 307 -4.67 35.89 12.05
N GLY C 308 -4.80 35.48 10.79
CA GLY C 308 -5.67 36.23 9.89
C GLY C 308 -7.13 35.96 10.16
N TYR C 309 -8.00 36.89 9.80
CA TYR C 309 -9.43 36.61 9.86
C TYR C 309 -10.22 37.50 8.90
N HIS C 310 -11.45 37.10 8.60
CA HIS C 310 -12.36 38.02 7.91
C HIS C 310 -13.80 37.74 8.29
N ASN C 311 -14.62 38.77 8.14
CA ASN C 311 -16.07 38.63 8.13
C ASN C 311 -16.53 38.83 6.69
N GLY C 312 -17.06 37.77 6.08
CA GLY C 312 -17.69 37.88 4.78
C GLY C 312 -19.17 37.58 4.80
N ASP C 313 -19.77 37.57 5.98
CA ASP C 313 -21.17 37.18 6.15
C ASP C 313 -22.09 38.37 6.31
N ILE C 314 -21.62 39.39 7.02
CA ILE C 314 -22.44 40.57 7.30
C ILE C 314 -21.77 41.81 6.74
N SER C 315 -22.48 42.56 5.90
CA SER C 315 -21.95 43.83 5.41
CA SER C 315 -21.96 43.83 5.41
C SER C 315 -21.93 44.84 6.56
N PRO C 316 -20.86 45.63 6.64
CA PRO C 316 -19.67 45.68 5.77
C PRO C 316 -18.65 44.60 6.16
N ARG C 317 -17.94 44.06 5.17
CA ARG C 317 -16.90 43.10 5.47
C ARG C 317 -15.85 43.72 6.39
N ARG C 318 -15.16 42.89 7.17
CA ARG C 318 -13.95 43.32 7.87
C ARG C 318 -12.90 42.28 7.55
N LEU C 319 -11.65 42.69 7.47
CA LEU C 319 -10.57 41.73 7.18
C LEU C 319 -9.36 42.27 7.91
N GLY C 320 -8.60 41.39 8.54
CA GLY C 320 -7.38 41.82 9.19
C GLY C 320 -6.75 40.70 9.98
N ILE C 321 -6.19 41.06 11.14
CA ILE C 321 -5.47 40.09 11.95
C ILE C 321 -5.98 40.11 13.39
N LEU C 322 -5.89 38.96 14.05
CA LEU C 322 -6.02 38.88 15.49
C LEU C 322 -4.62 38.86 16.03
N TYR C 323 -4.28 39.87 16.83
CA TYR C 323 -2.91 40.03 17.29
C TYR C 323 -2.80 39.65 18.77
N PHE C 324 -2.00 38.62 19.05
CA PHE C 324 -1.85 38.10 20.42
C PHE C 324 -0.53 38.60 20.98
N ASN C 325 -0.55 39.46 22.01
CA ASN C 325 0.69 40.02 22.53
CA ASN C 325 0.72 40.00 22.48
C ASN C 325 1.56 39.01 23.30
N ASN C 326 0.90 38.08 23.98
CA ASN C 326 1.59 37.01 24.73
C ASN C 326 0.68 35.80 24.91
N ALA C 327 0.78 34.89 23.96
CA ALA C 327 -0.16 33.81 23.91
C ALA C 327 0.18 32.72 24.90
N TYR C 328 1.40 32.72 25.39
CA TYR C 328 1.78 31.72 26.41
C TYR C 328 1.09 32.04 27.75
N SER C 329 1.25 33.28 28.21
CA SER C 329 0.67 33.69 29.49
C SER C 329 -0.79 34.07 29.42
N ASP C 330 -1.24 34.53 28.25
CA ASP C 330 -2.61 35.00 28.11
C ASP C 330 -3.17 34.61 26.76
N PRO C 331 -3.39 33.30 26.57
CA PRO C 331 -3.83 32.78 25.27
C PRO C 331 -5.17 33.36 24.81
N SER C 332 -6.00 33.90 25.71
CA SER C 332 -7.31 34.40 25.28
C SER C 332 -7.26 35.88 24.91
N SER C 333 -6.09 36.50 25.02
CA SER C 333 -6.00 37.96 24.87
C SER C 333 -5.45 38.36 23.50
N PHE C 334 -6.31 39.00 22.69
CA PHE C 334 -5.90 39.45 21.38
C PHE C 334 -6.66 40.70 21.04
N THR C 335 -6.15 41.43 20.06
CA THR C 335 -6.89 42.59 19.54
C THR C 335 -7.08 42.46 18.04
N ARG C 336 -8.15 43.03 17.52
CA ARG C 336 -8.44 42.99 16.08
C ARG C 336 -7.78 44.21 15.43
N ARG C 337 -7.03 43.97 14.37
CA ARG C 337 -6.44 45.07 13.60
C ARG C 337 -6.80 44.85 12.16
N THR C 338 -7.59 45.77 11.61
CA THR C 338 -8.18 45.57 10.28
C THR C 338 -7.51 46.39 9.20
N ILE C 339 -7.62 45.94 7.95
CA ILE C 339 -7.22 46.75 6.81
C ILE C 339 -8.42 47.66 6.46
N SER C 340 -8.18 48.62 5.58
CA SER C 340 -9.24 49.59 5.27
C SER C 340 -10.34 48.94 4.43
N GLN C 341 -11.51 49.55 4.50
CA GLN C 341 -12.69 49.00 3.87
C GLN C 341 -12.50 48.86 2.36
N GLU C 342 -11.73 49.78 1.78
CA GLU C 342 -11.46 49.83 0.34
C GLU C 342 -10.92 48.50 -0.10
N TYR C 343 -10.05 47.93 0.72
CA TYR C 343 -9.39 46.67 0.35
C TYR C 343 -9.99 45.46 1.03
N ALA C 344 -10.82 45.68 2.04
CA ALA C 344 -11.58 44.57 2.64
C ALA C 344 -12.84 44.20 1.86
N ASP C 345 -13.43 45.15 1.13
CA ASP C 345 -14.61 44.83 0.32
C ASP C 345 -14.27 43.70 -0.63
N ASN C 346 -15.21 42.80 -0.85
CA ASN C 346 -15.00 41.70 -1.81
C ASN C 346 -13.69 40.96 -1.54
N ALA C 347 -13.38 40.75 -0.27
CA ALA C 347 -12.10 40.07 0.08
C ALA C 347 -12.27 39.09 1.20
N ALA C 348 -11.31 38.18 1.30
CA ALA C 348 -11.35 37.14 2.31
C ALA C 348 -9.96 36.57 2.52
N GLU C 349 -9.84 35.73 3.54
CA GLU C 349 -8.70 34.76 3.70
C GLU C 349 -7.30 35.37 3.52
N PRO C 350 -6.94 36.30 4.40
CA PRO C 350 -5.61 36.91 4.30
C PRO C 350 -4.52 35.92 4.65
N CYS C 351 -3.46 35.91 3.84
CA CYS C 351 -2.24 35.20 4.21
C CYS C 351 -1.31 36.24 4.79
N ILE C 352 -0.71 35.93 5.94
CA ILE C 352 0.16 36.91 6.63
C ILE C 352 1.48 36.27 7.04
N LYS C 353 2.56 37.01 6.83
CA LYS C 353 3.90 36.55 7.21
C LYS C 353 4.72 37.73 7.67
N TYR C 354 5.42 37.55 8.78
CA TYR C 354 6.26 38.62 9.36
C TYR C 354 7.74 38.32 9.14
N TYR C 355 8.48 39.33 8.67
CA TYR C 355 9.92 39.23 8.48
C TYR C 355 10.57 40.55 8.83
N ASP C 356 11.56 40.48 9.73
CA ASP C 356 12.42 41.62 10.03
C ASP C 356 11.62 42.90 10.25
N GLY C 357 10.60 42.83 11.11
CA GLY C 357 9.87 44.04 11.52
C GLY C 357 8.73 44.47 10.62
N ILE C 358 8.49 43.73 9.55
CA ILE C 358 7.45 44.05 8.58
C ILE C 358 6.46 42.90 8.46
N LEU C 359 5.19 43.22 8.62
CA LEU C 359 4.12 42.24 8.43
C LEU C 359 3.57 42.38 7.01
N TYR C 360 3.63 41.29 6.22
CA TYR C 360 3.11 41.30 4.85
C TYR C 360 1.80 40.54 4.81
N LEU C 361 0.91 40.94 3.90
CA LEU C 361 -0.43 40.38 3.86
C LEU C 361 -0.89 40.32 2.42
N THR C 362 -1.54 39.21 2.04
CA THR C 362 -2.29 39.20 0.77
C THR C 362 -3.72 38.84 1.01
N THR C 363 -4.62 39.31 0.14
CA THR C 363 -6.00 38.89 0.27
C THR C 363 -6.46 38.03 -0.90
N ARG C 364 -7.54 37.28 -0.67
CA ARG C 364 -8.31 36.66 -1.74
C ARG C 364 -9.41 37.61 -2.19
N GLY C 365 -9.54 37.78 -3.50
CA GLY C 365 -10.66 38.55 -4.06
C GLY C 365 -11.87 37.65 -4.17
N THR C 366 -13.08 38.18 -3.94
CA THR C 366 -14.24 37.29 -3.96
C THR C 366 -15.15 37.51 -5.15
N SER C 367 -14.76 38.43 -6.04
CA SER C 367 -15.57 38.70 -7.23
C SER C 367 -14.75 38.88 -8.50
N THR C 368 -15.20 38.26 -9.59
CA THR C 368 -14.52 38.44 -10.87
C THR C 368 -14.77 39.85 -11.43
N SER C 369 -15.79 40.53 -10.93
CA SER C 369 -16.17 41.84 -11.48
C SER C 369 -15.93 43.03 -10.53
N ALA C 370 -15.04 42.84 -9.57
CA ALA C 370 -14.63 43.92 -8.68
C ALA C 370 -13.15 43.76 -8.38
N ALA C 371 -12.52 44.85 -7.93
CA ALA C 371 -11.09 44.84 -7.67
C ALA C 371 -10.79 43.68 -6.72
N GLY C 372 -9.71 42.96 -7.01
CA GLY C 372 -9.50 41.67 -6.36
C GLY C 372 -8.35 41.71 -5.36
N SER C 373 -7.59 40.62 -5.33
CA SER C 373 -6.46 40.51 -4.37
C SER C 373 -5.57 41.72 -4.25
N THR C 374 -5.14 41.99 -3.01
CA THR C 374 -4.29 43.09 -2.68
C THR C 374 -3.08 42.57 -1.92
N LEU C 375 -1.92 43.16 -2.18
CA LEU C 375 -0.71 42.96 -1.36
C LEU C 375 -0.55 44.13 -0.42
N ALA C 376 -0.25 43.87 0.84
CA ALA C 376 -0.12 44.97 1.78
C ALA C 376 1.03 44.73 2.74
N MET C 377 1.54 45.78 3.35
CA MET C 377 2.56 45.60 4.37
CA MET C 377 2.55 45.60 4.37
C MET C 377 2.34 46.60 5.50
N SER C 378 2.75 46.20 6.69
CA SER C 378 2.62 47.06 7.88
C SER C 378 3.93 47.09 8.64
N ALA C 379 4.39 48.27 9.06
CA ALA C 379 5.58 48.37 9.89
C ALA C 379 5.21 48.55 11.36
N ASP C 380 3.91 48.50 11.67
CA ASP C 380 3.48 48.74 13.05
C ASP C 380 2.43 47.72 13.48
N LEU C 381 2.69 46.48 13.07
CA LEU C 381 1.95 45.33 13.56
C LEU C 381 0.48 45.45 13.26
N GLY C 382 0.14 46.00 12.10
CA GLY C 382 -1.21 45.96 11.62
C GLY C 382 -2.04 47.18 11.97
N GLU C 383 -1.46 48.16 12.66
CA GLU C 383 -2.24 49.36 12.95
C GLU C 383 -2.43 50.19 11.70
N ASN C 384 -1.45 50.16 10.80
CA ASN C 384 -1.55 50.85 9.50
C ASN C 384 -0.94 49.99 8.40
N TRP C 385 -1.48 50.12 7.19
CA TRP C 385 -1.01 49.33 6.06
C TRP C 385 -0.70 50.20 4.83
N ASN C 386 0.29 49.76 4.05
CA ASN C 386 0.57 50.28 2.71
C ASN C 386 0.00 49.24 1.75
N TYR C 387 -0.79 49.65 0.77
CA TYR C 387 -1.49 48.71 -0.12
C TYR C 387 -1.05 48.77 -1.57
N LEU C 388 -1.04 47.60 -2.23
CA LEU C 388 -0.89 47.51 -3.68
C LEU C 388 -1.90 46.53 -4.25
N ARG C 389 -2.87 47.02 -5.01
CA ARG C 389 -3.87 46.16 -5.61
C ARG C 389 -3.23 45.41 -6.76
N PHE C 390 -3.46 44.09 -6.86
CA PHE C 390 -3.06 43.44 -8.09
C PHE C 390 -4.02 43.89 -9.20
N PRO C 391 -3.48 44.16 -10.41
CA PRO C 391 -4.42 44.50 -11.49
C PRO C 391 -5.29 43.31 -11.89
N ASN C 392 -6.40 43.61 -12.55
CA ASN C 392 -7.20 42.62 -13.24
C ASN C 392 -8.01 41.67 -12.36
N ASN C 393 -8.38 42.13 -11.17
CA ASN C 393 -9.39 41.42 -10.34
C ASN C 393 -9.01 39.97 -10.07
N VAL C 394 -7.84 39.76 -9.47
CA VAL C 394 -7.45 38.40 -9.10
C VAL C 394 -8.45 37.89 -8.05
N HIS C 395 -9.02 36.70 -8.25
CA HIS C 395 -10.13 36.30 -7.39
C HIS C 395 -10.18 34.77 -7.22
N HIS C 396 -10.97 34.34 -6.23
CA HIS C 396 -11.29 32.95 -5.89
C HIS C 396 -10.15 32.15 -5.26
N THR C 397 -8.97 32.74 -5.17
CA THR C 397 -7.83 32.02 -4.60
C THR C 397 -7.18 32.84 -3.46
N ASN C 398 -6.77 32.17 -2.37
CA ASN C 398 -5.87 32.84 -1.44
C ASN C 398 -4.50 32.91 -2.14
N LEU C 399 -3.61 33.79 -1.66
CA LEU C 399 -2.33 33.99 -2.30
C LEU C 399 -1.22 33.80 -1.28
N PRO C 400 -0.92 32.54 -0.93
CA PRO C 400 0.14 32.32 0.05
C PRO C 400 1.51 32.65 -0.56
N PHE C 401 2.46 32.95 0.32
CA PHE C 401 3.73 33.48 -0.14
C PHE C 401 4.79 33.28 0.92
N ALA C 402 6.03 33.47 0.48
CA ALA C 402 7.17 33.60 1.43
C ALA C 402 8.09 34.68 0.91
N LYS C 403 8.82 35.32 1.83
CA LYS C 403 9.88 36.24 1.46
C LYS C 403 11.20 35.50 1.47
N VAL C 404 11.93 35.58 0.38
CA VAL C 404 13.26 35.01 0.31
C VAL C 404 14.19 36.07 -0.24
N GLY C 405 15.15 36.51 0.57
CA GLY C 405 15.95 37.65 0.16
C GLY C 405 15.08 38.88 -0.10
N ASP C 406 15.30 39.54 -1.24
CA ASP C 406 14.53 40.73 -1.54
C ASP C 406 13.16 40.45 -2.20
N TYR C 407 12.79 39.17 -2.39
CA TYR C 407 11.55 38.87 -3.16
C TYR C 407 10.45 38.21 -2.35
N LEU C 408 9.19 38.54 -2.67
CA LEU C 408 8.08 37.72 -2.24
C LEU C 408 7.75 36.77 -3.40
N TYR C 409 7.68 35.47 -3.09
CA TYR C 409 7.16 34.51 -4.04
C TYR C 409 5.73 34.21 -3.67
N ILE C 410 4.80 34.59 -4.56
CA ILE C 410 3.38 34.52 -4.28
C ILE C 410 2.71 33.58 -5.26
N PHE C 411 1.84 32.70 -4.76
CA PHE C 411 1.21 31.66 -5.58
C PHE C 411 -0.30 31.72 -5.52
N GLY C 412 -0.96 31.28 -6.59
CA GLY C 412 -2.41 31.16 -6.58
C GLY C 412 -2.78 30.17 -7.66
N THR C 413 -3.99 29.64 -7.56
CA THR C 413 -4.46 28.62 -8.52
C THR C 413 -5.91 28.93 -8.86
N GLU C 414 -6.28 28.94 -10.14
CA GLU C 414 -7.70 29.10 -10.47
C GLU C 414 -8.47 27.82 -10.13
N ARG C 415 -9.78 27.91 -9.92
CA ARG C 415 -10.57 26.79 -9.45
C ARG C 415 -10.87 25.83 -10.60
N SER C 416 -10.99 26.41 -11.80
CA SER C 416 -11.25 25.65 -13.02
C SER C 416 -10.63 26.48 -14.15
N PHE C 417 -10.32 25.87 -15.29
CA PHE C 417 -9.63 26.58 -16.35
C PHE C 417 -10.35 27.86 -16.79
N GLY C 418 -9.58 28.91 -17.00
CA GLY C 418 -10.10 30.14 -17.61
C GLY C 418 -10.77 31.10 -16.64
N GLU C 419 -10.78 30.80 -15.35
CA GLU C 419 -11.38 31.70 -14.36
C GLU C 419 -10.42 32.78 -13.84
N TRP C 420 -9.12 32.60 -14.04
CA TRP C 420 -8.15 33.56 -13.45
C TRP C 420 -8.35 35.01 -13.85
N GLU C 421 -8.48 35.24 -15.16
CA GLU C 421 -8.54 36.60 -15.70
C GLU C 421 -9.74 37.41 -15.16
N GLY C 422 -9.51 38.68 -14.91
CA GLY C 422 -10.59 39.53 -14.43
C GLY C 422 -11.77 39.54 -15.40
N GLN C 423 -12.97 39.51 -14.82
CA GLN C 423 -14.27 39.49 -15.50
C GLN C 423 -14.65 38.17 -16.16
N GLU C 424 -13.75 37.20 -16.13
CA GLU C 424 -14.11 35.87 -16.67
C GLU C 424 -15.14 35.19 -15.78
N LEU C 425 -16.06 34.46 -16.40
CA LEU C 425 -17.12 33.78 -15.66
C LEU C 425 -16.64 32.44 -15.12
N ASP C 426 -17.34 31.93 -14.12
CA ASP C 426 -16.98 30.62 -13.58
C ASP C 426 -17.20 29.58 -14.69
N ASN C 427 -16.39 28.53 -14.66
CA ASN C 427 -16.39 27.51 -15.72
C ASN C 427 -16.48 26.14 -15.06
N ARG C 428 -17.64 25.85 -14.49
CA ARG C 428 -17.82 24.62 -13.71
C ARG C 428 -18.63 23.57 -14.48
N TYR C 429 -18.74 22.38 -13.90
CA TYR C 429 -19.62 21.32 -14.39
C TYR C 429 -19.08 20.61 -15.62
N LYS C 430 -17.79 20.77 -15.89
CA LYS C 430 -17.14 19.91 -16.87
CA LYS C 430 -17.11 19.97 -16.91
C LYS C 430 -15.68 19.79 -16.46
N GLY C 431 -15.03 18.72 -16.90
CA GLY C 431 -13.63 18.56 -16.49
C GLY C 431 -12.74 19.57 -17.18
N THR C 432 -11.80 20.17 -16.44
CA THR C 432 -10.92 21.17 -17.04
C THR C 432 -9.53 21.11 -16.43
N TYR C 433 -8.61 21.89 -17.01
CA TYR C 433 -7.22 21.96 -16.49
C TYR C 433 -6.88 23.36 -15.92
N PRO C 434 -7.27 23.61 -14.67
CA PRO C 434 -6.94 24.92 -14.07
C PRO C 434 -5.44 25.18 -13.97
N ARG C 435 -5.05 26.43 -14.26
CA ARG C 435 -3.66 26.87 -14.15
C ARG C 435 -3.30 27.34 -12.75
N THR C 436 -2.06 27.03 -12.35
CA THR C 436 -1.45 27.57 -11.14
C THR C 436 -0.42 28.60 -11.56
N PHE C 437 -0.39 29.72 -10.83
CA PHE C 437 0.50 30.85 -11.13
C PHE C 437 1.37 31.22 -9.97
N MET C 438 2.51 31.81 -10.30
CA MET C 438 3.44 32.34 -9.31
C MET C 438 3.90 33.71 -9.81
N CYS C 439 4.05 34.69 -8.91
CA CYS C 439 4.78 35.91 -9.30
C CYS C 439 5.90 36.13 -8.28
N LYS C 440 6.85 36.96 -8.64
CA LYS C 440 8.05 37.18 -7.82
C LYS C 440 8.17 38.69 -7.72
N ILE C 441 7.87 39.23 -6.55
CA ILE C 441 7.77 40.68 -6.37
C ILE C 441 9.01 41.15 -5.61
N ASN C 442 9.76 42.07 -6.19
CA ASN C 442 10.90 42.67 -5.50
C ASN C 442 10.43 43.70 -4.46
N VAL C 443 10.71 43.43 -3.19
CA VAL C 443 10.27 44.35 -2.13
C VAL C 443 11.46 44.93 -1.40
N SER C 444 12.64 44.87 -2.03
CA SER C 444 13.82 45.55 -1.44
C SER C 444 13.46 47.02 -1.18
N SER C 445 12.71 47.61 -2.09
CA SER C 445 11.91 48.80 -1.76
C SER C 445 10.48 48.42 -2.10
N TRP C 446 9.51 49.01 -1.41
CA TRP C 446 8.12 48.72 -1.71
C TRP C 446 7.83 49.15 -3.15
N PRO C 447 7.20 48.29 -3.93
CA PRO C 447 6.95 48.70 -5.32
C PRO C 447 6.06 49.93 -5.40
N VAL C 448 6.27 50.69 -6.46
CA VAL C 448 5.42 51.82 -6.76
C VAL C 448 4.01 51.38 -7.25
N SER C 449 3.94 50.22 -7.91
CA SER C 449 2.69 49.71 -8.47
C SER C 449 2.89 48.25 -8.84
N LEU C 450 1.79 47.49 -8.89
CA LEU C 450 1.87 46.12 -9.40
C LEU C 450 1.26 46.03 -10.81
N SER C 451 1.03 47.17 -11.46
CA SER C 451 0.38 47.14 -12.79
CA SER C 451 0.38 47.14 -12.79
C SER C 451 1.06 46.22 -13.80
N ASN C 452 2.39 46.11 -13.68
CA ASN C 452 3.22 45.30 -14.59
C ASN C 452 3.54 43.94 -14.01
N VAL C 453 2.79 43.49 -13.01
CA VAL C 453 3.07 42.18 -12.42
C VAL C 453 3.09 41.08 -13.49
N GLN C 454 4.06 40.19 -13.37
CA GLN C 454 4.19 39.08 -14.30
C GLN C 454 3.83 37.78 -13.58
N TRP C 455 2.66 37.22 -13.91
CA TRP C 455 2.26 35.93 -13.35
C TRP C 455 2.73 34.84 -14.29
N PHE C 456 3.41 33.84 -13.74
CA PHE C 456 3.91 32.70 -14.53
C PHE C 456 3.02 31.50 -14.24
N ASN C 457 2.44 30.90 -15.29
CA ASN C 457 1.73 29.64 -15.15
C ASN C 457 2.79 28.55 -15.07
N ILE C 458 2.93 27.96 -13.87
CA ILE C 458 4.06 27.06 -13.61
C ILE C 458 3.68 25.59 -13.61
N THR C 459 2.38 25.31 -13.46
CA THR C 459 1.86 23.92 -13.52
C THR C 459 0.37 24.01 -13.71
N ASP C 460 -0.23 22.96 -14.30
CA ASP C 460 -1.68 22.84 -14.47
C ASP C 460 -2.19 21.63 -13.70
N GLN C 461 -3.33 21.81 -13.05
CA GLN C 461 -4.01 20.82 -12.24
C GLN C 461 -5.27 20.36 -13.00
N ILE C 462 -6.07 19.52 -12.37
CA ILE C 462 -7.32 19.03 -12.95
C ILE C 462 -8.46 19.39 -12.02
N TYR C 463 -9.55 19.91 -12.61
CA TYR C 463 -10.83 20.08 -11.92
C TYR C 463 -11.76 19.00 -12.50
N GLN C 464 -12.34 18.16 -11.64
CA GLN C 464 -13.01 16.92 -12.07
C GLN C 464 -14.31 17.26 -12.81
N GLY C 465 -15.12 18.17 -12.26
CA GLY C 465 -16.25 18.69 -13.04
C GLY C 465 -17.66 18.22 -12.70
N HIS C 466 -17.82 17.15 -11.92
CA HIS C 466 -19.18 16.62 -11.73
C HIS C 466 -19.87 17.21 -10.50
N ILE C 467 -19.16 18.07 -9.77
CA ILE C 467 -19.79 18.95 -8.78
C ILE C 467 -19.25 20.37 -8.97
N VAL C 468 -19.98 21.36 -8.48
CA VAL C 468 -19.58 22.75 -8.70
C VAL C 468 -18.32 23.09 -7.93
N ASN C 469 -18.11 22.44 -6.79
CA ASN C 469 -17.01 22.81 -5.91
C ASN C 469 -15.68 22.34 -6.46
N SER C 470 -14.63 23.12 -6.21
CA SER C 470 -13.29 22.73 -6.65
C SER C 470 -12.34 22.81 -5.48
N ALA C 471 -11.48 21.80 -5.37
CA ALA C 471 -10.46 21.81 -4.32
C ALA C 471 -9.15 22.39 -4.83
N CYS C 472 -9.11 22.79 -6.09
CA CYS C 472 -7.86 23.30 -6.67
C CYS C 472 -7.38 24.58 -6.01
N GLY C 473 -6.10 24.56 -5.60
CA GLY C 473 -5.50 25.70 -4.90
C GLY C 473 -5.72 25.62 -3.41
N VAL C 474 -6.35 26.67 -2.86
CA VAL C 474 -6.57 26.80 -1.41
C VAL C 474 -5.36 26.34 -0.59
N GLY C 475 -4.20 26.88 -0.93
CA GLY C 475 -2.91 26.31 -0.52
C GLY C 475 -2.15 27.16 0.49
N SER C 476 -0.90 26.81 0.61
CA SER C 476 -0.05 27.33 1.68
C SER C 476 1.41 27.25 1.23
N VAL C 477 2.27 28.13 1.75
CA VAL C 477 3.67 28.16 1.34
C VAL C 477 4.57 28.06 2.57
N CYS C 478 5.62 27.24 2.47
CA CYS C 478 6.63 27.21 3.54
C CYS C 478 8.00 27.00 2.90
N VAL C 479 9.05 27.18 3.71
CA VAL C 479 10.41 27.15 3.18
C VAL C 479 11.28 26.30 4.09
N LYS C 480 12.10 25.44 3.46
CA LYS C 480 13.14 24.71 4.21
C LYS C 480 14.45 24.87 3.48
N ASP C 481 15.39 25.58 4.10
CA ASP C 481 16.71 25.78 3.51
C ASP C 481 16.59 26.33 2.08
N GLY C 482 17.14 25.62 1.10
CA GLY C 482 17.14 26.14 -0.25
C GLY C 482 15.93 25.78 -1.10
N TRP C 483 14.86 25.30 -0.47
CA TRP C 483 13.65 24.92 -1.23
C TRP C 483 12.45 25.66 -0.64
N LEU C 484 11.58 26.13 -1.53
CA LEU C 484 10.28 26.67 -1.13
C LEU C 484 9.22 25.68 -1.61
N TYR C 485 8.14 25.55 -0.83
CA TYR C 485 7.04 24.61 -1.14
C TYR C 485 5.73 25.35 -1.23
N TYR C 486 5.04 25.25 -2.37
CA TYR C 486 3.65 25.68 -2.47
C TYR C 486 2.86 24.36 -2.42
N ILE C 487 2.10 24.19 -1.34
CA ILE C 487 1.42 22.90 -1.09
C ILE C 487 -0.07 23.20 -1.16
N PHE C 488 -0.79 22.49 -2.03
CA PHE C 488 -2.10 23.00 -2.46
C PHE C 488 -2.90 21.87 -3.09
N GLY C 489 -4.14 22.15 -3.49
CA GLY C 489 -4.98 21.09 -3.96
C GLY C 489 -5.08 20.93 -5.45
N GLY C 490 -5.34 19.70 -5.87
CA GLY C 490 -5.76 19.43 -7.26
C GLY C 490 -6.64 18.22 -7.27
N GLU C 491 -7.41 18.04 -8.37
CA GLU C 491 -8.24 16.85 -8.51
C GLU C 491 -7.74 15.93 -9.60
N ASP C 492 -8.60 15.02 -10.03
CA ASP C 492 -8.30 14.08 -11.12
C ASP C 492 -9.64 13.86 -11.79
N PHE C 493 -9.68 13.13 -12.88
CA PHE C 493 -10.96 13.04 -13.62
C PHE C 493 -11.94 11.99 -13.09
N LEU C 494 -11.56 11.24 -12.04
CA LEU C 494 -12.46 10.21 -11.50
C LEU C 494 -13.58 10.85 -10.67
N SER C 495 -14.81 10.67 -11.10
CA SER C 495 -15.96 11.29 -10.43
C SER C 495 -16.23 10.76 -9.04
N PRO C 496 -16.71 11.64 -8.14
CA PRO C 496 -17.20 11.17 -6.83
C PRO C 496 -18.63 10.63 -6.89
N TRP C 497 -19.33 10.81 -8.01
CA TRP C 497 -20.71 10.28 -8.15
C TRP C 497 -21.68 10.82 -7.07
N SER C 498 -21.51 12.08 -6.70
CA SER C 498 -22.48 12.71 -5.81
C SER C 498 -23.81 12.85 -6.54
N ILE C 499 -23.73 13.12 -7.83
CA ILE C 499 -24.86 12.96 -8.78
C ILE C 499 -24.63 11.59 -9.41
N GLY C 500 -25.39 10.59 -8.97
CA GLY C 500 -25.05 9.20 -9.25
C GLY C 500 -25.44 8.43 -8.01
N ASP C 501 -24.71 7.34 -7.73
CA ASP C 501 -25.09 6.45 -6.66
C ASP C 501 -24.47 6.81 -5.33
N ASN C 502 -23.75 7.92 -5.25
CA ASN C 502 -23.04 8.26 -4.02
C ASN C 502 -23.34 9.67 -3.51
N SER C 503 -24.61 10.05 -3.52
CA SER C 503 -24.96 11.35 -2.92
C SER C 503 -24.59 11.39 -1.44
N LYS C 504 -24.46 10.24 -0.78
CA LYS C 504 -23.99 10.21 0.61
C LYS C 504 -22.51 10.57 0.79
N LYS C 505 -21.77 10.58 -0.34
CA LYS C 505 -20.35 11.02 -0.35
C LYS C 505 -19.44 10.06 0.42
N LEU C 506 -19.82 8.78 0.43
CA LEU C 506 -18.97 7.77 1.10
C LEU C 506 -17.62 7.67 0.41
N TRP C 507 -16.53 7.91 1.15
CA TRP C 507 -15.20 7.85 0.54
C TRP C 507 -14.84 6.45 0.07
N TYR C 508 -15.40 5.42 0.70
CA TYR C 508 -14.94 4.08 0.39
C TYR C 508 -15.72 3.43 -0.80
N LYS C 509 -16.67 4.17 -1.36
CA LYS C 509 -17.43 3.71 -2.54
C LYS C 509 -16.72 4.16 -3.84
N HIS C 510 -16.54 3.21 -4.77
CA HIS C 510 -15.88 3.48 -6.06
C HIS C 510 -14.54 4.15 -5.81
N ASP C 511 -14.29 5.30 -6.41
CA ASP C 511 -12.98 5.95 -6.28
C ASP C 511 -12.96 7.04 -5.21
N GLY C 512 -13.98 7.08 -4.36
CA GLY C 512 -14.07 8.15 -3.37
C GLY C 512 -13.95 9.52 -4.03
N HIS C 513 -13.28 10.45 -3.35
CA HIS C 513 -13.23 11.86 -3.77
C HIS C 513 -11.90 12.16 -4.43
N PRO C 514 -11.92 12.96 -5.50
CA PRO C 514 -10.71 13.17 -6.29
C PRO C 514 -9.78 14.24 -5.72
N ALA C 515 -10.22 14.95 -4.69
CA ALA C 515 -9.39 16.03 -4.08
C ALA C 515 -8.22 15.44 -3.28
N ASP C 516 -7.00 15.85 -3.66
CA ASP C 516 -5.76 15.43 -2.97
C ASP C 516 -4.77 16.56 -3.04
N LEU C 517 -3.65 16.42 -2.33
CA LEU C 517 -2.71 17.53 -2.21
C LEU C 517 -1.48 17.31 -3.08
N TYR C 518 -0.87 18.42 -3.50
CA TYR C 518 0.34 18.44 -4.31
C TYR C 518 1.32 19.44 -3.70
N SER C 519 2.61 19.27 -4.02
CA SER C 519 3.64 20.21 -3.53
C SER C 519 4.50 20.60 -4.73
N TYR C 520 4.58 21.90 -4.98
CA TYR C 520 5.47 22.43 -5.99
C TYR C 520 6.70 22.92 -5.23
N ARG C 521 7.84 22.25 -5.47
CA ARG C 521 9.06 22.53 -4.73
C ARG C 521 9.99 23.31 -5.65
N LEU C 522 10.30 24.54 -5.24
CA LEU C 522 11.02 25.50 -6.07
C LEU C 522 12.38 25.85 -5.41
N LYS C 523 13.44 25.76 -6.19
CA LYS C 523 14.78 26.15 -5.71
C LYS C 523 14.83 27.66 -5.51
N ILE C 524 15.28 28.12 -4.34
CA ILE C 524 15.28 29.55 -4.08
CA ILE C 524 15.26 29.55 -4.02
C ILE C 524 16.62 30.08 -3.58
N THR C 525 17.60 29.22 -3.46
CA THR C 525 18.98 29.66 -3.17
C THR C 525 19.94 28.78 -3.96
N GLU C 526 21.24 29.09 -3.89
CA GLU C 526 22.22 28.20 -4.54
C GLU C 526 22.20 26.86 -3.80
N HIS C 527 22.32 25.77 -4.56
CA HIS C 527 22.42 24.44 -3.96
C HIS C 527 23.86 23.95 -4.08
N ASP C 528 24.63 24.25 -3.06
CA ASP C 528 26.08 23.93 -3.04
C ASP C 528 26.37 22.55 -2.45
N PHE C 529 25.68 21.56 -3.01
CA PHE C 529 25.77 20.16 -2.58
C PHE C 529 25.38 19.30 -3.76
N VAL C 530 25.81 18.05 -3.70
CA VAL C 530 25.44 17.04 -4.69
C VAL C 530 23.99 16.61 -4.45
N SER C 531 23.31 16.14 -5.49
CA SER C 531 21.89 15.84 -5.37
C SER C 531 21.54 14.91 -4.21
N ARG C 532 20.48 15.26 -3.47
CA ARG C 532 19.89 14.40 -2.45
C ARG C 532 18.69 13.62 -3.03
N ASP C 533 18.39 13.82 -4.30
CA ASP C 533 17.15 13.22 -4.83
C ASP C 533 17.26 11.73 -5.11
N PHE C 534 16.14 11.04 -4.99
CA PHE C 534 16.11 9.62 -5.38
C PHE C 534 14.79 9.32 -6.04
N LYS C 535 14.75 8.25 -6.83
N LYS C 535 14.75 8.23 -6.81
CA LYS C 535 13.49 7.71 -7.32
CA LYS C 535 13.51 7.71 -7.34
C LYS C 535 12.97 6.79 -6.25
C LYS C 535 12.97 6.70 -6.34
N TYR C 536 11.66 6.65 -6.17
CA TYR C 536 11.10 5.73 -5.18
C TYR C 536 10.81 4.39 -5.85
N GLY C 537 11.50 3.33 -5.40
CA GLY C 537 11.25 2.02 -5.97
C GLY C 537 10.96 0.97 -4.91
N ALA C 538 10.56 1.40 -3.72
CA ALA C 538 10.32 0.48 -2.61
C ALA C 538 8.89 -0.01 -2.61
N THR C 539 8.65 -1.15 -1.98
CA THR C 539 7.27 -1.53 -1.65
C THR C 539 6.79 -0.63 -0.49
N PRO C 540 5.72 0.15 -0.73
CA PRO C 540 5.30 1.07 0.36
C PRO C 540 4.81 0.25 1.52
N ASN C 541 5.36 0.50 2.71
CA ASN C 541 5.13 -0.44 3.81
C ASN C 541 5.00 0.23 5.17
N ARG C 542 4.37 1.41 5.16
CA ARG C 542 4.12 2.13 6.42
C ARG C 542 2.66 1.99 6.86
N THR C 543 1.71 2.10 5.94
CA THR C 543 0.31 2.05 6.37
C THR C 543 -0.03 0.71 7.00
N LEU C 544 0.34 -0.39 6.34
CA LEU C 544 0.11 -1.71 6.91
C LEU C 544 1.38 -2.51 6.64
N PRO C 545 2.33 -2.45 7.59
CA PRO C 545 3.67 -2.97 7.30
C PRO C 545 3.67 -4.46 7.18
N VAL C 546 4.00 -4.95 5.99
CA VAL C 546 3.93 -6.38 5.72
C VAL C 546 5.32 -6.95 5.40
N SER C 547 5.60 -8.10 6.00
CA SER C 547 6.80 -8.85 5.62
C SER C 547 6.35 -10.26 5.32
N MET C 548 6.99 -10.90 4.36
CA MET C 548 6.74 -12.32 4.13
C MET C 548 7.49 -13.16 5.17
N GLY C 549 6.77 -13.93 5.98
CA GLY C 549 7.42 -14.67 7.07
C GLY C 549 8.14 -15.92 6.55
N THR C 550 8.91 -16.56 7.43
CA THR C 550 9.54 -17.83 7.07
C THR C 550 8.45 -18.89 6.88
N ASP C 551 7.24 -18.62 7.37
CA ASP C 551 6.07 -19.50 7.19
C ASP C 551 5.40 -19.31 5.83
N GLY C 552 5.94 -18.39 5.02
CA GLY C 552 5.39 -18.15 3.68
C GLY C 552 4.09 -17.37 3.67
N VAL C 553 3.77 -16.74 4.80
CA VAL C 553 2.54 -15.91 4.90
C VAL C 553 2.91 -14.48 5.21
N ARG C 554 2.13 -13.55 4.67
CA ARG C 554 2.27 -12.12 4.99
C ARG C 554 1.98 -11.86 6.48
N HIS C 555 2.92 -11.20 7.16
CA HIS C 555 2.69 -10.72 8.53
C HIS C 555 2.56 -9.23 8.57
N VAL C 556 1.51 -8.75 9.24
CA VAL C 556 1.31 -7.32 9.44
C VAL C 556 1.85 -6.92 10.82
N SER C 557 2.75 -5.94 10.81
CA SER C 557 3.52 -5.62 12.05
C SER C 557 3.05 -4.33 12.70
N ALA C 558 1.74 -4.11 12.76
CA ALA C 558 1.24 -2.95 13.57
C ALA C 558 -0.14 -3.30 14.05
N PRO C 559 -0.58 -2.73 15.17
CA PRO C 559 -2.01 -2.84 15.55
C PRO C 559 -2.86 -2.10 14.51
N VAL C 560 -4.03 -2.64 14.18
CA VAL C 560 -4.88 -2.01 13.17
C VAL C 560 -6.31 -1.97 13.68
N THR C 561 -6.99 -0.85 13.44
CA THR C 561 -8.42 -0.76 13.75
C THR C 561 -9.21 -0.52 12.49
N PHE C 562 -10.13 -1.43 12.20
CA PHE C 562 -10.98 -1.30 11.01
C PHE C 562 -12.25 -0.55 11.41
N ASP C 563 -12.48 0.62 10.81
CA ASP C 563 -13.64 1.42 11.21
C ASP C 563 -14.95 0.97 10.50
N ASN C 564 -14.84 0.00 9.59
CA ASN C 564 -16.00 -0.49 8.83
C ASN C 564 -16.18 -1.99 8.94
N ASP C 565 -17.26 -2.51 8.35
CA ASP C 565 -17.50 -3.95 8.39
C ASP C 565 -16.36 -4.74 7.76
N VAL C 566 -15.99 -5.80 8.45
CA VAL C 566 -14.99 -6.72 7.93
C VAL C 566 -15.57 -8.11 7.74
N GLN C 567 -15.21 -8.74 6.62
CA GLN C 567 -15.52 -10.15 6.42
C GLN C 567 -14.23 -10.90 6.20
N MET C 568 -14.18 -12.15 6.66
N MET C 568 -14.17 -12.15 6.69
CA MET C 568 -13.03 -12.96 6.35
CA MET C 568 -12.96 -12.96 6.60
C MET C 568 -13.41 -14.40 6.17
C MET C 568 -13.32 -14.42 6.31
N TYR C 569 -12.59 -15.07 5.39
CA TYR C 569 -12.82 -16.48 5.06
C TYR C 569 -12.86 -17.38 6.31
N SER C 570 -11.85 -17.23 7.16
CA SER C 570 -11.75 -18.00 8.41
C SER C 570 -10.90 -17.14 9.35
N LEU C 571 -10.97 -17.43 10.65
CA LEU C 571 -10.24 -16.63 11.63
C LEU C 571 -9.57 -17.55 12.62
N THR C 572 -8.28 -17.30 12.88
CA THR C 572 -7.62 -17.91 14.02
C THR C 572 -7.06 -16.77 14.87
N VAL C 573 -7.37 -16.80 16.16
CA VAL C 573 -6.81 -15.77 17.06
C VAL C 573 -5.66 -16.45 17.77
N THR C 574 -4.47 -15.83 17.71
CA THR C 574 -3.23 -16.57 17.99
C THR C 574 -2.59 -16.33 19.35
N GLY C 575 -2.69 -15.11 19.87
CA GLY C 575 -1.86 -14.75 21.02
C GLY C 575 -0.34 -14.89 20.79
N LEU C 576 0.12 -14.83 19.54
CA LEU C 576 1.55 -15.07 19.24
C LEU C 576 2.19 -13.78 18.76
N GLU C 577 3.11 -13.23 19.57
CA GLU C 577 3.65 -11.93 19.20
C GLU C 577 4.92 -12.05 18.35
N HIS C 578 5.42 -10.89 17.90
CA HIS C 578 6.59 -10.81 17.01
C HIS C 578 7.76 -11.62 17.53
N ASP C 579 8.07 -11.47 18.82
CA ASP C 579 9.24 -12.17 19.34
C ASP C 579 9.03 -13.65 19.66
N GLY C 580 7.85 -14.18 19.34
CA GLY C 580 7.58 -15.60 19.54
C GLY C 580 6.95 -15.93 20.88
N THR C 581 6.72 -14.92 21.72
CA THR C 581 6.06 -15.17 23.01
C THR C 581 4.62 -15.56 22.76
N GLN C 582 4.20 -16.68 23.34
CA GLN C 582 2.83 -17.16 23.14
C GLN C 582 2.02 -16.91 24.41
N GLN C 583 0.92 -16.19 24.29
CA GLN C 583 0.09 -15.91 25.46
C GLN C 583 -0.65 -17.17 25.90
N SER C 584 -0.80 -17.34 27.22
CA SER C 584 -1.67 -18.41 27.73
C SER C 584 -3.13 -18.14 27.45
N ALA C 585 -3.55 -16.89 27.62
CA ALA C 585 -4.94 -16.52 27.38
C ALA C 585 -5.03 -15.81 26.03
N VAL C 586 -5.84 -16.37 25.13
CA VAL C 586 -6.09 -15.74 23.82
C VAL C 586 -7.51 -15.19 23.85
N ARG C 587 -7.68 -13.94 23.38
CA ARG C 587 -8.88 -13.15 23.69
CA ARG C 587 -8.88 -13.17 23.69
C ARG C 587 -9.60 -12.59 22.49
N VAL C 588 -10.92 -12.77 22.49
CA VAL C 588 -11.82 -12.07 21.58
C VAL C 588 -12.76 -11.30 22.50
N LYS C 589 -12.88 -10.00 22.32
CA LYS C 589 -13.69 -9.15 23.17
CA LYS C 589 -13.77 -9.26 23.16
C LYS C 589 -14.71 -8.39 22.35
N LEU C 590 -15.90 -8.19 22.89
CA LEU C 590 -16.95 -7.45 22.14
C LEU C 590 -17.35 -6.22 22.94
N ASP C 591 -17.40 -5.08 22.24
CA ASP C 591 -17.90 -3.84 22.88
C ASP C 591 -19.42 -3.81 22.78
N GLY C 592 -20.01 -2.61 22.84
CA GLY C 592 -21.45 -2.49 22.83
C GLY C 592 -22.07 -2.62 24.23
N ASP C 593 -23.37 -2.43 24.29
CA ASP C 593 -24.13 -2.72 25.49
C ASP C 593 -24.27 -4.24 25.62
N TYR C 594 -24.50 -4.94 24.50
CA TYR C 594 -24.46 -6.40 24.52
C TYR C 594 -23.75 -6.91 23.27
N GLY C 595 -23.15 -8.08 23.39
CA GLY C 595 -22.38 -8.64 22.28
C GLY C 595 -23.17 -9.82 21.73
N VAL C 596 -23.19 -9.94 20.42
CA VAL C 596 -23.98 -11.00 19.76
C VAL C 596 -23.01 -11.85 18.93
N ILE C 597 -23.01 -13.16 19.14
CA ILE C 597 -22.29 -14.06 18.24
C ILE C 597 -23.39 -14.94 17.64
N ALA C 598 -23.57 -14.82 16.34
CA ALA C 598 -24.78 -15.41 15.74
C ALA C 598 -24.50 -16.17 14.44
N LYS C 599 -25.49 -16.96 14.03
CA LYS C 599 -25.33 -17.84 12.87
C LYS C 599 -26.31 -17.34 11.77
N ASN C 600 -25.76 -16.83 10.67
CA ASN C 600 -26.59 -16.40 9.57
C ASN C 600 -27.35 -17.58 8.97
N ILE C 601 -28.43 -17.28 8.26
CA ILE C 601 -29.14 -18.34 7.54
C ILE C 601 -28.22 -18.94 6.49
N PRO C 602 -28.03 -20.27 6.54
CA PRO C 602 -27.16 -20.88 5.51
C PRO C 602 -27.67 -20.67 4.08
N ILE C 603 -26.75 -20.49 3.14
CA ILE C 603 -27.12 -20.40 1.72
CA ILE C 603 -27.11 -20.39 1.71
C ILE C 603 -27.26 -21.78 1.09
N LYS C 604 -26.40 -22.73 1.49
CA LYS C 604 -26.44 -24.06 0.86
C LYS C 604 -27.54 -24.94 1.45
N ASN C 605 -27.47 -25.15 2.76
CA ASN C 605 -28.33 -26.08 3.46
C ASN C 605 -28.89 -25.44 4.76
N PRO C 606 -29.93 -24.61 4.62
CA PRO C 606 -30.55 -23.88 5.75
C PRO C 606 -30.97 -24.80 6.88
N SER C 607 -31.30 -26.05 6.57
CA SER C 607 -31.74 -26.95 7.63
C SER C 607 -30.64 -27.46 8.56
N GLU C 608 -29.40 -27.08 8.28
CA GLU C 608 -28.28 -27.36 9.21
C GLU C 608 -28.05 -26.23 10.22
N GLN C 609 -28.72 -25.09 10.06
CA GLN C 609 -28.34 -23.86 10.77
C GLN C 609 -28.12 -24.06 12.27
N ARG C 610 -26.88 -23.82 12.71
CA ARG C 610 -26.60 -23.88 14.15
C ARG C 610 -25.22 -23.30 14.40
N LEU C 611 -25.02 -22.91 15.66
CA LEU C 611 -23.72 -22.43 16.16
C LEU C 611 -23.17 -23.50 17.08
N ILE C 612 -21.91 -23.89 16.89
CA ILE C 612 -21.27 -24.90 17.74
C ILE C 612 -20.07 -24.27 18.45
N LEU C 613 -20.13 -24.27 19.78
CA LEU C 613 -19.02 -23.79 20.60
CA LEU C 613 -19.03 -23.79 20.62
C LEU C 613 -18.29 -25.02 21.12
N CYS C 614 -16.97 -25.04 20.97
CA CYS C 614 -16.21 -26.28 21.23
C CYS C 614 -15.07 -26.05 22.16
N GLY C 615 -14.94 -26.94 23.15
CA GLY C 615 -13.83 -26.84 24.09
C GLY C 615 -12.53 -27.42 23.52
N GLY C 616 -12.67 -28.16 22.42
CA GLY C 616 -11.53 -28.76 21.73
C GLY C 616 -11.39 -28.30 20.28
N GLU C 617 -10.56 -28.98 19.49
CA GLU C 617 -10.12 -28.36 18.25
C GLU C 617 -11.13 -28.51 17.10
N THR C 618 -12.06 -29.45 17.24
CA THR C 618 -13.07 -29.70 16.20
C THR C 618 -14.42 -29.95 16.88
N PRO C 619 -15.52 -29.86 16.13
CA PRO C 619 -16.86 -29.96 16.72
C PRO C 619 -17.33 -31.41 16.85
N TYR C 620 -16.48 -32.22 17.48
CA TYR C 620 -16.76 -33.63 17.76
C TYR C 620 -16.39 -33.91 19.19
N THR C 621 -17.15 -34.75 19.86
CA THR C 621 -16.97 -34.95 21.29
C THR C 621 -15.68 -35.69 21.63
N THR C 622 -15.07 -36.35 20.64
CA THR C 622 -13.75 -36.93 20.88
C THR C 622 -12.68 -35.87 21.13
N ASP C 623 -12.96 -34.62 20.71
CA ASP C 623 -12.00 -33.51 20.89
C ASP C 623 -12.31 -32.59 22.04
N GLY C 624 -13.53 -32.64 22.57
CA GLY C 624 -13.89 -31.75 23.66
C GLY C 624 -15.38 -31.67 23.86
N SER C 625 -15.81 -31.05 24.94
CA SER C 625 -17.23 -30.77 25.13
C SER C 625 -17.68 -29.73 24.10
N LEU C 626 -18.97 -29.72 23.81
CA LEU C 626 -19.55 -28.83 22.77
C LEU C 626 -20.86 -28.31 23.27
N LEU C 627 -21.24 -27.08 22.89
CA LEU C 627 -22.63 -26.63 23.03
C LEU C 627 -23.12 -26.31 21.62
N GLN C 628 -24.23 -26.93 21.20
CA GLN C 628 -24.82 -26.63 19.89
C GLN C 628 -26.12 -25.87 20.11
N LEU C 629 -26.23 -24.70 19.49
CA LEU C 629 -27.45 -23.91 19.54
C LEU C 629 -28.04 -23.97 18.14
N TYR C 630 -29.20 -24.59 17.98
CA TYR C 630 -29.83 -24.66 16.66
C TYR C 630 -30.66 -23.42 16.32
N GLY C 631 -30.61 -23.04 15.05
CA GLY C 631 -31.40 -21.93 14.53
C GLY C 631 -32.83 -22.31 14.21
N SER C 632 -33.60 -21.29 13.88
CA SER C 632 -35.02 -21.52 13.53
C SER C 632 -35.21 -22.27 12.23
N ASN C 633 -34.16 -22.30 11.39
CA ASN C 633 -34.26 -22.97 10.09
C ASN C 633 -33.85 -24.42 10.18
N HIS C 634 -33.35 -24.84 11.34
CA HIS C 634 -32.88 -26.23 11.51
C HIS C 634 -34.07 -27.21 11.37
N THR C 635 -33.80 -28.40 10.83
CA THR C 635 -34.79 -29.47 10.87
C THR C 635 -35.45 -29.67 12.24
N TYR C 636 -34.68 -29.49 13.31
CA TYR C 636 -35.23 -29.47 14.66
C TYR C 636 -35.05 -28.04 15.20
N PRO C 637 -35.99 -27.14 14.88
CA PRO C 637 -35.71 -25.71 15.11
C PRO C 637 -35.56 -25.38 16.58
N ASN C 638 -34.60 -24.51 16.87
CA ASN C 638 -34.53 -23.84 18.18
C ASN C 638 -34.19 -24.74 19.35
N ARG C 639 -33.60 -25.91 19.09
CA ARG C 639 -33.07 -26.77 20.14
C ARG C 639 -31.72 -26.26 20.62
N ALA C 640 -31.38 -26.59 21.86
CA ALA C 640 -30.01 -26.44 22.35
C ALA C 640 -29.59 -27.80 22.87
N ILE C 641 -28.37 -28.22 22.50
CA ILE C 641 -27.86 -29.49 23.00
C ILE C 641 -26.44 -29.34 23.53
N LEU C 642 -26.25 -29.78 24.78
CA LEU C 642 -24.94 -29.74 25.44
C LEU C 642 -24.33 -31.12 25.43
N TYR C 643 -23.08 -31.21 24.95
CA TYR C 643 -22.33 -32.45 24.87
C TYR C 643 -21.14 -32.36 25.81
N ALA C 644 -21.07 -33.25 26.81
CA ALA C 644 -20.00 -33.13 27.80
C ALA C 644 -19.64 -34.52 28.30
N PRO C 645 -18.82 -35.25 27.54
CA PRO C 645 -18.51 -36.62 27.95
C PRO C 645 -17.98 -36.72 29.39
N GLY C 646 -17.26 -35.69 29.83
CA GLY C 646 -16.70 -35.68 31.16
C GLY C 646 -17.67 -35.25 32.25
N GLY C 647 -18.92 -34.99 31.87
CA GLY C 647 -19.92 -34.52 32.81
C GLY C 647 -20.22 -33.04 32.57
N ALA C 648 -21.50 -32.67 32.72
CA ALA C 648 -21.97 -31.28 32.66
C ALA C 648 -22.28 -30.82 34.07
N TYR C 649 -21.72 -29.68 34.45
CA TYR C 649 -21.84 -29.23 35.81
C TYR C 649 -22.34 -27.80 35.90
N THR C 650 -23.12 -27.54 36.93
CA THR C 650 -23.49 -26.16 37.25
C THR C 650 -22.97 -25.79 38.64
N GLN C 651 -22.24 -24.69 38.73
CA GLN C 651 -21.77 -24.25 40.05
C GLN C 651 -22.90 -23.68 40.89
N ASN C 652 -23.92 -23.14 40.25
CA ASN C 652 -24.96 -22.40 40.95
C ASN C 652 -26.33 -22.99 40.82
N ASN C 653 -27.27 -22.50 41.64
CA ASN C 653 -28.64 -22.97 41.59
C ASN C 653 -29.14 -22.90 40.18
N PHE C 654 -29.82 -23.97 39.78
CA PHE C 654 -30.22 -24.14 38.38
C PHE C 654 -31.73 -24.29 38.36
N MET C 655 -32.41 -23.38 37.67
CA MET C 655 -33.86 -23.25 37.81
C MET C 655 -34.56 -22.99 36.50
N PRO C 656 -35.84 -23.33 36.41
CA PRO C 656 -36.62 -22.81 35.27
C PRO C 656 -36.91 -21.32 35.47
N TYR C 657 -37.00 -20.58 34.38
CA TYR C 657 -37.23 -19.15 34.50
C TYR C 657 -38.65 -18.88 35.03
N LEU C 658 -39.64 -19.54 34.43
CA LEU C 658 -41.03 -19.45 34.93
C LEU C 658 -41.28 -20.50 36.02
N ASP C 659 -42.22 -20.21 36.92
CA ASP C 659 -42.57 -21.10 38.01
C ASP C 659 -43.73 -22.02 37.56
N GLY C 660 -43.57 -23.32 37.80
CA GLY C 660 -44.67 -24.26 37.60
C GLY C 660 -45.01 -24.62 36.15
N GLN C 661 -44.15 -24.27 35.21
CA GLN C 661 -44.49 -24.42 33.80
C GLN C 661 -43.52 -25.23 32.98
N VAL C 662 -42.29 -25.43 33.47
CA VAL C 662 -41.21 -26.02 32.69
C VAL C 662 -40.90 -27.43 33.22
N SER C 663 -40.86 -28.44 32.35
CA SER C 663 -40.57 -29.78 32.85
CA SER C 663 -40.57 -29.82 32.75
C SER C 663 -39.08 -30.08 32.91
N LEU C 664 -38.74 -30.97 33.84
CA LEU C 664 -37.37 -31.42 34.07
C LEU C 664 -37.40 -32.88 33.65
N GLY C 665 -36.79 -33.17 32.50
CA GLY C 665 -37.04 -34.45 31.82
C GLY C 665 -38.36 -34.35 31.06
N GLY C 666 -38.75 -35.44 30.40
CA GLY C 666 -40.04 -35.55 29.75
C GLY C 666 -40.41 -37.02 29.63
N ALA C 667 -41.61 -37.30 29.12
CA ALA C 667 -42.13 -38.66 29.13
C ALA C 667 -41.26 -39.61 28.33
N SER C 668 -40.61 -39.13 27.28
CA SER C 668 -39.69 -40.00 26.53
C SER C 668 -38.24 -39.54 26.64
N ASN C 669 -38.00 -38.70 27.65
CA ASN C 669 -36.65 -38.22 27.97
C ASN C 669 -36.49 -38.22 29.49
N ARG C 670 -36.49 -39.42 30.07
CA ARG C 670 -36.44 -39.54 31.51
C ARG C 670 -34.98 -39.59 31.96
N TRP C 671 -34.65 -38.84 33.00
CA TRP C 671 -33.35 -39.01 33.64
C TRP C 671 -33.29 -40.42 34.21
N SER C 672 -32.10 -41.04 34.24
CA SER C 672 -32.03 -42.41 34.74
C SER C 672 -32.39 -42.45 36.22
N GLU C 673 -31.91 -41.44 36.95
CA GLU C 673 -32.06 -41.39 38.40
C GLU C 673 -31.71 -39.96 38.85
N VAL C 674 -32.35 -39.53 39.94
CA VAL C 674 -32.14 -38.19 40.50
C VAL C 674 -31.44 -38.32 41.85
N TYR C 675 -30.39 -37.54 42.06
CA TYR C 675 -29.63 -37.61 43.29
C TYR C 675 -29.69 -36.29 44.01
N ALA C 676 -30.17 -36.33 45.26
CA ALA C 676 -30.30 -35.13 46.07
C ALA C 676 -30.12 -35.47 47.54
N SER C 677 -29.70 -34.49 48.33
CA SER C 677 -29.44 -34.69 49.77
C SER C 677 -30.69 -35.06 50.53
N THR C 678 -31.82 -34.48 50.12
CA THR C 678 -33.13 -34.87 50.65
C THR C 678 -33.93 -35.50 49.54
N GLY C 679 -34.62 -36.59 49.88
CA GLY C 679 -35.37 -37.34 48.91
C GLY C 679 -36.79 -36.87 48.73
N THR C 680 -37.16 -35.84 49.46
CA THR C 680 -38.50 -35.25 49.36
C THR C 680 -38.44 -34.04 48.46
N ILE C 681 -39.22 -34.06 47.39
CA ILE C 681 -39.33 -32.88 46.54
C ILE C 681 -40.05 -31.74 47.27
N ASN C 682 -39.52 -30.54 47.15
CA ASN C 682 -40.11 -29.40 47.82
C ASN C 682 -41.13 -28.78 46.87
N THR C 683 -42.39 -28.74 47.29
CA THR C 683 -43.43 -28.29 46.36
C THR C 683 -43.71 -26.80 46.49
C1 SLB D . -40.14 15.27 -3.94
C2 SLB D . -39.90 15.96 -2.61
C3 SLB D . -40.70 17.24 -2.43
C4 SLB D . -40.40 17.90 -1.16
C5 SLB D . -38.95 18.20 -0.96
C6 SLB D . -37.99 17.09 -1.38
C7 SLB D . -36.71 17.70 -1.86
C8 SLB D . -35.87 16.54 -2.23
C9 SLB D . -34.46 16.99 -2.53
C10 SLB D . -37.93 19.73 0.71
C11 SLB D . -37.62 20.14 2.16
N5 SLB D . -38.69 18.53 0.43
O1A SLB D . -39.66 15.79 -4.98
O1B SLB D . -40.80 14.20 -3.95
O2 SLB D . -40.32 14.93 -1.72
O4 SLB D . -41.20 19.11 -1.01
O6 SLB D . -38.40 16.16 -2.41
O7 SLB D . -36.93 18.49 -3.02
O8 SLB D . -35.89 15.60 -1.17
O9 SLB D . -33.75 15.84 -2.94
O10 SLB D . -37.54 20.42 -0.22
C1 SIA D . -33.00 16.64 -5.08
C2 SIA D . -32.60 15.98 -3.76
C3 SIA D . -31.93 14.61 -3.98
C4 SIA D . -30.50 14.74 -4.49
C5 SIA D . -29.68 15.74 -3.64
C6 SIA D . -30.43 17.06 -3.51
C7 SIA D . -29.73 18.00 -2.52
C8 SIA D . -30.36 19.39 -2.43
C9 SIA D . -30.89 19.91 -3.76
C10 SIA D . -27.22 15.59 -3.73
C11 SIA D . -26.00 15.82 -4.58
N5 SIA D . -28.38 15.90 -4.30
O1A SIA D . -33.63 15.93 -5.88
O1B SIA D . -32.72 17.84 -5.33
O4 SIA D . -29.86 13.43 -4.44
O6 SIA D . -31.76 16.88 -3.01
O7 SIA D . -29.86 17.38 -1.23
O8 SIA D . -31.46 19.33 -1.52
O9 SIA D . -32.33 19.90 -3.79
O10 SIA D . -27.15 15.15 -2.58
C1 SLB E . 3.27 -41.09 -11.90
C2 SLB E . 1.86 -40.55 -11.97
C3 SLB E . 0.82 -41.66 -12.11
C4 SLB E . -0.42 -41.38 -12.86
C5 SLB E . -0.33 -40.38 -13.98
C6 SLB E . 0.46 -39.19 -13.50
C7 SLB E . 0.48 -38.05 -14.48
C8 SLB E . 0.83 -36.90 -13.59
C9 SLB E . 1.78 -35.91 -14.23
C10 SLB E . -1.94 -39.76 -15.78
C11 SLB E . -3.33 -39.30 -16.25
N5 SLB E . -1.67 -39.95 -14.37
O1A SLB E . 4.09 -40.76 -12.81
O1B SLB E . 3.57 -41.84 -10.93
O2 SLB E . 1.80 -39.88 -10.71
O4 SLB E . -1.04 -42.62 -13.31
O6 SLB E . 1.81 -39.50 -13.08
O7 SLB E . 1.47 -38.25 -15.50
O8 SLB E . -0.35 -36.27 -13.14
O9 SLB E . 2.06 -34.97 -13.21
O10 SLB E . -1.06 -39.97 -16.61
C1 SIA E . 3.98 -34.25 -14.30
C2 SIA E . 2.75 -33.75 -13.53
C3 SIA E . 3.17 -32.99 -12.27
C4 SIA E . 3.59 -31.56 -12.59
C5 SIA E . 2.61 -30.84 -13.54
C6 SIA E . 2.23 -31.67 -14.78
C7 SIA E . 1.09 -30.98 -15.55
C8 SIA E . 0.88 -31.39 -17.03
C9 SIA E . 1.12 -32.86 -17.29
C10 SIA E . 2.65 -28.42 -13.81
C11 SIA E . 3.41 -27.24 -14.35
N5 SIA E . 3.22 -29.61 -14.01
O1A SIA E . 4.84 -34.89 -13.65
O1B SIA E . 4.11 -34.01 -15.53
O4 SIA E . 3.71 -30.82 -11.36
O6 SIA E . 1.86 -33.00 -14.40
O7 SIA E . -0.12 -31.17 -14.80
O8 SIA E . -0.45 -31.10 -17.50
O9 SIA E . 2.48 -33.03 -17.71
O10 SIA E . 1.57 -28.33 -13.23
C1 SLB F . 16.49 6.34 39.11
C2 SLB F . 16.95 4.88 39.05
C3 SLB F . 18.22 4.64 39.84
C4 SLB F . 18.73 3.29 39.63
C5 SLB F . 19.13 3.07 38.20
C6 SLB F . 18.08 3.49 37.19
C7 SLB F . 18.70 3.94 35.90
C8 SLB F . 17.56 4.31 34.99
C9 SLB F . 17.99 4.23 33.54
C10 SLB F . 20.78 1.33 37.51
C11 SLB F . 21.17 -0.13 37.26
N5 SLB F . 19.47 1.67 37.98
O1A SLB F . 17.23 7.23 38.62
O1B SLB F . 15.38 6.61 39.67
O2 SLB F . 15.84 4.21 39.63
O4 SLB F . 19.88 3.04 40.50
O6 SLB F . 17.03 4.43 37.60
O7 SLB F . 19.56 5.06 36.10
O8 SLB F . 16.50 3.39 35.23
O9 SLB F . 16.90 4.68 32.77
O10 SLB F . 21.61 2.22 37.30
C1 SIA F . 17.79 6.72 32.01
C2 SIA F . 17.02 5.44 31.75
C3 SIA F . 15.68 5.73 31.05
C4 SIA F . 15.85 6.08 29.59
C5 SIA F . 16.76 5.10 28.84
C6 SIA F . 18.06 4.91 29.61
C7 SIA F . 18.98 3.83 29.07
C8 SIA F . 20.27 3.76 29.91
C9 SIA F . 21.46 3.34 29.08
C10 SIA F . 16.64 5.03 26.38
C11 SIA F . 16.96 5.74 25.09
N5 SIA F . 17.01 5.65 27.51
O1A SIA F . 17.20 7.62 32.63
O1B SIA F . 18.98 6.90 31.62
O4 SIA F . 14.55 6.17 28.95
O6 SIA F . 17.81 4.53 30.97
O7 SIA F . 18.25 2.59 29.13
O8 SIA F . 20.63 5.04 30.48
O9 SIA F . 21.05 2.20 28.31
O10 SIA F . 16.08 3.92 26.39
C1 GLC G . -28.31 -17.27 -17.91
C2 GLC G . -29.25 -18.16 -18.78
C3 GLC G . -29.32 -17.66 -20.22
C4 GLC G . -29.58 -16.20 -20.29
C5 GLC G . -28.68 -15.43 -19.35
C6 GLC G . -29.05 -13.93 -19.31
O2 GLC G . -28.80 -19.51 -18.73
O3 GLC G . -30.39 -18.33 -20.93
O4 GLC G . -29.47 -15.75 -21.64
O5 GLC G . -28.78 -15.95 -18.03
O6 GLC G . -30.43 -13.77 -19.02
C1 FRU G . -26.15 -18.97 -16.91
C2 FRU G . -25.90 -17.56 -17.22
C3 FRU G . -24.83 -17.09 -18.05
C4 FRU G . -24.88 -15.61 -17.89
C5 FRU G . -25.39 -15.49 -16.47
C6 FRU G . -25.97 -14.13 -16.10
O1 FRU G . -25.21 -19.15 -15.86
O2 FRU G . -26.94 -17.44 -18.29
O3 FRU G . -24.75 -17.58 -19.42
O4 FRU G . -23.55 -15.04 -18.06
O5 FRU G . -26.38 -16.53 -16.31
O6 FRU G . -27.19 -13.95 -16.74
C1 GLC H . 20.66 -26.63 17.20
C2 GLC H . 21.65 -27.44 18.08
C3 GLC H . 23.04 -27.44 17.47
C4 GLC H . 22.99 -27.88 16.05
C5 GLC H . 21.95 -27.10 15.27
C6 GLC H . 21.86 -27.62 13.82
O2 GLC H . 21.79 -26.94 19.38
O3 GLC H . 23.85 -28.31 18.27
O4 GLC H . 24.30 -27.76 15.47
O5 GLC H . 20.66 -27.18 15.88
O6 GLC H . 21.47 -28.99 13.81
C1 FRU H . 19.81 -24.36 18.87
C2 FRU H . 19.94 -24.20 17.42
C3 FRU H . 20.69 -23.13 16.75
C4 FRU H . 20.33 -23.29 15.33
C5 FRU H . 18.91 -23.78 15.42
C6 FRU H . 18.43 -24.46 14.15
O1 FRU H . 18.76 -23.45 19.17
O2 FRU H . 21.00 -25.26 17.25
O3 FRU H . 22.10 -22.98 17.06
O4 FRU H . 20.44 -22.02 14.66
O5 FRU H . 18.93 -24.74 16.53
O6 FRU H . 19.00 -25.73 14.04
C1 GLC I . -15.11 21.99 26.52
C2 GLC I . -15.91 23.01 27.37
C3 GLC I . -15.30 24.40 27.24
C4 GLC I . -13.85 24.36 27.56
C5 GLC I . -13.14 23.26 26.82
C6 GLC I . -11.64 23.16 27.19
O2 GLC I . -17.27 23.05 26.97
O3 GLC I . -15.97 25.32 28.11
O4 GLC I . -13.27 25.62 27.24
O5 GLC I . -13.76 21.98 26.96
O6 GLC I . -11.38 22.88 28.58
C1 FRU I . -16.94 20.92 24.53
C2 FRU I . -15.51 21.05 24.22
C3 FRU I . -15.02 21.69 23.04
C4 FRU I . -13.57 21.45 23.13
C5 FRU I . -13.56 20.06 23.73
C6 FRU I . -12.23 19.55 24.30
O1 FRU I . -17.23 19.80 23.73
O2 FRU I . -15.23 22.22 25.12
O3 FRU I . -15.46 23.06 22.82
O4 FRU I . -13.01 21.49 21.80
O5 FRU I . -14.53 20.15 24.81
O6 FRU I . -11.86 20.32 25.41
C1 EDO J . -11.63 4.82 -33.15
O1 EDO J . -11.64 4.93 -31.72
C2 EDO J . -12.87 4.07 -33.64
O2 EDO J . -13.34 3.13 -32.65
C1 EDO K . -31.23 4.91 -27.53
O1 EDO K . -31.31 5.60 -28.79
C2 EDO K . -31.51 5.87 -26.38
O2 EDO K . -30.63 7.01 -26.38
C1 EDO L . -11.28 6.66 -27.31
O1 EDO L . -11.71 5.37 -26.89
C2 EDO L . -10.35 6.61 -28.51
O2 EDO L . -9.27 5.73 -28.25
C1 EDO M . -8.17 -20.75 1.35
O1 EDO M . -9.04 -20.08 0.41
C2 EDO M . -7.92 -19.83 2.54
O2 EDO M . -6.63 -19.20 2.46
C1 EDO N . 4.90 -8.47 -48.43
O1 EDO N . 5.94 -9.47 -48.44
C2 EDO N . 5.45 -7.07 -48.24
O2 EDO N . 6.47 -6.75 -49.20
C1 EDO O . 2.58 -18.27 -29.89
O1 EDO O . 2.28 -19.44 -29.14
C2 EDO O . 2.53 -17.11 -28.91
O2 EDO O . 3.48 -17.36 -27.89
C1 EDO P . -6.32 -15.55 -22.62
O1 EDO P . -6.94 -16.17 -23.74
C2 EDO P . -6.05 -16.63 -21.59
O2 EDO P . -5.41 -17.69 -22.31
C1 EDO Q . -8.96 -18.26 33.50
O1 EDO Q . -10.13 -18.07 34.31
C2 EDO Q . -7.75 -17.64 34.19
O2 EDO Q . -7.61 -18.22 35.49
C1 EDO R . -12.05 12.46 -23.82
O1 EDO R . -13.11 12.05 -22.96
C2 EDO R . -11.16 13.51 -23.18
O2 EDO R . -10.65 14.35 -24.20
C1 EDO S . -7.29 -19.30 -28.19
O1 EDO S . -8.20 -20.41 -28.17
C2 EDO S . -6.40 -19.43 -26.96
O2 EDO S . -6.67 -20.69 -26.36
C1 EDO T . 15.30 18.65 -33.09
O1 EDO T . 16.17 18.95 -34.19
C2 EDO T . 15.96 17.64 -32.16
O2 EDO T . 15.09 16.52 -31.98
C1 EDO U . 15.39 19.72 -38.13
O1 EDO U . 16.69 19.97 -37.58
C2 EDO U . 14.38 19.46 -37.02
O2 EDO U . 14.64 18.21 -36.37
C1 EDO V . -25.24 -11.35 -14.15
O1 EDO V . -26.26 -10.34 -14.04
C2 EDO V . -23.97 -10.68 -14.64
O2 EDO V . -22.99 -10.81 -13.60
C1 EDO W . -7.49 2.63 -51.95
O1 EDO W . -6.62 3.34 -52.84
C2 EDO W . -6.85 1.28 -51.69
O2 EDO W . -6.56 0.68 -52.98
C1 EDO X . -31.14 3.87 -31.28
O1 EDO X . -32.41 4.34 -30.81
C2 EDO X . -31.30 2.55 -32.04
O2 EDO X . -32.61 2.48 -32.61
C1 EDO Y . -26.47 -4.29 -9.80
O1 EDO Y . -27.71 -4.67 -9.19
C2 EDO Y . -26.59 -4.51 -11.30
O2 EDO Y . -26.09 -5.81 -11.68
MG MG Z . -10.81 -1.91 30.27
CL CL AA . 2.61 -17.49 -25.16
CL CL BA . -34.84 -36.71 22.15
CA CA CA . 1.39 -9.88 -11.71
CA CA DA . -16.53 -10.38 -49.19
NA NA EA . -19.89 -6.98 -52.44
NA NA FA . -9.21 1.52 -28.24
NA NA GA . 3.56 -22.64 -40.91
NA NA HA . 9.30 -12.25 -2.13
NA NA IA . -9.25 10.16 15.94
C1 EDO JA . -0.10 -6.51 20.87
O1 EDO JA . -0.30 -5.59 19.77
C2 EDO JA . 0.83 -7.70 20.55
O2 EDO JA . 2.21 -7.28 20.59
C1 EDO KA . 30.74 4.49 13.54
O1 EDO KA . 29.56 5.20 13.89
C2 EDO KA . 31.63 4.16 14.73
O2 EDO KA . 30.84 4.13 15.92
C1 EDO LA . 44.33 6.72 -8.12
O1 EDO LA . 43.54 5.76 -8.82
C2 EDO LA . 45.61 6.05 -7.61
O2 EDO LA . 46.35 5.52 -8.72
C1 EDO MA . 26.45 -31.54 -6.33
O1 EDO MA . 26.27 -30.81 -7.57
C2 EDO MA . 27.71 -31.04 -5.57
O2 EDO MA . 28.86 -31.26 -6.39
C1 EDO NA . 32.84 -12.42 -6.78
O1 EDO NA . 32.05 -11.43 -7.51
C2 EDO NA . 32.06 -13.00 -5.57
O2 EDO NA . 31.81 -14.42 -5.67
C1 EDO OA . 40.41 -2.03 21.15
O1 EDO OA . 40.50 -1.20 19.99
C2 EDO OA . 40.55 -3.48 20.71
O2 EDO OA . 41.46 -3.53 19.59
C1 EDO PA . 23.77 -4.09 14.64
O1 EDO PA . 24.64 -3.21 15.33
C2 EDO PA . 24.46 -4.52 13.38
O2 EDO PA . 25.62 -5.24 13.79
C1 EDO QA . -32.22 -9.14 22.44
O1 EDO QA . -31.89 -7.75 22.56
C2 EDO QA . -31.49 -9.99 23.49
O2 EDO QA . -31.77 -9.74 24.89
C1 EDO RA . 19.22 10.49 -18.39
O1 EDO RA . 19.39 9.34 -17.56
C2 EDO RA . 18.29 11.47 -17.69
O2 EDO RA . 18.07 12.62 -18.53
C1 EDO SA . -21.81 -22.51 -3.19
O1 EDO SA . -23.09 -22.22 -2.63
C2 EDO SA . -21.32 -23.83 -2.62
O2 EDO SA . -19.93 -24.05 -2.87
C1 EDO TA . -23.52 6.86 29.01
O1 EDO TA . -24.85 6.78 28.48
C2 EDO TA . -23.54 6.38 30.46
O2 EDO TA . -22.39 5.58 30.73
C1 EDO UA . 10.93 -26.08 5.50
O1 EDO UA . 10.73 -27.32 6.19
C2 EDO UA . 12.42 -25.90 5.32
O2 EDO UA . 13.01 -25.41 6.53
C1 EDO VA . 6.06 -37.79 -16.74
O1 EDO VA . 5.58 -37.66 -18.09
C2 EDO VA . 4.95 -38.06 -15.72
O2 EDO VA . 5.24 -39.27 -15.01
MG MG WA . 16.32 -22.72 10.73
CL CL XA . 26.78 4.42 14.30
CA CA YA . 12.58 2.27 8.32
CA CA ZA . 50.59 -14.68 5.83
NA NA AB . 31.84 -8.35 19.54
C1 EDO BB . -19.58 1.03 9.65
O1 EDO BB . -19.86 2.34 9.13
C2 EDO BB . -20.02 -0.08 8.70
O2 EDO BB . -19.09 -0.33 7.61
C1 EDO CB . -16.31 30.46 -5.08
O1 EDO CB . -17.21 30.26 -6.16
C2 EDO CB . -14.93 29.92 -5.48
O2 EDO CB . -15.08 28.67 -6.18
C1 EDO DB . 7.81 29.80 28.28
O1 EDO DB . 8.54 31.04 28.28
C2 EDO DB . 8.71 28.63 28.72
O2 EDO DB . 9.83 28.47 27.83
C1 EDO EB . -14.63 23.43 4.02
O1 EDO EB . -15.75 24.02 3.29
C2 EDO EB . -13.45 24.41 3.99
O2 EDO EB . -13.92 25.60 4.60
C1 EDO FB . 7.07 33.54 9.05
O1 EDO FB . 7.63 32.62 8.09
C2 EDO FB . 5.93 32.86 9.81
O2 EDO FB . 6.13 32.87 11.23
C1 EDO GB . 9.06 28.64 7.21
O1 EDO GB . 8.11 28.33 6.20
C2 EDO GB . 9.07 27.54 8.28
O2 EDO GB . 7.78 27.31 8.87
C1 EDO HB . -21.22 -31.81 14.50
O1 EDO HB . -22.62 -31.39 14.52
C2 EDO HB . -20.36 -31.26 13.36
O2 EDO HB . -20.52 -32.07 12.17
C1 EDO IB . 2.78 9.68 12.18
O1 EDO IB . 3.18 10.29 10.92
C2 EDO IB . 3.37 10.40 13.41
O2 EDO IB . 3.11 11.83 13.36
C1 EDO JB . -20.74 20.51 -0.09
O1 EDO JB . -21.14 21.67 0.63
C2 EDO JB . -21.97 19.67 -0.41
O2 EDO JB . -22.86 19.65 0.71
C1 EDO KB . -16.65 37.61 -19.77
O1 EDO KB . -16.28 36.90 -20.97
C2 EDO KB . -16.67 39.09 -20.08
O2 EDO KB . -15.35 39.65 -19.98
C1 EDO LB . 5.98 34.60 27.58
O1 EDO LB . 5.69 35.08 28.90
C2 EDO LB . 7.27 33.80 27.61
O2 EDO LB . 7.47 33.21 28.91
C1 EDO MB . -10.04 42.93 -16.26
O1 EDO MB . -10.68 43.56 -17.38
C2 EDO MB . -10.56 43.52 -14.95
O2 EDO MB . -10.05 44.85 -14.76
C1 EDO NB . 2.79 41.15 -18.39
O1 EDO NB . 3.83 40.48 -19.10
C2 EDO NB . 3.34 42.34 -17.61
O2 EDO NB . 4.52 41.93 -16.92
C1 EDO OB . -6.01 33.96 -29.03
O1 EDO OB . -5.99 35.09 -28.14
C2 EDO OB . -4.63 33.79 -29.65
O2 EDO OB . -4.46 32.44 -30.13
CL CL PB . -15.39 26.02 -5.01
CA CA QB . -8.91 12.12 -2.48
CA CA RB . -5.77 51.51 11.11
NA NA SB . -7.26 19.05 -2.55
NA NA TB . -4.21 38.40 -13.24
NA NA UB . 7.15 -9.21 20.49
NA NA VB . 4.04 26.80 37.32
NA NA WB . 7.39 28.31 11.41
NA NA XB . 8.12 0.59 -6.47
#